data_9F5N
#
_entry.id   9F5N
#
_cell.length_a   1.00
_cell.length_b   1.00
_cell.length_c   1.00
_cell.angle_alpha   90.00
_cell.angle_beta   90.00
_cell.angle_gamma   90.00
#
_symmetry.space_group_name_H-M   'P 1'
#
loop_
_entity.id
_entity.type
_entity.pdbx_description
1 polymer 'Cys-loop ligand-gated ion channel'
2 non-polymer DODECYL-BETA-D-MALTOSIDE
#
_entity_poly.entity_id   1
_entity_poly.type   'polypeptide(L)'
_entity_poly.pdbx_seq_one_letter_code
;MASLAAEPSDVFIGLKIDQITGINQKEENFSVVGSLRIDWRQPLLAFEHAPGEPKHRTYTLATFLKLLEEKQIRWPAFTY
HNQQGRMDFQNRLISLSEDGTVMYLERFTSTFQAPAFDFRLFPFDNQLFFIHVDSIFPQHLFRFQEMQGFSGLGDQLGEE
EWIVTEVNTHLTTHNEFTKGDASRFVLEFHAERHLNYYLMRILIPVLLIITVSWFTFFLQDYTKRIDLAGGNLLLFIAFN
FTISSDLPRLGYITLMDAFLVGTFIITALVVLGNVWLRRLENHGKQALARKLDIYAITSYPLAYLLGALTLWLLFFWRSY
;
_entity_poly.pdbx_strand_id   A,C,B,D,E
#
loop_
_chem_comp.id
_chem_comp.type
_chem_comp.name
_chem_comp.formula
LMT D-saccharide DODECYL-BETA-D-MALTOSIDE 'C24 H46 O11'
#
# COMPACT_ATOMS: atom_id res chain seq x y z
N GLU A 7 -7.51 -22.78 45.84
CA GLU A 7 -6.24 -23.01 45.15
C GLU A 7 -6.32 -22.58 43.70
N PRO A 8 -5.26 -21.93 43.22
CA PRO A 8 -5.26 -21.49 41.81
C PRO A 8 -5.37 -22.65 40.86
N SER A 9 -6.03 -22.41 39.73
CA SER A 9 -6.20 -23.41 38.70
C SER A 9 -5.05 -23.37 37.71
N ASP A 10 -4.66 -24.54 37.21
CA ASP A 10 -3.55 -24.67 36.26
C ASP A 10 -4.06 -24.57 34.84
N VAL A 11 -3.47 -23.67 34.06
CA VAL A 11 -3.81 -23.49 32.65
C VAL A 11 -2.56 -23.81 31.86
N PHE A 12 -2.54 -24.95 31.19
CA PHE A 12 -1.38 -25.33 30.40
C PHE A 12 -1.43 -24.67 29.02
N ILE A 13 -0.32 -24.07 28.60
CA ILE A 13 -0.28 -23.21 27.42
C ILE A 13 0.74 -23.77 26.45
N GLY A 14 0.35 -23.85 25.18
CA GLY A 14 1.28 -24.16 24.11
C GLY A 14 1.07 -23.20 22.96
N LEU A 15 2.14 -22.60 22.47
CA LEU A 15 2.08 -21.75 21.30
C LEU A 15 2.98 -22.32 20.22
N LYS A 16 2.43 -22.50 19.03
CA LYS A 16 3.14 -23.09 17.91
C LYS A 16 3.15 -22.09 16.76
N ILE A 17 4.33 -21.73 16.28
CA ILE A 17 4.45 -20.84 15.13
C ILE A 17 4.66 -21.69 13.89
N ASP A 18 3.72 -21.60 12.96
CA ASP A 18 3.78 -22.39 11.74
C ASP A 18 4.32 -21.62 10.55
N GLN A 19 4.07 -20.32 10.47
CA GLN A 19 4.61 -19.50 9.40
C GLN A 19 5.16 -18.21 9.98
N ILE A 20 6.20 -17.71 9.34
CA ILE A 20 6.59 -16.31 9.47
C ILE A 20 6.22 -15.66 8.15
N THR A 21 5.05 -15.04 8.12
CA THR A 21 4.59 -14.41 6.90
C THR A 21 5.41 -13.19 6.55
N GLY A 22 6.08 -12.57 7.51
CA GLY A 22 6.93 -11.44 7.21
C GLY A 22 7.61 -10.87 8.42
N ILE A 23 8.79 -10.31 8.20
CA ILE A 23 9.52 -9.57 9.22
C ILE A 23 9.71 -8.16 8.68
N ASN A 24 9.09 -7.20 9.32
CA ASN A 24 9.07 -5.81 8.87
C ASN A 24 10.03 -5.03 9.74
N GLN A 25 11.27 -4.86 9.27
CA GLN A 25 12.26 -4.18 10.08
C GLN A 25 12.07 -2.68 10.11
N LYS A 26 11.39 -2.10 9.13
CA LYS A 26 11.09 -0.68 9.18
C LYS A 26 10.05 -0.35 10.25
N GLU A 27 8.94 -1.09 10.27
CA GLU A 27 7.95 -0.96 11.32
C GLU A 27 8.33 -1.70 12.60
N GLU A 28 9.43 -2.44 12.60
CA GLU A 28 9.88 -3.21 13.76
C GLU A 28 8.78 -4.13 14.28
N ASN A 29 8.24 -4.94 13.39
CA ASN A 29 7.26 -5.95 13.78
C ASN A 29 7.49 -7.18 12.93
N PHE A 30 6.81 -8.26 13.29
CA PHE A 30 6.83 -9.48 12.49
C PHE A 30 5.45 -10.10 12.56
N SER A 31 5.08 -10.80 11.50
CA SER A 31 3.79 -11.44 11.39
C SER A 31 3.95 -12.95 11.30
N VAL A 32 3.04 -13.68 11.91
CA VAL A 32 3.12 -15.12 11.97
C VAL A 32 1.74 -15.72 11.76
N VAL A 33 1.74 -16.95 11.29
CA VAL A 33 0.59 -17.85 11.39
C VAL A 33 0.97 -18.87 12.45
N GLY A 34 0.15 -18.99 13.48
CA GLY A 34 0.44 -19.91 14.56
C GLY A 34 -0.81 -20.44 15.19
N SER A 35 -0.64 -21.33 16.16
CA SER A 35 -1.76 -21.94 16.84
C SER A 35 -1.49 -21.99 18.35
N LEU A 36 -2.53 -21.73 19.12
CA LEU A 36 -2.47 -21.73 20.57
C LEU A 36 -3.29 -22.90 21.11
N ARG A 37 -2.70 -23.66 22.03
CA ARG A 37 -3.36 -24.79 22.67
C ARG A 37 -3.43 -24.54 24.17
N ILE A 38 -4.61 -24.72 24.74
CA ILE A 38 -4.83 -24.55 26.17
C ILE A 38 -5.56 -25.77 26.68
N ASP A 39 -5.02 -26.40 27.72
CA ASP A 39 -5.68 -27.46 28.47
C ASP A 39 -5.98 -26.94 29.86
N TRP A 40 -7.24 -27.01 30.27
CA TRP A 40 -7.64 -26.42 31.55
C TRP A 40 -8.74 -27.28 32.16
N ARG A 41 -8.43 -27.95 33.26
CA ARG A 41 -9.39 -28.80 33.95
C ARG A 41 -10.26 -27.95 34.87
N GLN A 42 -11.54 -27.84 34.53
CA GLN A 42 -12.51 -27.18 35.38
C GLN A 42 -13.55 -28.21 35.82
N PRO A 43 -13.45 -28.74 37.04
CA PRO A 43 -14.39 -29.81 37.45
C PRO A 43 -15.85 -29.41 37.40
N LEU A 44 -16.18 -28.13 37.56
CA LEU A 44 -17.57 -27.71 37.41
C LEU A 44 -18.15 -28.04 36.05
N LEU A 45 -17.31 -28.25 35.04
CA LEU A 45 -17.77 -28.58 33.71
C LEU A 45 -18.00 -30.07 33.49
N ALA A 46 -17.75 -30.90 34.49
CA ALA A 46 -17.92 -32.34 34.35
C ALA A 46 -19.35 -32.70 33.99
N PHE A 47 -19.51 -33.64 33.08
CA PHE A 47 -20.81 -34.13 32.64
C PHE A 47 -20.78 -35.65 32.60
N GLU A 48 -21.93 -36.24 32.32
CA GLU A 48 -22.02 -37.66 32.02
C GLU A 48 -22.77 -37.83 30.71
N HIS A 49 -22.18 -38.58 29.79
CA HIS A 49 -22.83 -38.82 28.51
C HIS A 49 -24.07 -39.67 28.70
N ALA A 50 -25.00 -39.53 27.77
CA ALA A 50 -26.23 -40.31 27.85
C ALA A 50 -25.91 -41.76 27.48
N PRO A 51 -26.87 -42.67 27.57
CA PRO A 51 -26.58 -44.07 27.20
C PRO A 51 -26.06 -44.14 25.77
N GLY A 52 -24.84 -44.67 25.64
CA GLY A 52 -24.19 -44.70 24.34
C GLY A 52 -24.14 -43.33 23.72
N GLU A 53 -23.56 -42.36 24.44
CA GLU A 53 -23.52 -40.97 24.02
C GLU A 53 -22.09 -40.42 24.10
N PRO A 54 -21.79 -39.36 23.33
CA PRO A 54 -20.40 -38.93 23.16
C PRO A 54 -19.66 -38.61 24.45
N LYS A 55 -18.48 -39.19 24.63
CA LYS A 55 -17.68 -38.93 25.81
C LYS A 55 -16.89 -37.62 25.71
N HIS A 56 -16.92 -36.94 24.58
CA HIS A 56 -16.28 -35.63 24.44
C HIS A 56 -17.23 -34.70 23.70
N ARG A 57 -17.36 -33.48 24.19
CA ARG A 57 -18.27 -32.52 23.61
C ARG A 57 -17.51 -31.44 22.87
N THR A 58 -17.97 -31.13 21.67
CA THR A 58 -17.33 -30.18 20.78
C THR A 58 -18.12 -28.88 20.77
N TYR A 59 -17.43 -27.76 20.94
CA TYR A 59 -18.06 -26.46 21.01
C TYR A 59 -17.33 -25.46 20.12
N THR A 60 -18.07 -24.50 19.61
CA THR A 60 -17.48 -23.26 19.16
C THR A 60 -17.09 -22.43 20.38
N LEU A 61 -16.14 -21.53 20.19
CA LEU A 61 -15.76 -20.64 21.29
C LEU A 61 -16.97 -19.89 21.84
N ALA A 62 -17.86 -19.45 20.96
CA ALA A 62 -19.01 -18.65 21.40
C ALA A 62 -19.96 -19.45 22.28
N THR A 63 -20.33 -20.66 21.83
CA THR A 63 -21.23 -21.48 22.63
C THR A 63 -20.59 -21.84 23.97
N PHE A 64 -19.30 -22.13 23.98
CA PHE A 64 -18.62 -22.47 25.21
C PHE A 64 -18.62 -21.30 26.19
N LEU A 65 -18.38 -20.08 25.70
CA LEU A 65 -18.37 -18.93 26.61
C LEU A 65 -19.77 -18.64 27.13
N LYS A 66 -20.79 -18.82 26.30
CA LYS A 66 -22.15 -18.68 26.81
C LYS A 66 -22.47 -19.71 27.88
N LEU A 67 -22.02 -20.96 27.68
CA LEU A 67 -22.20 -22.00 28.70
C LEU A 67 -21.48 -21.63 29.99
N LEU A 68 -20.25 -21.12 29.89
CA LEU A 68 -19.51 -20.70 31.06
C LEU A 68 -20.20 -19.56 31.80
N GLU A 69 -20.74 -18.59 31.06
CA GLU A 69 -21.45 -17.50 31.70
C GLU A 69 -22.71 -17.99 32.39
N GLU A 70 -23.44 -18.91 31.75
CA GLU A 70 -24.64 -19.46 32.36
C GLU A 70 -24.31 -20.21 33.64
N LYS A 71 -23.19 -20.91 33.68
CA LYS A 71 -22.78 -21.62 34.89
C LYS A 71 -21.97 -20.75 35.84
N GLN A 72 -21.76 -19.48 35.51
CA GLN A 72 -20.99 -18.54 36.33
C GLN A 72 -19.59 -19.08 36.62
N ILE A 73 -18.91 -19.54 35.58
CA ILE A 73 -17.55 -20.04 35.68
C ILE A 73 -16.62 -19.04 35.00
N ARG A 74 -15.60 -18.59 35.72
CA ARG A 74 -14.61 -17.66 35.18
C ARG A 74 -13.65 -18.39 34.27
N TRP A 75 -13.47 -17.91 33.05
CA TRP A 75 -12.49 -18.53 32.17
C TRP A 75 -11.12 -17.88 32.34
N PRO A 76 -10.05 -18.61 32.04
CA PRO A 76 -8.72 -18.00 32.08
C PRO A 76 -8.50 -17.03 30.93
N ALA A 77 -8.98 -15.80 31.10
CA ALA A 77 -8.88 -14.80 30.04
C ALA A 77 -7.43 -14.39 29.84
N PHE A 78 -7.01 -14.30 28.58
CA PHE A 78 -5.63 -14.01 28.24
C PHE A 78 -5.58 -12.99 27.12
N THR A 79 -4.38 -12.43 26.92
CA THR A 79 -4.19 -11.43 25.88
C THR A 79 -2.79 -11.60 25.33
N TYR A 80 -2.66 -11.50 24.03
CA TYR A 80 -1.35 -11.42 23.38
C TYR A 80 -0.80 -10.03 23.63
N HIS A 81 0.14 -9.92 24.56
CA HIS A 81 0.50 -8.61 25.08
C HIS A 81 1.12 -7.72 24.00
N ASN A 82 1.93 -8.28 23.11
CA ASN A 82 2.60 -7.50 22.08
C ASN A 82 1.97 -7.68 20.70
N GLN A 83 0.73 -8.15 20.63
CA GLN A 83 0.00 -8.14 19.38
C GLN A 83 -0.30 -6.70 18.96
N GLN A 84 -0.19 -6.43 17.67
CA GLN A 84 -0.62 -5.15 17.15
C GLN A 84 -1.47 -5.36 15.91
N GLY A 85 -2.60 -4.67 15.86
CA GLY A 85 -3.55 -4.80 14.76
C GLY A 85 -4.57 -5.90 14.96
N ARG A 86 -5.11 -6.42 13.89
CA ARG A 86 -6.18 -7.39 13.94
C ARG A 86 -5.63 -8.81 13.88
N MET A 87 -6.02 -9.64 14.85
CA MET A 87 -5.73 -11.07 14.81
C MET A 87 -6.81 -11.77 14.01
N ASP A 88 -6.44 -12.32 12.85
CA ASP A 88 -7.37 -13.04 12.00
C ASP A 88 -7.45 -14.49 12.46
N PHE A 89 -8.57 -14.86 13.07
CA PHE A 89 -8.74 -16.21 13.61
C PHE A 89 -9.23 -17.17 12.53
N GLN A 90 -8.66 -18.37 12.52
CA GLN A 90 -9.11 -19.44 11.62
C GLN A 90 -10.04 -20.42 12.34
N ASN A 91 -9.55 -21.05 13.40
CA ASN A 91 -10.37 -21.94 14.22
C ASN A 91 -10.28 -21.50 15.67
N ARG A 92 -11.42 -21.49 16.34
CA ARG A 92 -11.49 -21.30 17.79
C ARG A 92 -12.40 -22.42 18.31
N LEU A 93 -11.79 -23.54 18.63
CA LEU A 93 -12.50 -24.78 18.92
C LEU A 93 -12.32 -25.21 20.37
N ILE A 94 -13.32 -25.88 20.90
CA ILE A 94 -13.30 -26.38 22.27
C ILE A 94 -13.65 -27.86 22.26
N SER A 95 -12.90 -28.65 23.02
CA SER A 95 -13.23 -30.04 23.31
C SER A 95 -13.30 -30.20 24.82
N LEU A 96 -14.44 -30.68 25.31
CA LEU A 96 -14.70 -30.81 26.74
C LEU A 96 -14.88 -32.28 27.07
N SER A 97 -13.99 -32.82 27.89
CA SER A 97 -14.07 -34.22 28.26
C SER A 97 -14.94 -34.42 29.50
N GLU A 98 -15.19 -35.69 29.81
CA GLU A 98 -16.19 -36.05 30.82
C GLU A 98 -15.81 -35.59 32.22
N ASP A 99 -14.53 -35.50 32.53
CA ASP A 99 -14.08 -35.04 33.83
C ASP A 99 -13.89 -33.53 33.90
N GLY A 100 -14.22 -32.81 32.83
CA GLY A 100 -14.15 -31.38 32.84
C GLY A 100 -12.90 -30.76 32.28
N THR A 101 -12.10 -31.50 31.53
CA THR A 101 -10.90 -30.94 30.92
C THR A 101 -11.25 -30.23 29.62
N VAL A 102 -10.99 -28.93 29.56
CA VAL A 102 -11.25 -28.14 28.37
C VAL A 102 -9.97 -28.12 27.53
N MET A 103 -10.07 -28.59 26.31
CA MET A 103 -9.02 -28.40 25.31
C MET A 103 -9.46 -27.30 24.37
N TYR A 104 -8.60 -26.30 24.21
CA TYR A 104 -8.90 -25.15 23.36
C TYR A 104 -7.87 -25.07 22.25
N LEU A 105 -8.34 -24.88 21.03
CA LEU A 105 -7.49 -24.66 19.88
C LEU A 105 -7.82 -23.31 19.26
N GLU A 106 -6.81 -22.47 19.12
CA GLU A 106 -6.94 -21.13 18.54
C GLU A 106 -5.89 -21.06 17.43
N ARG A 107 -6.33 -21.01 16.19
CA ARG A 107 -5.43 -20.83 15.06
C ARG A 107 -5.62 -19.42 14.50
N PHE A 108 -4.52 -18.72 14.28
CA PHE A 108 -4.61 -17.29 14.00
C PHE A 108 -3.51 -16.85 13.04
N THR A 109 -3.71 -15.66 12.50
CA THR A 109 -2.66 -14.87 11.88
C THR A 109 -2.66 -13.51 12.57
N SER A 110 -1.48 -13.02 12.92
CA SER A 110 -1.39 -11.73 13.60
C SER A 110 0.00 -11.16 13.45
N THR A 111 0.08 -9.84 13.54
CA THR A 111 1.35 -9.13 13.63
C THR A 111 1.69 -8.88 15.09
N PHE A 112 2.98 -8.87 15.39
CA PHE A 112 3.49 -8.70 16.75
C PHE A 112 4.61 -7.69 16.76
N GLN A 113 4.66 -6.88 17.81
CA GLN A 113 5.73 -5.92 17.99
C GLN A 113 7.06 -6.63 18.20
N ALA A 114 8.12 -6.01 17.70
CA ALA A 114 9.49 -6.50 17.88
C ALA A 114 10.31 -5.38 18.48
N PRO A 115 10.09 -5.07 19.75
CA PRO A 115 10.77 -3.90 20.34
C PRO A 115 12.22 -4.13 20.71
N ALA A 116 12.73 -5.34 20.54
CA ALA A 116 14.13 -5.63 20.79
C ALA A 116 15.02 -5.46 19.56
N PHE A 117 14.47 -5.06 18.42
CA PHE A 117 15.30 -4.76 17.26
C PHE A 117 16.41 -3.80 17.61
N ASP A 118 17.65 -4.22 17.37
CA ASP A 118 18.83 -3.38 17.52
C ASP A 118 19.62 -3.51 16.22
N PHE A 119 19.66 -2.43 15.43
CA PHE A 119 20.27 -2.47 14.11
C PHE A 119 21.72 -2.02 14.10
N ARG A 120 22.36 -1.90 15.27
CA ARG A 120 23.69 -1.32 15.33
C ARG A 120 24.68 -2.09 14.47
N LEU A 121 24.58 -3.41 14.43
CA LEU A 121 25.47 -4.25 13.64
C LEU A 121 24.90 -4.61 12.29
N PHE A 122 23.76 -4.08 11.93
CA PHE A 122 23.10 -4.41 10.69
C PHE A 122 24.09 -4.27 9.52
N PRO A 123 24.18 -5.27 8.63
CA PRO A 123 23.37 -6.48 8.53
C PRO A 123 23.92 -7.73 9.22
N PHE A 124 24.85 -7.61 10.16
CA PHE A 124 25.38 -8.76 10.89
C PHE A 124 24.72 -8.92 12.26
N ASP A 125 23.46 -8.54 12.37
CA ASP A 125 22.75 -8.53 13.63
C ASP A 125 21.94 -9.81 13.82
N ASN A 126 21.87 -10.25 15.08
CA ASN A 126 21.00 -11.33 15.51
C ASN A 126 19.90 -10.72 16.38
N GLN A 127 18.65 -10.89 15.97
CA GLN A 127 17.54 -10.23 16.63
C GLN A 127 16.75 -11.19 17.50
N LEU A 128 16.06 -10.64 18.49
CA LEU A 128 15.21 -11.40 19.39
C LEU A 128 13.74 -11.13 19.04
N PHE A 129 12.99 -12.19 18.81
CA PHE A 129 11.56 -12.13 18.54
C PHE A 129 10.83 -12.92 19.61
N PHE A 130 9.74 -12.37 20.12
CA PHE A 130 8.97 -13.08 21.14
C PHE A 130 7.49 -12.82 20.95
N ILE A 131 6.70 -13.72 21.51
CA ILE A 131 5.27 -13.54 21.69
C ILE A 131 4.97 -13.70 23.17
N HIS A 132 4.33 -12.70 23.77
CA HIS A 132 3.88 -12.78 25.16
C HIS A 132 2.41 -13.13 25.18
N VAL A 133 2.06 -14.13 25.99
CA VAL A 133 0.66 -14.46 26.26
C VAL A 133 0.42 -14.19 27.74
N ASP A 134 -0.44 -13.23 28.04
CA ASP A 134 -0.64 -12.73 29.39
C ASP A 134 -1.96 -13.22 29.96
N SER A 135 -1.91 -13.72 31.17
CA SER A 135 -3.12 -13.98 31.94
C SER A 135 -3.66 -12.66 32.46
N ILE A 136 -4.91 -12.36 32.16
CA ILE A 136 -5.51 -11.14 32.68
C ILE A 136 -5.76 -11.24 34.18
N PHE A 137 -6.26 -12.38 34.64
CA PHE A 137 -6.55 -12.58 36.06
C PHE A 137 -5.30 -12.94 36.85
N PRO A 138 -5.26 -12.61 38.14
CA PRO A 138 -4.04 -12.81 38.93
C PRO A 138 -3.77 -14.28 39.22
N GLN A 139 -2.54 -14.55 39.69
CA GLN A 139 -2.06 -15.93 39.85
C GLN A 139 -2.69 -16.67 41.02
N HIS A 140 -3.45 -16.03 41.89
CA HIS A 140 -4.19 -16.82 42.88
C HIS A 140 -5.49 -17.38 42.32
N LEU A 141 -5.86 -17.00 41.09
CA LEU A 141 -6.96 -17.61 40.37
C LEU A 141 -6.48 -18.62 39.33
N PHE A 142 -5.57 -18.22 38.45
CA PHE A 142 -5.04 -19.08 37.40
C PHE A 142 -3.52 -18.98 37.37
N ARG A 143 -2.87 -20.11 37.20
CA ARG A 143 -1.43 -20.19 37.08
C ARG A 143 -1.10 -20.89 35.76
N PHE A 144 -0.52 -20.14 34.83
CA PHE A 144 -0.13 -20.73 33.56
C PHE A 144 0.97 -21.76 33.77
N GLN A 145 0.85 -22.89 33.09
CA GLN A 145 1.90 -23.89 32.98
C GLN A 145 2.31 -24.00 31.52
N GLU A 146 3.29 -24.85 31.26
CA GLU A 146 3.77 -25.11 29.91
C GLU A 146 3.19 -26.42 29.41
N MET A 147 2.44 -26.36 28.32
CA MET A 147 2.03 -27.56 27.61
C MET A 147 3.25 -28.22 27.00
N GLN A 148 3.37 -29.53 27.21
CA GLN A 148 4.55 -30.27 26.78
C GLN A 148 4.36 -30.83 25.38
N GLY A 149 5.42 -30.76 24.59
CA GLY A 149 5.43 -31.32 23.26
C GLY A 149 4.61 -30.58 22.24
N PHE A 150 4.33 -29.29 22.44
CA PHE A 150 3.60 -28.55 21.44
C PHE A 150 4.31 -27.28 20.98
N SER A 151 4.87 -26.52 21.92
CA SER A 151 5.34 -25.19 21.60
C SER A 151 6.61 -25.22 20.76
N GLY A 152 6.81 -24.17 19.99
CA GLY A 152 8.01 -24.02 19.22
C GLY A 152 7.77 -23.40 17.87
N LEU A 153 8.64 -23.72 16.93
CA LEU A 153 8.56 -23.24 15.56
C LEU A 153 8.44 -24.42 14.63
N GLY A 154 7.85 -24.19 13.46
CA GLY A 154 7.51 -25.26 12.55
C GLY A 154 8.63 -25.59 11.59
N ASP A 155 8.32 -26.49 10.66
CA ASP A 155 9.27 -26.95 9.67
C ASP A 155 9.29 -26.10 8.40
N GLN A 156 8.18 -25.47 8.05
CA GLN A 156 8.09 -24.60 6.87
C GLN A 156 7.68 -23.20 7.32
N LEU A 157 8.65 -22.42 7.77
CA LEU A 157 8.32 -21.08 8.23
C LEU A 157 8.14 -20.11 7.08
N GLY A 158 8.66 -20.43 5.91
CA GLY A 158 8.47 -19.62 4.74
C GLY A 158 9.25 -18.32 4.72
N GLU A 159 10.23 -18.17 5.59
CA GLU A 159 11.03 -16.96 5.68
C GLU A 159 12.37 -17.19 4.99
N GLU A 160 12.70 -16.34 4.02
CA GLU A 160 13.87 -16.52 3.18
C GLU A 160 15.09 -15.73 3.64
N GLU A 161 14.91 -14.50 4.14
CA GLU A 161 16.07 -13.72 4.55
C GLU A 161 16.60 -14.12 5.92
N TRP A 162 15.72 -14.56 6.81
CA TRP A 162 16.12 -14.84 8.19
C TRP A 162 16.25 -16.33 8.45
N ILE A 163 17.17 -16.67 9.35
CA ILE A 163 17.39 -18.04 9.78
C ILE A 163 17.26 -18.09 11.30
N VAL A 164 16.36 -18.96 11.78
CA VAL A 164 16.16 -19.12 13.21
C VAL A 164 17.32 -19.88 13.82
N THR A 165 17.89 -19.33 14.88
CA THR A 165 19.08 -19.88 15.54
C THR A 165 18.81 -20.51 16.89
N GLU A 166 17.78 -20.06 17.60
CA GLU A 166 17.46 -20.58 18.92
C GLU A 166 15.99 -20.33 19.19
N VAL A 167 15.31 -21.32 19.76
CA VAL A 167 13.91 -21.21 20.13
C VAL A 167 13.76 -21.61 21.59
N ASN A 168 12.96 -20.85 22.32
CA ASN A 168 12.88 -21.01 23.77
C ASN A 168 11.47 -20.67 24.25
N THR A 169 11.08 -21.30 25.34
CA THR A 169 9.83 -21.01 26.03
C THR A 169 10.11 -20.92 27.53
N HIS A 170 9.30 -20.13 28.22
CA HIS A 170 9.39 -20.08 29.68
C HIS A 170 8.18 -19.30 30.20
N LEU A 171 8.09 -19.23 31.53
CA LEU A 171 6.97 -18.61 32.22
C LEU A 171 7.50 -17.51 33.13
N THR A 172 6.84 -16.36 33.12
CA THR A 172 7.20 -15.25 33.99
C THR A 172 5.92 -14.60 34.49
N THR A 173 6.04 -13.40 35.05
CA THR A 173 4.91 -12.70 35.61
C THR A 173 4.79 -11.32 35.00
N HIS A 174 3.62 -10.71 35.22
CA HIS A 174 3.33 -9.35 34.83
C HIS A 174 2.35 -8.79 35.85
N ASN A 175 2.23 -7.47 35.88
CA ASN A 175 1.29 -6.79 36.74
C ASN A 175 0.49 -5.75 35.96
N GLU A 176 0.07 -6.09 34.75
CA GLU A 176 -0.58 -5.11 33.89
C GLU A 176 -1.86 -4.57 34.52
N PHE A 177 -2.77 -5.45 34.95
CA PHE A 177 -4.08 -5.03 35.39
C PHE A 177 -4.41 -5.34 36.83
N THR A 178 -3.55 -6.05 37.56
CA THR A 178 -3.82 -6.43 38.94
C THR A 178 -2.63 -6.09 39.83
N LYS A 179 -2.92 -5.79 41.10
CA LYS A 179 -1.84 -5.61 42.06
C LYS A 179 -1.02 -6.89 42.21
N GLY A 180 -1.69 -8.04 42.29
CA GLY A 180 -0.99 -9.30 42.37
C GLY A 180 -0.37 -9.70 41.04
N ASP A 181 0.59 -10.62 41.13
CA ASP A 181 1.25 -11.11 39.93
C ASP A 181 0.30 -11.96 39.10
N ALA A 182 0.43 -11.84 37.77
CA ALA A 182 -0.32 -12.65 36.83
C ALA A 182 0.66 -13.38 35.92
N SER A 183 0.28 -14.56 35.48
CA SER A 183 1.16 -15.39 34.67
C SER A 183 1.42 -14.77 33.30
N ARG A 184 2.62 -15.01 32.79
CA ARG A 184 2.97 -14.65 31.42
C ARG A 184 3.71 -15.82 30.78
N PHE A 185 3.20 -16.30 29.67
CA PHE A 185 3.88 -17.29 28.85
C PHE A 185 4.67 -16.57 27.75
N VAL A 186 5.92 -16.96 27.57
CA VAL A 186 6.78 -16.36 26.54
C VAL A 186 7.27 -17.45 25.60
N LEU A 187 7.10 -17.22 24.31
CA LEU A 187 7.77 -18.00 23.27
C LEU A 187 8.70 -17.04 22.54
N GLU A 188 10.00 -17.29 22.63
CA GLU A 188 10.96 -16.43 21.98
C GLU A 188 11.89 -17.23 21.08
N PHE A 189 12.40 -16.56 20.06
CA PHE A 189 13.38 -17.16 19.17
C PHE A 189 14.32 -16.07 18.68
N HIS A 190 15.53 -16.48 18.34
CA HIS A 190 16.56 -15.60 17.81
C HIS A 190 16.75 -15.92 16.33
N ALA A 191 16.94 -14.87 15.54
CA ALA A 191 17.17 -15.02 14.10
C ALA A 191 18.32 -14.14 13.64
N GLU A 192 19.08 -14.63 12.68
CA GLU A 192 20.08 -13.86 11.98
C GLU A 192 19.74 -13.83 10.50
N ARG A 193 20.43 -12.98 9.77
CA ARG A 193 20.16 -12.79 8.34
C ARG A 193 21.06 -13.67 7.50
N HIS A 194 20.57 -14.04 6.33
CA HIS A 194 21.41 -14.46 5.22
C HIS A 194 22.01 -13.21 4.60
N LEU A 195 23.32 -13.25 4.37
CA LEU A 195 24.02 -12.07 3.88
C LEU A 195 24.13 -12.01 2.37
N ASN A 196 23.65 -13.02 1.66
CA ASN A 196 23.82 -13.05 0.21
C ASN A 196 23.23 -11.81 -0.45
N TYR A 197 22.08 -11.36 0.03
CA TYR A 197 21.44 -10.19 -0.57
C TYR A 197 22.35 -8.98 -0.48
N TYR A 198 23.02 -8.81 0.65
CA TYR A 198 23.83 -7.63 0.89
C TYR A 198 25.16 -7.70 0.15
N LEU A 199 25.73 -8.90 0.01
CA LEU A 199 26.89 -9.06 -0.83
C LEU A 199 26.56 -8.72 -2.28
N MET A 200 25.44 -9.23 -2.78
CA MET A 200 25.18 -9.08 -4.21
C MET A 200 24.69 -7.68 -4.57
N ARG A 201 23.76 -7.14 -3.79
CA ARG A 201 23.10 -5.90 -4.18
C ARG A 201 23.75 -4.66 -3.56
N ILE A 202 24.50 -4.80 -2.48
CA ILE A 202 25.07 -3.63 -1.81
C ILE A 202 26.58 -3.66 -1.85
N LEU A 203 27.18 -4.73 -1.33
CA LEU A 203 28.63 -4.75 -1.17
C LEU A 203 29.34 -4.71 -2.51
N ILE A 204 29.00 -5.62 -3.42
CA ILE A 204 29.73 -5.80 -4.66
C ILE A 204 29.56 -4.59 -5.57
N PRO A 205 28.36 -4.01 -5.71
CA PRO A 205 28.25 -2.77 -6.49
C PRO A 205 29.13 -1.64 -5.96
N VAL A 206 29.15 -1.42 -4.65
CA VAL A 206 29.97 -0.36 -4.08
C VAL A 206 31.44 -0.65 -4.32
N LEU A 207 31.86 -1.91 -4.11
CA LEU A 207 33.24 -2.28 -4.36
C LEU A 207 33.60 -2.08 -5.82
N LEU A 208 32.71 -2.45 -6.74
CA LEU A 208 33.00 -2.29 -8.14
C LEU A 208 33.15 -0.81 -8.50
N ILE A 209 32.27 0.04 -7.97
CA ILE A 209 32.38 1.47 -8.26
C ILE A 209 33.70 2.01 -7.76
N ILE A 210 34.04 1.70 -6.51
CA ILE A 210 35.29 2.19 -5.92
C ILE A 210 36.49 1.70 -6.74
N THR A 211 36.52 0.40 -7.05
CA THR A 211 37.68 -0.15 -7.74
C THR A 211 37.77 0.34 -9.18
N VAL A 212 36.64 0.44 -9.88
CA VAL A 212 36.65 0.95 -11.25
C VAL A 212 37.14 2.39 -11.26
N SER A 213 36.78 3.16 -10.23
CA SER A 213 37.35 4.49 -10.08
C SER A 213 38.86 4.42 -9.90
N TRP A 214 39.34 3.54 -9.03
CA TRP A 214 40.78 3.46 -8.82
C TRP A 214 41.50 3.13 -10.11
N PHE A 215 41.00 2.13 -10.85
CA PHE A 215 41.61 1.77 -12.12
C PHE A 215 41.62 2.94 -13.08
N THR A 216 40.51 3.68 -13.16
CA THR A 216 40.49 4.86 -14.02
C THR A 216 41.42 5.96 -13.51
N PHE A 217 41.88 5.88 -12.28
CA PHE A 217 42.85 6.87 -11.77
C PHE A 217 44.20 6.75 -12.46
N PHE A 218 44.48 5.65 -13.14
CA PHE A 218 45.77 5.49 -13.84
C PHE A 218 45.82 6.23 -15.17
N LEU A 219 44.79 6.99 -15.52
CA LEU A 219 44.84 7.80 -16.74
C LEU A 219 45.90 8.89 -16.62
N GLN A 220 46.00 9.52 -15.45
CA GLN A 220 46.84 10.69 -15.23
C GLN A 220 46.20 11.96 -15.76
N ASP A 221 44.87 12.02 -15.77
CA ASP A 221 44.12 13.22 -16.15
C ASP A 221 43.28 13.70 -14.96
N TYR A 222 43.83 14.64 -14.18
CA TYR A 222 43.21 15.05 -12.92
C TYR A 222 41.75 15.46 -13.06
N THR A 223 41.41 16.16 -14.14
CA THR A 223 40.02 16.57 -14.34
C THR A 223 39.10 15.36 -14.43
N LYS A 224 39.54 14.30 -15.12
CA LYS A 224 38.73 13.09 -15.19
C LYS A 224 38.52 12.52 -13.80
N ARG A 225 39.56 12.55 -12.96
CA ARG A 225 39.40 12.08 -11.60
C ARG A 225 38.33 12.87 -10.87
N ILE A 226 38.36 14.20 -11.01
CA ILE A 226 37.39 15.01 -10.28
C ILE A 226 35.97 14.72 -10.77
N ASP A 227 35.78 14.68 -12.09
CA ASP A 227 34.46 14.37 -12.62
C ASP A 227 33.96 13.03 -12.11
N LEU A 228 34.79 11.99 -12.26
CA LEU A 228 34.40 10.64 -11.88
C LEU A 228 34.10 10.56 -10.39
N ALA A 229 34.90 11.24 -9.57
CA ALA A 229 34.69 11.20 -8.13
C ALA A 229 33.39 11.91 -7.73
N GLY A 230 33.09 13.04 -8.37
CA GLY A 230 31.80 13.68 -8.11
C GLY A 230 30.65 12.76 -8.44
N GLY A 231 30.71 12.10 -9.60
CA GLY A 231 29.68 11.14 -9.94
C GLY A 231 29.58 10.02 -8.93
N ASN A 232 30.72 9.50 -8.48
CA ASN A 232 30.73 8.43 -7.49
C ASN A 232 30.09 8.87 -6.18
N LEU A 233 30.36 10.11 -5.76
CA LEU A 233 29.73 10.63 -4.55
C LEU A 233 28.22 10.70 -4.72
N LEU A 234 27.76 11.17 -5.88
CA LEU A 234 26.31 11.20 -6.11
C LEU A 234 25.72 9.81 -6.00
N LEU A 235 26.38 8.83 -6.61
CA LEU A 235 25.85 7.47 -6.59
C LEU A 235 25.84 6.91 -5.17
N PHE A 236 26.89 7.19 -4.40
CA PHE A 236 26.93 6.73 -3.02
C PHE A 236 25.81 7.36 -2.20
N ILE A 237 25.43 8.59 -2.50
CA ILE A 237 24.33 9.20 -1.76
C ILE A 237 23.00 8.57 -2.16
N ALA A 238 22.87 8.18 -3.43
CA ALA A 238 21.70 7.39 -3.83
C ALA A 238 21.63 6.08 -3.06
N PHE A 239 22.77 5.41 -2.89
CA PHE A 239 22.82 4.20 -2.09
C PHE A 239 22.45 4.48 -0.64
N ASN A 240 22.90 5.61 -0.10
CA ASN A 240 22.52 5.98 1.26
C ASN A 240 21.00 6.07 1.38
N PHE A 241 20.36 6.81 0.48
CA PHE A 241 18.91 6.97 0.57
C PHE A 241 18.18 5.63 0.41
N THR A 242 18.61 4.82 -0.56
CA THR A 242 18.00 3.50 -0.75
C THR A 242 18.11 2.65 0.51
N ILE A 243 19.33 2.49 1.02
CA ILE A 243 19.55 1.63 2.18
C ILE A 243 18.77 2.15 3.38
N SER A 244 18.80 3.46 3.62
CA SER A 244 18.09 4.01 4.78
C SER A 244 16.59 3.82 4.66
N SER A 245 16.08 3.74 3.42
CA SER A 245 14.63 3.55 3.25
C SER A 245 14.13 2.29 3.94
N ASP A 246 14.96 1.24 3.99
CA ASP A 246 14.56 -0.07 4.51
C ASP A 246 14.59 -0.17 6.04
N LEU A 247 15.21 0.77 6.72
CA LEU A 247 15.30 0.81 8.17
C LEU A 247 14.34 1.84 8.73
N PRO A 248 14.14 1.86 10.05
CA PRO A 248 13.44 2.97 10.68
C PRO A 248 14.37 4.18 10.80
N ARG A 249 13.79 5.30 11.21
CA ARG A 249 14.57 6.54 11.40
C ARG A 249 15.25 6.48 12.75
N LEU A 250 16.31 5.69 12.82
CA LEU A 250 16.97 5.39 14.07
C LEU A 250 17.64 6.61 14.67
N GLY A 251 17.70 6.64 15.99
CA GLY A 251 18.40 7.65 16.73
C GLY A 251 19.87 7.39 16.95
N TYR A 252 20.39 6.29 16.41
CA TYR A 252 21.79 5.91 16.54
C TYR A 252 22.33 5.49 15.18
N ILE A 253 23.65 5.36 15.11
CA ILE A 253 24.33 5.07 13.85
C ILE A 253 24.46 3.56 13.69
N THR A 254 24.09 3.08 12.51
CA THR A 254 24.29 1.69 12.14
C THR A 254 25.66 1.51 11.48
N LEU A 255 26.16 0.27 11.52
CA LEU A 255 27.39 -0.06 10.81
C LEU A 255 27.30 0.32 9.34
N MET A 256 26.15 0.08 8.72
CA MET A 256 25.94 0.47 7.32
C MET A 256 26.05 1.98 7.15
N ASP A 257 25.50 2.74 8.09
CA ASP A 257 25.66 4.19 8.07
C ASP A 257 27.12 4.59 8.15
N ALA A 258 27.89 3.92 9.02
CA ALA A 258 29.31 4.24 9.12
C ALA A 258 30.02 3.97 7.80
N PHE A 259 29.71 2.84 7.16
CA PHE A 259 30.36 2.52 5.90
C PHE A 259 30.01 3.54 4.81
N LEU A 260 28.75 3.96 4.75
CA LEU A 260 28.35 4.93 3.74
C LEU A 260 28.95 6.30 3.99
N VAL A 261 29.05 6.72 5.26
CA VAL A 261 29.72 7.98 5.57
C VAL A 261 31.19 7.90 5.19
N GLY A 262 31.81 6.75 5.41
CA GLY A 262 33.17 6.57 4.94
C GLY A 262 33.30 6.73 3.44
N THR A 263 32.36 6.15 2.68
CA THR A 263 32.44 6.31 1.23
C THR A 263 32.30 7.78 0.84
N PHE A 264 31.34 8.50 1.45
CA PHE A 264 31.22 9.94 1.19
C PHE A 264 32.55 10.64 1.40
N ILE A 265 33.14 10.45 2.57
CA ILE A 265 34.32 11.22 2.96
C ILE A 265 35.51 10.87 2.08
N ILE A 266 35.71 9.58 1.81
CA ILE A 266 36.84 9.19 0.98
C ILE A 266 36.69 9.78 -0.42
N THR A 267 35.49 9.74 -0.98
CA THR A 267 35.28 10.36 -2.28
C THR A 267 35.60 11.85 -2.26
N ALA A 268 35.14 12.55 -1.22
CA ALA A 268 35.41 13.98 -1.15
C ALA A 268 36.91 14.26 -1.05
N LEU A 269 37.61 13.49 -0.22
CA LEU A 269 39.05 13.66 -0.12
C LEU A 269 39.75 13.38 -1.44
N VAL A 270 39.23 12.41 -2.21
CA VAL A 270 39.77 12.16 -3.54
C VAL A 270 39.66 13.40 -4.39
N VAL A 271 38.47 14.00 -4.41
CA VAL A 271 38.26 15.20 -5.21
C VAL A 271 39.21 16.30 -4.77
N LEU A 272 39.32 16.51 -3.46
CA LEU A 272 40.19 17.57 -2.95
C LEU A 272 41.64 17.37 -3.39
N GLY A 273 42.15 16.16 -3.22
CA GLY A 273 43.51 15.87 -3.64
C GLY A 273 43.70 16.10 -5.12
N ASN A 274 42.68 15.77 -5.92
CA ASN A 274 42.80 15.98 -7.36
C ASN A 274 42.80 17.47 -7.72
N VAL A 275 42.03 18.27 -7.01
CA VAL A 275 42.07 19.71 -7.25
C VAL A 275 43.45 20.27 -6.91
N TRP A 276 44.01 19.82 -5.79
CA TRP A 276 45.36 20.25 -5.44
C TRP A 276 46.36 19.83 -6.51
N LEU A 277 46.25 18.60 -7.01
CA LEU A 277 47.16 18.17 -8.08
C LEU A 277 46.96 19.00 -9.34
N ARG A 278 45.70 19.34 -9.66
CA ARG A 278 45.43 20.08 -10.89
C ARG A 278 45.92 21.51 -10.81
N ARG A 279 45.86 22.13 -9.64
CA ARG A 279 46.46 23.45 -9.50
C ARG A 279 47.98 23.37 -9.41
N LEU A 280 48.53 22.28 -8.88
CA LEU A 280 49.98 22.09 -8.93
C LEU A 280 50.47 22.03 -10.36
N GLU A 281 49.77 21.27 -11.20
CA GLU A 281 50.09 21.24 -12.63
C GLU A 281 49.74 22.55 -13.31
N ASN A 282 48.81 23.32 -12.75
CA ASN A 282 48.41 24.58 -13.37
C ASN A 282 49.48 25.66 -13.18
N HIS A 283 50.03 25.78 -11.98
CA HIS A 283 51.01 26.83 -11.67
C HIS A 283 52.44 26.36 -11.87
N GLY A 284 52.68 25.42 -12.78
CA GLY A 284 54.01 25.09 -13.23
C GLY A 284 54.59 23.81 -12.66
N LYS A 285 54.02 23.29 -11.57
CA LYS A 285 54.59 22.11 -10.90
C LYS A 285 53.93 20.85 -11.46
N GLN A 286 54.25 20.57 -12.72
CA GLN A 286 53.77 19.34 -13.34
C GLN A 286 54.55 18.11 -12.84
N ALA A 287 55.87 18.23 -12.69
CA ALA A 287 56.67 17.08 -12.25
C ALA A 287 56.41 16.76 -10.78
N LEU A 288 56.35 17.79 -9.94
CA LEU A 288 55.92 17.58 -8.56
C LEU A 288 54.51 17.01 -8.51
N ALA A 289 53.63 17.49 -9.39
CA ALA A 289 52.28 16.98 -9.45
C ALA A 289 52.28 15.48 -9.72
N ARG A 290 53.08 15.03 -10.70
CA ARG A 290 53.11 13.60 -11.02
C ARG A 290 53.72 12.78 -9.88
N LYS A 291 54.81 13.27 -9.31
CA LYS A 291 55.44 12.57 -8.20
C LYS A 291 54.44 12.36 -7.06
N LEU A 292 53.65 13.39 -6.74
CA LEU A 292 52.66 13.25 -5.68
C LEU A 292 51.46 12.42 -6.13
N ASP A 293 51.15 12.44 -7.43
CA ASP A 293 50.13 11.53 -7.96
C ASP A 293 50.47 10.10 -7.65
N ILE A 294 51.77 9.79 -7.59
CA ILE A 294 52.17 8.45 -7.17
C ILE A 294 51.55 8.13 -5.81
N TYR A 295 51.65 9.06 -4.85
CA TYR A 295 51.12 8.81 -3.53
C TYR A 295 49.60 8.81 -3.53
N ALA A 296 49.00 9.66 -4.35
CA ALA A 296 47.54 9.64 -4.49
C ALA A 296 47.06 8.24 -4.85
N ILE A 297 47.66 7.66 -5.89
CA ILE A 297 47.31 6.29 -6.26
C ILE A 297 47.59 5.32 -5.12
N THR A 298 48.80 5.37 -4.57
CA THR A 298 49.18 4.39 -3.56
C THR A 298 48.48 4.61 -2.22
N SER A 299 47.62 5.63 -2.13
CA SER A 299 46.86 5.90 -0.90
C SER A 299 45.36 5.82 -1.06
N TYR A 300 44.83 5.81 -2.28
CA TYR A 300 43.38 5.62 -2.45
C TYR A 300 42.89 4.36 -1.76
N PRO A 301 43.49 3.18 -1.93
CA PRO A 301 42.95 1.97 -1.30
C PRO A 301 43.37 1.78 0.15
N LEU A 302 44.48 2.39 0.56
CA LEU A 302 44.87 2.32 1.97
C LEU A 302 43.78 2.94 2.83
N ALA A 303 43.20 4.05 2.38
CA ALA A 303 42.11 4.67 3.13
C ALA A 303 40.95 3.71 3.33
N TYR A 304 40.55 2.99 2.27
CA TYR A 304 39.41 2.11 2.39
C TYR A 304 39.69 0.92 3.29
N LEU A 305 40.86 0.29 3.14
CA LEU A 305 41.20 -0.81 4.03
C LEU A 305 41.28 -0.33 5.48
N LEU A 306 41.96 0.79 5.72
CA LEU A 306 42.12 1.29 7.08
C LEU A 306 40.78 1.64 7.70
N GLY A 307 39.90 2.29 6.93
CA GLY A 307 38.60 2.65 7.44
C GLY A 307 37.72 1.45 7.71
N ALA A 308 37.80 0.42 6.86
CA ALA A 308 37.06 -0.81 7.14
C ALA A 308 37.54 -1.44 8.44
N LEU A 309 38.86 -1.47 8.67
CA LEU A 309 39.35 -1.99 9.94
C LEU A 309 38.86 -1.13 11.10
N THR A 310 38.81 0.18 10.91
CA THR A 310 38.32 1.07 11.97
C THR A 310 36.86 0.79 12.30
N LEU A 311 36.02 0.60 11.28
CA LEU A 311 34.63 0.26 11.53
C LEU A 311 34.51 -1.05 12.28
N TRP A 312 35.28 -2.06 11.86
CA TRP A 312 35.24 -3.33 12.57
C TRP A 312 35.64 -3.14 14.03
N LEU A 313 36.70 -2.38 14.28
CA LEU A 313 37.15 -2.15 15.64
C LEU A 313 36.07 -1.46 16.46
N LEU A 314 35.41 -0.47 15.87
CA LEU A 314 34.39 0.27 16.61
C LEU A 314 33.22 -0.64 16.97
N PHE A 315 32.64 -1.31 15.99
CA PHE A 315 31.36 -1.95 16.24
C PHE A 315 31.55 -3.34 16.86
N PHE A 316 32.59 -4.05 16.46
CA PHE A 316 32.86 -5.38 16.98
C PHE A 316 34.02 -5.34 17.96
N GLU B 7 -16.48 -46.93 14.27
CA GLU B 7 -15.81 -46.80 12.97
C GLU B 7 -15.72 -45.33 12.55
N PRO B 8 -14.57 -44.94 12.01
CA PRO B 8 -14.40 -43.55 11.58
C PRO B 8 -15.40 -43.18 10.49
N SER B 9 -15.81 -41.92 10.51
CA SER B 9 -16.74 -41.39 9.52
C SER B 9 -15.99 -40.85 8.32
N ASP B 10 -16.58 -41.02 7.14
CA ASP B 10 -15.99 -40.57 5.88
C ASP B 10 -16.43 -39.15 5.56
N VAL B 11 -15.47 -38.27 5.32
CA VAL B 11 -15.73 -36.89 4.95
C VAL B 11 -15.14 -36.69 3.55
N PHE B 12 -16.00 -36.60 2.55
CA PHE B 12 -15.53 -36.39 1.18
C PHE B 12 -15.25 -34.92 0.93
N ILE B 13 -14.08 -34.62 0.36
CA ILE B 13 -13.58 -33.26 0.24
C ILE B 13 -13.34 -32.94 -1.22
N GLY B 14 -13.81 -31.77 -1.64
CA GLY B 14 -13.49 -31.23 -2.94
C GLY B 14 -13.08 -29.79 -2.83
N LEU B 15 -11.95 -29.42 -3.42
CA LEU B 15 -11.52 -28.03 -3.46
C LEU B 15 -11.40 -27.60 -4.91
N LYS B 16 -12.04 -26.49 -5.24
CA LYS B 16 -12.07 -25.97 -6.60
C LYS B 16 -11.48 -24.56 -6.59
N ILE B 17 -10.44 -24.34 -7.38
CA ILE B 17 -9.85 -23.01 -7.50
C ILE B 17 -10.43 -22.35 -8.75
N ASP B 18 -11.13 -21.24 -8.55
CA ASP B 18 -11.76 -20.53 -9.65
C ASP B 18 -10.96 -19.34 -10.14
N GLN B 19 -10.24 -18.66 -9.26
CA GLN B 19 -9.40 -17.55 -9.65
C GLN B 19 -8.04 -17.67 -8.99
N ILE B 20 -7.02 -17.20 -9.68
CA ILE B 20 -5.76 -16.85 -9.06
C ILE B 20 -5.70 -15.34 -9.09
N THR B 21 -6.09 -14.71 -7.99
CA THR B 21 -6.11 -13.26 -7.92
C THR B 21 -4.70 -12.68 -7.91
N GLY B 22 -3.71 -13.45 -7.51
CA GLY B 22 -2.36 -12.96 -7.57
C GLY B 22 -1.34 -13.96 -7.07
N ILE B 23 -0.14 -13.88 -7.62
CA ILE B 23 1.00 -14.65 -7.16
C ILE B 23 2.06 -13.65 -6.74
N ASN B 24 2.37 -13.63 -5.45
CA ASN B 24 3.28 -12.66 -4.86
C ASN B 24 4.60 -13.36 -4.59
N GLN B 25 5.54 -13.23 -5.52
CA GLN B 25 6.80 -13.94 -5.38
C GLN B 25 7.72 -13.29 -4.36
N LYS B 26 7.54 -12.00 -4.06
CA LYS B 26 8.33 -11.36 -3.02
C LYS B 26 7.93 -11.85 -1.64
N GLU B 27 6.63 -11.87 -1.34
CA GLU B 27 6.13 -12.44 -0.10
C GLU B 27 6.02 -13.96 -0.14
N GLU B 28 6.27 -14.58 -1.29
CA GLU B 28 6.18 -16.03 -1.45
C GLU B 28 4.81 -16.56 -1.01
N ASN B 29 3.77 -15.97 -1.58
CA ASN B 29 2.41 -16.43 -1.33
C ASN B 29 1.63 -16.29 -2.62
N PHE B 30 0.42 -16.84 -2.63
CA PHE B 30 -0.49 -16.68 -3.75
C PHE B 30 -1.90 -16.60 -3.19
N SER B 31 -2.76 -15.87 -3.88
CA SER B 31 -4.13 -15.67 -3.46
C SER B 31 -5.07 -16.27 -4.49
N VAL B 32 -6.16 -16.85 -4.02
CA VAL B 32 -7.11 -17.53 -4.89
C VAL B 32 -8.53 -17.19 -4.45
N VAL B 33 -9.45 -17.31 -5.39
CA VAL B 33 -10.87 -17.43 -5.12
C VAL B 33 -11.21 -18.88 -5.42
N GLY B 34 -11.76 -19.59 -4.46
CA GLY B 34 -12.08 -20.99 -4.66
C GLY B 34 -13.28 -21.39 -3.83
N SER B 35 -13.68 -22.65 -3.98
CA SER B 35 -14.84 -23.18 -3.28
C SER B 35 -14.53 -24.56 -2.74
N LEU B 36 -14.99 -24.83 -1.54
CA LEU B 36 -14.80 -26.10 -0.86
C LEU B 36 -16.13 -26.82 -0.75
N ARG B 37 -16.16 -28.10 -1.12
CA ARG B 37 -17.35 -28.93 -1.02
C ARG B 37 -17.08 -30.10 -0.11
N ILE B 38 -17.97 -30.34 0.85
CA ILE B 38 -17.86 -31.44 1.79
C ILE B 38 -19.18 -32.18 1.81
N ASP B 39 -19.12 -33.49 1.60
CA ASP B 39 -20.26 -34.39 1.78
C ASP B 39 -19.96 -35.29 2.97
N TRP B 40 -20.86 -35.31 3.94
CA TRP B 40 -20.60 -36.06 5.18
C TRP B 40 -21.92 -36.63 5.69
N ARG B 41 -22.04 -37.95 5.64
CA ARG B 41 -23.25 -38.63 6.11
C ARG B 41 -23.17 -38.81 7.62
N GLN B 42 -24.04 -38.11 8.34
CA GLN B 42 -24.18 -38.30 9.78
C GLN B 42 -25.59 -38.81 10.07
N PRO B 43 -25.77 -40.11 10.30
CA PRO B 43 -27.13 -40.64 10.49
C PRO B 43 -27.89 -40.02 11.64
N LEU B 44 -27.21 -39.53 12.67
CA LEU B 44 -27.91 -38.84 13.75
C LEU B 44 -28.69 -37.63 13.26
N LEU B 45 -28.36 -37.09 12.09
CA LEU B 45 -29.06 -35.94 11.54
C LEU B 45 -30.27 -36.30 10.72
N ALA B 46 -30.57 -37.59 10.57
CA ALA B 46 -31.71 -38.01 9.77
C ALA B 46 -33.02 -37.44 10.32
N PHE B 47 -33.88 -37.00 9.41
CA PHE B 47 -35.19 -36.47 9.75
C PHE B 47 -36.23 -37.06 8.83
N GLU B 48 -37.50 -36.74 9.09
CA GLU B 48 -38.59 -37.05 8.19
C GLU B 48 -39.38 -35.78 7.92
N HIS B 49 -39.58 -35.46 6.65
CA HIS B 49 -40.32 -34.26 6.30
C HIS B 49 -41.78 -34.43 6.70
N ALA B 50 -42.44 -33.31 6.92
CA ALA B 50 -43.84 -33.35 7.30
C ALA B 50 -44.67 -33.72 6.07
N PRO B 51 -45.98 -33.91 6.21
CA PRO B 51 -46.79 -34.25 5.03
C PRO B 51 -46.63 -33.21 3.94
N GLY B 52 -46.14 -33.66 2.79
CA GLY B 52 -45.84 -32.73 1.70
C GLY B 52 -44.90 -31.63 2.16
N GLU B 53 -43.74 -32.01 2.70
CA GLU B 53 -42.78 -31.09 3.27
C GLU B 53 -41.38 -31.34 2.72
N PRO B 54 -40.52 -30.32 2.75
CA PRO B 54 -39.24 -30.38 2.02
C PRO B 54 -38.37 -31.58 2.37
N LYS B 55 -37.92 -32.31 1.36
CA LYS B 55 -37.04 -33.45 1.58
C LYS B 55 -35.58 -33.05 1.77
N HIS B 56 -35.24 -31.77 1.63
CA HIS B 56 -33.89 -31.29 1.91
C HIS B 56 -33.98 -30.00 2.69
N ARG B 57 -33.17 -29.89 3.74
CA ARG B 57 -33.20 -28.72 4.60
C ARG B 57 -31.99 -27.85 4.36
N THR B 58 -32.23 -26.55 4.25
CA THR B 58 -31.20 -25.56 3.95
C THR B 58 -30.85 -24.78 5.21
N TYR B 59 -29.56 -24.68 5.49
CA TYR B 59 -29.09 -24.00 6.69
C TYR B 59 -27.97 -23.03 6.36
N THR B 60 -27.87 -21.98 7.15
CA THR B 60 -26.63 -21.24 7.27
C THR B 60 -25.64 -22.07 8.09
N LEU B 61 -24.35 -21.79 7.91
CA LEU B 61 -23.36 -22.48 8.72
C LEU B 61 -23.63 -22.31 10.22
N ALA B 62 -24.05 -21.10 10.62
CA ALA B 62 -24.26 -20.82 12.03
C ALA B 62 -25.40 -21.64 12.61
N THR B 63 -26.55 -21.65 11.94
CA THR B 63 -27.68 -22.43 12.44
C THR B 63 -27.34 -23.92 12.48
N PHE B 64 -26.63 -24.41 11.47
CA PHE B 64 -26.26 -25.82 11.45
C PHE B 64 -25.34 -26.18 12.61
N LEU B 65 -24.37 -25.32 12.92
CA LEU B 65 -23.46 -25.62 14.03
C LEU B 65 -24.20 -25.56 15.36
N LYS B 66 -25.13 -24.62 15.51
CA LYS B 66 -25.94 -24.61 16.73
C LYS B 66 -26.78 -25.88 16.85
N LEU B 67 -27.35 -26.35 15.75
CA LEU B 67 -28.10 -27.61 15.76
C LEU B 67 -27.20 -28.78 16.15
N LEU B 68 -25.98 -28.83 15.60
CA LEU B 68 -25.04 -29.88 15.94
C LEU B 68 -24.66 -29.85 17.41
N GLU B 69 -24.44 -28.66 17.96
CA GLU B 69 -24.11 -28.54 19.38
C GLU B 69 -25.28 -28.99 20.24
N GLU B 70 -26.50 -28.61 19.86
CA GLU B 70 -27.68 -29.02 20.62
C GLU B 70 -27.83 -30.53 20.61
N LYS B 71 -27.52 -31.18 19.50
CA LYS B 71 -27.61 -32.63 19.41
C LYS B 71 -26.33 -33.32 19.86
N GLN B 72 -25.32 -32.56 20.30
CA GLN B 72 -24.04 -33.10 20.75
C GLN B 72 -23.39 -33.98 19.68
N ILE B 73 -23.34 -33.47 18.46
CA ILE B 73 -22.71 -34.16 17.34
C ILE B 73 -21.42 -33.41 16.99
N ARG B 74 -20.32 -34.13 16.94
CA ARG B 74 -19.03 -33.55 16.58
C ARG B 74 -18.96 -33.36 15.06
N TRP B 75 -18.62 -32.16 14.63
CA TRP B 75 -18.45 -31.94 13.21
C TRP B 75 -17.01 -32.20 12.78
N PRO B 76 -16.80 -32.54 11.52
CA PRO B 76 -15.41 -32.72 11.03
C PRO B 76 -14.71 -31.37 10.89
N ALA B 77 -14.16 -30.87 12.00
CA ALA B 77 -13.51 -29.57 11.98
C ALA B 77 -12.21 -29.64 11.18
N PHE B 78 -11.99 -28.63 10.35
CA PHE B 78 -10.84 -28.62 9.45
C PHE B 78 -10.21 -27.24 9.46
N THR B 79 -9.00 -27.16 8.92
CA THR B 79 -8.27 -25.91 8.85
C THR B 79 -7.45 -25.90 7.58
N TYR B 80 -7.42 -24.77 6.91
CA TYR B 80 -6.52 -24.55 5.79
C TYR B 80 -5.13 -24.35 6.36
N HIS B 81 -4.28 -25.38 6.28
CA HIS B 81 -3.06 -25.38 7.07
C HIS B 81 -2.11 -24.26 6.65
N ASN B 82 -2.03 -23.95 5.36
CA ASN B 82 -1.11 -22.93 4.87
C ASN B 82 -1.82 -21.63 4.49
N GLN B 83 -3.04 -21.41 4.99
CA GLN B 83 -3.68 -20.11 4.85
C GLN B 83 -2.92 -19.07 5.67
N GLN B 84 -2.79 -17.88 5.12
CA GLN B 84 -2.25 -16.78 5.89
C GLN B 84 -3.14 -15.55 5.70
N GLY B 85 -3.46 -14.89 6.80
CA GLY B 85 -4.33 -13.74 6.80
C GLY B 85 -5.79 -14.08 6.93
N ARG B 86 -6.66 -13.21 6.43
CA ARG B 86 -8.09 -13.35 6.60
C ARG B 86 -8.69 -14.05 5.39
N MET B 87 -9.45 -15.12 5.63
CA MET B 87 -10.24 -15.76 4.60
C MET B 87 -11.59 -15.05 4.50
N ASP B 88 -11.83 -14.39 3.37
CA ASP B 88 -13.08 -13.68 3.13
C ASP B 88 -14.10 -14.66 2.56
N PHE B 89 -15.09 -15.04 3.37
CA PHE B 89 -16.10 -16.01 2.96
C PHE B 89 -17.22 -15.34 2.20
N GLN B 90 -17.67 -15.98 1.12
CA GLN B 90 -18.83 -15.53 0.36
C GLN B 90 -20.09 -16.30 0.73
N ASN B 91 -20.08 -17.61 0.58
CA ASN B 91 -21.20 -18.44 0.99
C ASN B 91 -20.67 -19.55 1.91
N ARG B 92 -21.40 -19.80 2.98
CA ARG B 92 -21.17 -20.96 3.85
C ARG B 92 -22.53 -21.61 4.05
N LEU B 93 -22.86 -22.53 3.17
CA LEU B 93 -24.20 -23.08 3.05
C LEU B 93 -24.22 -24.57 3.38
N ILE B 94 -25.35 -25.02 3.91
CA ILE B 94 -25.54 -26.42 4.29
C ILE B 94 -26.82 -26.92 3.64
N SER B 95 -26.76 -28.11 3.08
CA SER B 95 -27.93 -28.86 2.62
C SER B 95 -27.95 -30.21 3.33
N LEU B 96 -29.03 -30.50 4.03
CA LEU B 96 -29.16 -31.72 4.82
C LEU B 96 -30.28 -32.57 4.25
N SER B 97 -29.94 -33.77 3.76
CA SER B 97 -30.95 -34.64 3.18
C SER B 97 -31.57 -35.54 4.24
N GLU B 98 -32.59 -36.27 3.82
CA GLU B 98 -33.45 -37.00 4.75
C GLU B 98 -32.72 -38.12 5.46
N ASP B 99 -31.71 -38.72 4.84
CA ASP B 99 -30.95 -39.78 5.46
C ASP B 99 -29.75 -39.27 6.26
N GLY B 100 -29.59 -37.96 6.35
CA GLY B 100 -28.54 -37.38 7.15
C GLY B 100 -27.27 -37.00 6.42
N THR B 101 -27.31 -36.88 5.09
CA THR B 101 -26.13 -36.47 4.34
C THR B 101 -26.02 -34.96 4.35
N VAL B 102 -24.93 -34.43 4.90
CA VAL B 102 -24.67 -33.00 4.94
C VAL B 102 -23.86 -32.64 3.72
N MET B 103 -24.38 -31.74 2.89
CA MET B 103 -23.61 -31.11 1.84
C MET B 103 -23.23 -29.71 2.30
N TYR B 104 -21.96 -29.40 2.25
CA TYR B 104 -21.45 -28.11 2.69
C TYR B 104 -20.78 -27.41 1.52
N LEU B 105 -21.12 -26.13 1.33
CA LEU B 105 -20.47 -25.28 0.34
C LEU B 105 -19.83 -24.10 1.03
N GLU B 106 -18.53 -23.92 0.80
CA GLU B 106 -17.76 -22.83 1.37
C GLU B 106 -17.08 -22.13 0.19
N ARG B 107 -17.49 -20.92 -0.11
CA ARG B 107 -16.83 -20.12 -1.13
C ARG B 107 -16.05 -19.01 -0.48
N PHE B 108 -14.79 -18.83 -0.89
CA PHE B 108 -13.89 -17.97 -0.15
C PHE B 108 -12.91 -17.27 -1.06
N THR B 109 -12.27 -16.26 -0.52
CA THR B 109 -11.04 -15.69 -1.04
C THR B 109 -10.02 -15.72 0.08
N SER B 110 -8.81 -16.15 -0.22
CA SER B 110 -7.78 -16.22 0.81
C SER B 110 -6.40 -16.26 0.17
N THR B 111 -5.41 -15.81 0.92
CA THR B 111 -4.01 -15.95 0.56
C THR B 111 -3.45 -17.21 1.21
N PHE B 112 -2.49 -17.84 0.53
CA PHE B 112 -1.88 -19.08 0.97
C PHE B 112 -0.37 -18.98 0.84
N GLN B 113 0.34 -19.57 1.79
CA GLN B 113 1.79 -19.63 1.75
C GLN B 113 2.25 -20.48 0.58
N ALA B 114 3.39 -20.10 0.01
CA ALA B 114 4.02 -20.85 -1.08
C ALA B 114 5.46 -21.14 -0.66
N PRO B 115 5.66 -22.04 0.29
CA PRO B 115 7.01 -22.25 0.82
C PRO B 115 7.91 -23.08 -0.08
N ALA B 116 7.40 -23.59 -1.19
CA ALA B 116 8.22 -24.32 -2.14
C ALA B 116 8.84 -23.44 -3.22
N PHE B 117 8.61 -22.14 -3.20
CA PHE B 117 9.29 -21.24 -4.14
C PHE B 117 10.79 -21.47 -4.12
N ASP B 118 11.34 -21.78 -5.28
CA ASP B 118 12.78 -21.90 -5.48
C ASP B 118 13.11 -21.06 -6.71
N PHE B 119 13.81 -19.94 -6.51
CA PHE B 119 14.08 -18.98 -7.57
C PHE B 119 15.42 -19.20 -8.24
N ARG B 120 16.07 -20.34 -8.02
CA ARG B 120 17.43 -20.53 -8.51
C ARG B 120 17.50 -20.40 -10.03
N LEU B 121 16.50 -20.88 -10.75
CA LEU B 121 16.47 -20.81 -12.20
C LEU B 121 15.67 -19.63 -12.71
N PHE B 122 15.20 -18.76 -11.83
CA PHE B 122 14.37 -17.64 -12.22
C PHE B 122 15.04 -16.86 -13.35
N PRO B 123 14.32 -16.53 -14.43
CA PRO B 123 12.89 -16.72 -14.68
C PRO B 123 12.47 -18.00 -15.40
N PHE B 124 13.31 -19.03 -15.48
CA PHE B 124 12.95 -20.28 -16.13
C PHE B 124 12.52 -21.34 -15.12
N ASP B 125 11.91 -20.92 -14.02
CA ASP B 125 11.54 -21.79 -12.93
C ASP B 125 10.10 -22.27 -13.05
N ASN B 126 9.87 -23.51 -12.65
CA ASN B 126 8.54 -24.09 -12.50
C ASN B 126 8.28 -24.27 -11.01
N GLN B 127 7.24 -23.64 -10.50
CA GLN B 127 6.99 -23.62 -9.07
C GLN B 127 5.84 -24.54 -8.69
N LEU B 128 5.84 -24.97 -7.44
CA LEU B 128 4.80 -25.81 -6.87
C LEU B 128 3.92 -24.99 -5.95
N PHE B 129 2.62 -25.02 -6.19
CA PHE B 129 1.62 -24.35 -5.36
C PHE B 129 0.66 -25.39 -4.82
N PHE B 130 0.32 -25.30 -3.54
CA PHE B 130 -0.60 -26.25 -2.96
C PHE B 130 -1.49 -25.56 -1.94
N ILE B 131 -2.62 -26.19 -1.67
CA ILE B 131 -3.48 -25.86 -0.55
C ILE B 131 -3.66 -27.13 0.27
N HIS B 132 -3.35 -27.04 1.56
CA HIS B 132 -3.57 -28.14 2.48
C HIS B 132 -4.86 -27.90 3.25
N VAL B 133 -5.73 -28.90 3.30
CA VAL B 133 -6.91 -28.87 4.15
C VAL B 133 -6.75 -29.97 5.18
N ASP B 134 -6.65 -29.59 6.45
CA ASP B 134 -6.30 -30.49 7.54
C ASP B 134 -7.52 -30.81 8.38
N SER B 135 -7.70 -32.08 8.66
CA SER B 135 -8.66 -32.51 9.68
C SER B 135 -8.07 -32.26 11.05
N ILE B 136 -8.77 -31.51 11.88
CA ILE B 136 -8.28 -31.28 13.24
C ILE B 136 -8.38 -32.56 14.08
N PHE B 137 -9.48 -33.28 13.97
CA PHE B 137 -9.68 -34.51 14.74
C PHE B 137 -8.97 -35.70 14.10
N PRO B 138 -8.58 -36.68 14.90
CA PRO B 138 -7.77 -37.79 14.39
C PRO B 138 -8.58 -38.74 13.51
N GLN B 139 -7.85 -39.60 12.80
CA GLN B 139 -8.45 -40.45 11.77
C GLN B 139 -9.30 -41.60 12.30
N HIS B 140 -9.30 -41.86 13.61
CA HIS B 140 -10.26 -42.83 14.12
C HIS B 140 -11.63 -42.21 14.34
N LEU B 141 -11.76 -40.89 14.21
CA LEU B 141 -13.05 -40.20 14.21
C LEU B 141 -13.52 -39.86 12.80
N PHE B 142 -12.68 -39.20 12.01
CA PHE B 142 -13.02 -38.81 10.65
C PHE B 142 -11.88 -39.16 9.72
N ARG B 143 -12.23 -39.67 8.54
CA ARG B 143 -11.27 -40.01 7.51
C ARG B 143 -11.66 -39.26 6.24
N PHE B 144 -10.83 -38.31 5.84
CA PHE B 144 -11.09 -37.56 4.61
C PHE B 144 -11.02 -38.49 3.41
N GLN B 145 -11.96 -38.34 2.50
CA GLN B 145 -11.94 -38.96 1.18
C GLN B 145 -11.87 -37.86 0.13
N GLU B 146 -11.80 -38.27 -1.13
CA GLU B 146 -11.78 -37.34 -2.25
C GLU B 146 -13.16 -37.31 -2.89
N MET B 147 -13.76 -36.11 -2.91
CA MET B 147 -14.97 -35.88 -3.68
C MET B 147 -14.63 -35.99 -5.16
N GLN B 148 -15.44 -36.74 -5.89
CA GLN B 148 -15.16 -37.02 -7.30
C GLN B 148 -15.84 -36.00 -8.20
N GLY B 149 -15.12 -35.59 -9.24
CA GLY B 149 -15.65 -34.67 -10.22
C GLY B 149 -15.81 -33.24 -9.77
N PHE B 150 -15.08 -32.80 -8.74
CA PHE B 150 -15.19 -31.41 -8.32
C PHE B 150 -13.84 -30.70 -8.27
N SER B 151 -12.82 -31.35 -7.73
CA SER B 151 -11.58 -30.66 -7.42
C SER B 151 -10.80 -30.31 -8.67
N GLY B 152 -10.01 -29.25 -8.56
CA GLY B 152 -9.13 -28.88 -9.64
C GLY B 152 -9.01 -27.39 -9.79
N LEU B 153 -8.71 -26.95 -11.01
CA LEU B 153 -8.57 -25.55 -11.34
C LEU B 153 -9.59 -25.20 -12.42
N GLY B 154 -9.96 -23.93 -12.49
CA GLY B 154 -11.04 -23.49 -13.33
C GLY B 154 -10.58 -23.11 -14.73
N ASP B 155 -11.53 -22.60 -15.50
CA ASP B 155 -11.28 -22.20 -16.88
C ASP B 155 -10.81 -20.76 -17.02
N GLN B 156 -11.19 -19.88 -16.10
CA GLN B 156 -10.76 -18.48 -16.13
C GLN B 156 -10.03 -18.17 -14.83
N LEU B 157 -8.74 -18.50 -14.77
CA LEU B 157 -8.01 -18.24 -13.55
C LEU B 157 -7.57 -16.80 -13.43
N GLY B 158 -7.54 -16.07 -14.55
CA GLY B 158 -7.22 -14.67 -14.53
C GLY B 158 -5.77 -14.34 -14.27
N GLU B 159 -4.88 -15.30 -14.41
CA GLU B 159 -3.45 -15.11 -14.18
C GLU B 159 -2.75 -14.99 -15.52
N GLU B 160 -2.02 -13.89 -15.71
CA GLU B 160 -1.40 -13.58 -17.00
C GLU B 160 0.06 -13.98 -17.09
N GLU B 161 0.83 -13.86 -16.02
CA GLU B 161 2.25 -14.22 -16.11
C GLU B 161 2.48 -15.71 -16.01
N TRP B 162 1.66 -16.43 -15.26
CA TRP B 162 1.88 -17.84 -14.99
C TRP B 162 0.96 -18.72 -15.82
N ILE B 163 1.46 -19.90 -16.17
CA ILE B 163 0.70 -20.91 -16.90
C ILE B 163 0.74 -22.19 -16.09
N VAL B 164 -0.45 -22.72 -15.77
CA VAL B 164 -0.56 -23.96 -15.03
C VAL B 164 -0.20 -25.14 -15.93
N THR B 165 0.69 -25.99 -15.45
CA THR B 165 1.21 -27.12 -16.21
C THR B 165 0.72 -28.47 -15.73
N GLU B 166 0.38 -28.61 -14.46
CA GLU B 166 -0.07 -29.88 -13.90
C GLU B 166 -0.91 -29.59 -12.66
N VAL B 167 -2.01 -30.30 -12.52
CA VAL B 167 -2.90 -30.17 -11.38
C VAL B 167 -3.13 -31.55 -10.79
N ASN B 168 -3.10 -31.64 -9.47
CA ASN B 168 -3.11 -32.93 -8.79
C ASN B 168 -3.81 -32.80 -7.45
N THR B 169 -4.42 -33.90 -7.02
CA THR B 169 -5.03 -34.02 -5.71
C THR B 169 -4.62 -35.35 -5.10
N HIS B 170 -4.55 -35.40 -3.78
CA HIS B 170 -4.32 -36.66 -3.08
C HIS B 170 -4.56 -36.45 -1.59
N LEU B 171 -4.45 -37.54 -0.83
CA LEU B 171 -4.72 -37.55 0.59
C LEU B 171 -3.50 -38.03 1.34
N THR B 172 -3.16 -37.36 2.43
CA THR B 172 -2.03 -37.75 3.27
C THR B 172 -2.44 -37.55 4.72
N THR B 173 -1.46 -37.55 5.61
CA THR B 173 -1.70 -37.44 7.04
C THR B 173 -0.88 -36.30 7.63
N HIS B 174 -1.27 -35.90 8.83
CA HIS B 174 -0.56 -34.92 9.62
C HIS B 174 -0.75 -35.28 11.08
N ASN B 175 0.09 -34.71 11.94
CA ASN B 175 -0.01 -34.92 13.38
C ASN B 175 0.05 -33.58 14.11
N GLU B 176 -0.61 -32.55 13.58
CA GLU B 176 -0.46 -31.23 14.15
C GLU B 176 -0.91 -31.18 15.60
N PHE B 177 -2.13 -31.66 15.88
CA PHE B 177 -2.73 -31.48 17.20
C PHE B 177 -3.02 -32.78 17.94
N THR B 178 -2.83 -33.94 17.34
CA THR B 178 -3.15 -35.21 17.97
C THR B 178 -1.97 -36.17 17.83
N LYS B 179 -1.84 -37.06 18.82
CA LYS B 179 -0.85 -38.12 18.71
C LYS B 179 -1.15 -39.02 17.51
N GLY B 180 -2.42 -39.38 17.31
CA GLY B 180 -2.80 -40.17 16.16
C GLY B 180 -2.78 -39.38 14.87
N ASP B 181 -2.73 -40.09 13.76
CA ASP B 181 -2.74 -39.45 12.45
C ASP B 181 -4.09 -38.81 12.17
N ALA B 182 -4.05 -37.67 11.50
CA ALA B 182 -5.25 -36.98 11.05
C ALA B 182 -5.15 -36.77 9.54
N SER B 183 -6.30 -36.78 8.88
CA SER B 183 -6.34 -36.67 7.43
C SER B 183 -5.86 -35.31 6.95
N ARG B 184 -5.24 -35.30 5.78
CA ARG B 184 -4.87 -34.08 5.09
C ARG B 184 -5.23 -34.22 3.62
N PHE B 185 -6.05 -33.32 3.11
CA PHE B 185 -6.34 -33.21 1.69
C PHE B 185 -5.40 -32.19 1.06
N VAL B 186 -4.80 -32.55 -0.07
CA VAL B 186 -3.89 -31.67 -0.78
C VAL B 186 -4.40 -31.44 -2.19
N LEU B 187 -4.49 -30.18 -2.59
CA LEU B 187 -4.67 -29.79 -3.98
C LEU B 187 -3.42 -29.03 -4.39
N GLU B 188 -2.67 -29.58 -5.33
CA GLU B 188 -1.45 -28.93 -5.78
C GLU B 188 -1.45 -28.76 -7.29
N PHE B 189 -0.72 -27.75 -7.73
CA PHE B 189 -0.54 -27.50 -9.16
C PHE B 189 0.83 -26.89 -9.37
N HIS B 190 1.36 -27.12 -10.56
CA HIS B 190 2.65 -26.59 -10.98
C HIS B 190 2.42 -25.50 -12.01
N ALA B 191 3.20 -24.42 -11.93
CA ALA B 191 3.10 -23.32 -12.86
C ALA B 191 4.49 -22.88 -13.31
N GLU B 192 4.58 -22.47 -14.57
CA GLU B 192 5.76 -21.84 -15.12
C GLU B 192 5.38 -20.44 -15.61
N ARG B 193 6.40 -19.65 -15.93
CA ARG B 193 6.19 -18.27 -16.34
C ARG B 193 6.13 -18.17 -17.86
N HIS B 194 5.39 -17.17 -18.33
CA HIS B 194 5.57 -16.61 -19.66
C HIS B 194 6.81 -15.74 -19.64
N LEU B 195 7.68 -15.93 -20.62
CA LEU B 195 8.95 -15.22 -20.63
C LEU B 195 8.93 -13.92 -21.42
N ASN B 196 7.80 -13.58 -22.04
CA ASN B 196 7.75 -12.40 -22.88
C ASN B 196 8.13 -11.14 -22.11
N TYR B 197 7.68 -11.04 -20.86
CA TYR B 197 7.99 -9.86 -20.08
C TYR B 197 9.49 -9.68 -19.91
N TYR B 198 10.20 -10.79 -19.69
CA TYR B 198 11.62 -10.73 -19.41
C TYR B 198 12.43 -10.50 -20.66
N LEU B 199 11.98 -11.04 -21.79
CA LEU B 199 12.60 -10.72 -23.06
C LEU B 199 12.46 -9.23 -23.38
N MET B 200 11.26 -8.68 -23.19
CA MET B 200 11.02 -7.31 -23.63
C MET B 200 11.62 -6.29 -22.68
N ARG B 201 11.43 -6.47 -21.38
CA ARG B 201 11.79 -5.44 -20.43
C ARG B 201 13.17 -5.62 -19.82
N ILE B 202 13.72 -6.83 -19.85
CA ILE B 202 15.00 -7.09 -19.21
C ILE B 202 16.06 -7.50 -20.23
N LEU B 203 15.79 -8.56 -20.98
CA LEU B 203 16.81 -9.13 -21.85
C LEU B 203 17.21 -8.15 -22.95
N ILE B 204 16.23 -7.65 -23.70
CA ILE B 204 16.49 -6.85 -24.89
C ILE B 204 17.12 -5.51 -24.53
N PRO B 205 16.66 -4.82 -23.49
CA PRO B 205 17.38 -3.59 -23.08
C PRO B 205 18.84 -3.83 -22.74
N VAL B 206 19.14 -4.88 -21.96
CA VAL B 206 20.53 -5.16 -21.61
C VAL B 206 21.34 -5.50 -22.85
N LEU B 207 20.78 -6.31 -23.73
CA LEU B 207 21.47 -6.65 -24.97
C LEU B 207 21.72 -5.41 -25.81
N LEU B 208 20.72 -4.52 -25.90
CA LEU B 208 20.90 -3.31 -26.69
C LEU B 208 22.00 -2.45 -26.11
N ILE B 209 22.03 -2.29 -24.79
CA ILE B 209 23.07 -1.48 -24.16
C ILE B 209 24.45 -2.07 -24.44
N ILE B 210 24.60 -3.38 -24.24
CA ILE B 210 25.88 -4.03 -24.47
C ILE B 210 26.30 -3.87 -25.94
N THR B 211 25.39 -4.15 -26.87
CA THR B 211 25.75 -4.11 -28.28
C THR B 211 26.01 -2.69 -28.77
N VAL B 212 25.21 -1.72 -28.32
CA VAL B 212 25.43 -0.34 -28.70
C VAL B 212 26.77 0.13 -28.19
N SER B 213 27.16 -0.33 -27.00
CA SER B 213 28.51 -0.07 -26.52
C SER B 213 29.56 -0.68 -27.45
N TRP B 214 29.37 -1.93 -27.84
CA TRP B 214 30.36 -2.56 -28.72
C TRP B 214 30.49 -1.79 -30.03
N PHE B 215 29.36 -1.42 -30.63
CA PHE B 215 29.41 -0.66 -31.87
C PHE B 215 30.14 0.67 -31.67
N THR B 216 29.87 1.36 -30.55
CA THR B 216 30.58 2.59 -30.28
C THR B 216 32.06 2.36 -29.99
N PHE B 217 32.47 1.11 -29.73
CA PHE B 217 33.89 0.82 -29.53
C PHE B 217 34.70 0.97 -30.81
N PHE B 218 34.05 1.03 -31.97
CA PHE B 218 34.77 1.20 -33.25
C PHE B 218 35.19 2.64 -33.50
N LEU B 219 34.96 3.56 -32.56
CA LEU B 219 35.44 4.92 -32.72
C LEU B 219 36.96 4.98 -32.72
N GLN B 220 37.59 4.19 -31.85
CA GLN B 220 39.03 4.25 -31.60
C GLN B 220 39.42 5.42 -30.70
N ASP B 221 38.51 5.84 -29.81
CA ASP B 221 38.78 6.88 -28.82
C ASP B 221 38.65 6.30 -27.41
N TYR B 222 39.77 5.86 -26.84
CA TYR B 222 39.75 5.10 -25.58
C TYR B 222 38.99 5.82 -24.47
N THR B 223 39.13 7.14 -24.37
CA THR B 223 38.41 7.88 -23.33
C THR B 223 36.90 7.72 -23.48
N LYS B 224 36.41 7.75 -24.72
CA LYS B 224 34.98 7.53 -24.93
C LYS B 224 34.57 6.15 -24.45
N ARG B 225 35.41 5.15 -24.69
CA ARG B 225 35.12 3.82 -24.18
C ARG B 225 34.99 3.82 -22.67
N ILE B 226 35.93 4.49 -21.99
CA ILE B 226 35.88 4.48 -20.53
C ILE B 226 34.63 5.18 -20.02
N ASP B 227 34.33 6.35 -20.57
CA ASP B 227 33.12 7.07 -20.16
C ASP B 227 31.88 6.21 -20.37
N LEU B 228 31.73 5.67 -21.58
CA LEU B 228 30.54 4.89 -21.92
C LEU B 228 30.43 3.66 -21.04
N ALA B 229 31.56 3.00 -20.76
CA ALA B 229 31.53 1.80 -19.93
C ALA B 229 31.14 2.13 -18.49
N GLY B 230 31.67 3.23 -17.94
CA GLY B 230 31.22 3.64 -16.62
C GLY B 230 29.73 3.88 -16.56
N GLY B 231 29.20 4.59 -17.56
CA GLY B 231 27.75 4.77 -17.63
C GLY B 231 27.01 3.45 -17.71
N ASN B 232 27.50 2.53 -18.53
CA ASN B 232 26.85 1.23 -18.67
C ASN B 232 26.85 0.46 -17.34
N LEU B 233 27.95 0.54 -16.60
CA LEU B 233 28.00 -0.11 -15.29
C LEU B 233 26.96 0.50 -14.36
N LEU B 234 26.84 1.82 -14.36
CA LEU B 234 25.82 2.45 -13.52
C LEU B 234 24.44 1.93 -13.89
N LEU B 235 24.15 1.87 -15.19
CA LEU B 235 22.83 1.43 -15.62
C LEU B 235 22.58 -0.02 -15.25
N PHE B 236 23.60 -0.87 -15.39
CA PHE B 236 23.45 -2.26 -14.99
C PHE B 236 23.17 -2.39 -13.50
N ILE B 237 23.75 -1.51 -12.68
CA ILE B 237 23.47 -1.58 -11.24
C ILE B 237 22.05 -1.11 -10.94
N ALA B 238 21.54 -0.15 -11.72
CA ALA B 238 20.12 0.20 -11.62
C ALA B 238 19.24 -0.99 -11.96
N PHE B 239 19.59 -1.73 -13.00
CA PHE B 239 18.87 -2.95 -13.34
C PHE B 239 18.95 -3.97 -12.22
N ASN B 240 20.12 -4.11 -11.60
CA ASN B 240 20.25 -5.02 -10.46
C ASN B 240 19.25 -4.65 -9.36
N PHE B 241 19.21 -3.38 -8.96
CA PHE B 241 18.31 -2.97 -7.89
C PHE B 241 16.85 -3.20 -8.28
N THR B 242 16.47 -2.81 -9.50
CA THR B 242 15.10 -3.02 -9.97
C THR B 242 14.72 -4.50 -9.92
N ILE B 243 15.53 -5.35 -10.54
CA ILE B 243 15.19 -6.77 -10.61
C ILE B 243 15.13 -7.37 -9.21
N SER B 244 16.10 -7.04 -8.35
CA SER B 244 16.10 -7.61 -7.01
C SER B 244 14.89 -7.15 -6.21
N SER B 245 14.35 -5.97 -6.52
CA SER B 245 13.18 -5.50 -5.79
C SER B 245 12.01 -6.48 -5.86
N ASP B 246 11.87 -7.20 -6.98
CA ASP B 246 10.72 -8.07 -7.23
C ASP B 246 10.83 -9.44 -6.55
N LEU B 247 12.00 -9.81 -6.07
CA LEU B 247 12.25 -11.08 -5.39
C LEU B 247 12.34 -10.86 -3.89
N PRO B 248 12.35 -11.92 -3.10
CA PRO B 248 12.70 -11.81 -1.68
C PRO B 248 14.22 -11.68 -1.53
N ARG B 249 14.64 -11.41 -0.30
CA ARG B 249 16.06 -11.26 0.01
C ARG B 249 16.64 -12.66 0.22
N LEU B 250 16.85 -13.34 -0.91
CA LEU B 250 17.23 -14.75 -0.89
C LEU B 250 18.63 -14.94 -0.32
N GLY B 251 18.83 -16.09 0.31
CA GLY B 251 20.11 -16.51 0.81
C GLY B 251 20.98 -17.21 -0.19
N TYR B 252 20.53 -17.36 -1.42
CA TYR B 252 21.27 -18.03 -2.48
C TYR B 252 21.21 -17.18 -3.75
N ILE B 253 22.05 -17.54 -4.71
CA ILE B 253 22.19 -16.78 -5.95
C ILE B 253 21.21 -17.30 -6.99
N THR B 254 20.50 -16.39 -7.62
CA THR B 254 19.62 -16.70 -8.73
C THR B 254 20.40 -16.60 -10.04
N LEU B 255 19.89 -17.29 -11.06
CA LEU B 255 20.46 -17.16 -12.40
C LEU B 255 20.51 -15.71 -12.85
N MET B 256 19.45 -14.93 -12.56
CA MET B 256 19.44 -13.51 -12.88
C MET B 256 20.56 -12.77 -12.16
N ASP B 257 20.80 -13.10 -10.89
CA ASP B 257 21.92 -12.54 -10.17
C ASP B 257 23.24 -12.85 -10.84
N ALA B 258 23.41 -14.10 -11.30
CA ALA B 258 24.64 -14.46 -11.99
C ALA B 258 24.82 -13.64 -13.26
N PHE B 259 23.74 -13.46 -14.03
CA PHE B 259 23.85 -12.68 -15.27
C PHE B 259 24.21 -11.23 -14.98
N LEU B 260 23.60 -10.64 -13.95
CA LEU B 260 23.89 -9.25 -13.62
C LEU B 260 25.31 -9.07 -13.09
N VAL B 261 25.79 -10.01 -12.28
CA VAL B 261 27.18 -9.95 -11.84
C VAL B 261 28.13 -10.07 -13.01
N GLY B 262 27.79 -10.91 -13.98
CA GLY B 262 28.57 -10.98 -15.20
C GLY B 262 28.61 -9.65 -15.93
N THR B 263 27.48 -8.97 -16.03
CA THR B 263 27.49 -7.67 -16.70
C THR B 263 28.38 -6.69 -15.95
N PHE B 264 28.27 -6.63 -14.61
CA PHE B 264 29.16 -5.78 -13.83
C PHE B 264 30.62 -6.05 -14.17
N ILE B 265 31.02 -7.31 -14.09
CA ILE B 265 32.43 -7.66 -14.21
C ILE B 265 32.94 -7.39 -15.62
N ILE B 266 32.16 -7.75 -16.64
CA ILE B 266 32.59 -7.51 -18.00
C ILE B 266 32.75 -6.02 -18.25
N THR B 267 31.82 -5.21 -17.77
CA THR B 267 31.96 -3.76 -17.92
C THR B 267 33.24 -3.26 -17.25
N ALA B 268 33.51 -3.72 -16.02
CA ALA B 268 34.71 -3.27 -15.34
C ALA B 268 35.98 -3.67 -16.10
N LEU B 269 36.02 -4.90 -16.59
CA LEU B 269 37.17 -5.34 -17.37
C LEU B 269 37.32 -4.50 -18.64
N VAL B 270 36.20 -4.10 -19.24
CA VAL B 270 36.27 -3.22 -20.40
C VAL B 270 36.97 -1.93 -20.03
N VAL B 271 36.54 -1.32 -18.93
CA VAL B 271 37.15 -0.06 -18.48
C VAL B 271 38.65 -0.26 -18.23
N LEU B 272 39.01 -1.34 -17.55
CA LEU B 272 40.41 -1.58 -17.23
C LEU B 272 41.25 -1.70 -18.51
N GLY B 273 40.78 -2.50 -19.46
CA GLY B 273 41.50 -2.64 -20.72
C GLY B 273 41.64 -1.32 -21.43
N ASN B 274 40.60 -0.47 -21.36
CA ASN B 274 40.69 0.82 -22.03
C ASN B 274 41.69 1.74 -21.34
N VAL B 275 41.79 1.69 -20.02
CA VAL B 275 42.79 2.48 -19.33
C VAL B 275 44.18 2.03 -19.73
N TRP B 276 44.39 0.71 -19.80
CA TRP B 276 45.69 0.20 -20.25
C TRP B 276 45.99 0.67 -21.67
N LEU B 277 45.00 0.62 -22.56
CA LEU B 277 45.22 1.11 -23.93
C LEU B 277 45.54 2.60 -23.93
N ARG B 278 44.86 3.37 -23.09
CA ARG B 278 45.04 4.82 -23.09
C ARG B 278 46.40 5.21 -22.54
N ARG B 279 46.92 4.48 -21.56
CA ARG B 279 48.28 4.73 -21.10
C ARG B 279 49.31 4.19 -22.09
N LEU B 280 48.98 3.13 -22.83
CA LEU B 280 49.87 2.67 -23.88
C LEU B 280 50.03 3.74 -24.95
N GLU B 281 48.92 4.35 -25.37
CA GLU B 281 48.97 5.47 -26.29
C GLU B 281 49.57 6.71 -25.64
N ASN B 282 49.51 6.82 -24.31
CA ASN B 282 50.05 7.98 -23.63
C ASN B 282 51.57 7.97 -23.60
N HIS B 283 52.17 6.82 -23.29
CA HIS B 283 53.63 6.71 -23.17
C HIS B 283 54.30 6.29 -24.46
N GLY B 284 53.71 6.61 -25.61
CA GLY B 284 54.38 6.48 -26.89
C GLY B 284 53.94 5.29 -27.72
N LYS B 285 53.31 4.29 -27.12
CA LYS B 285 52.94 3.07 -27.84
C LYS B 285 51.54 3.21 -28.43
N GLN B 286 51.44 4.09 -29.42
CA GLN B 286 50.18 4.25 -30.13
C GLN B 286 49.92 3.09 -31.10
N ALA B 287 50.95 2.63 -31.81
CA ALA B 287 50.77 1.55 -32.77
C ALA B 287 50.50 0.22 -32.07
N LEU B 288 51.26 -0.07 -31.01
CA LEU B 288 50.96 -1.22 -30.18
C LEU B 288 49.57 -1.10 -29.57
N ALA B 289 49.19 0.11 -29.16
CA ALA B 289 47.87 0.33 -28.62
C ALA B 289 46.80 -0.05 -29.62
N ARG B 290 46.94 0.38 -30.88
CA ARG B 290 45.93 0.05 -31.89
C ARG B 290 45.91 -1.44 -32.20
N LYS B 291 47.10 -2.05 -32.34
CA LYS B 291 47.15 -3.48 -32.60
C LYS B 291 46.42 -4.26 -31.51
N LEU B 292 46.61 -3.89 -30.25
CA LEU B 292 45.92 -4.59 -29.17
C LEU B 292 44.45 -4.20 -29.09
N ASP B 293 44.10 -2.97 -29.52
CA ASP B 293 42.70 -2.60 -29.65
C ASP B 293 41.97 -3.57 -30.56
N ILE B 294 42.68 -4.11 -31.55
CA ILE B 294 42.07 -5.16 -32.37
C ILE B 294 41.54 -6.29 -31.49
N TYR B 295 42.37 -6.76 -30.54
CA TYR B 295 41.95 -7.85 -29.69
C TYR B 295 40.88 -7.41 -28.70
N ALA B 296 40.97 -6.18 -28.22
CA ALA B 296 39.91 -5.66 -27.36
C ALA B 296 38.55 -5.78 -28.04
N ILE B 297 38.46 -5.31 -29.28
CA ILE B 297 37.22 -5.45 -30.04
C ILE B 297 36.85 -6.92 -30.21
N THR B 298 37.80 -7.72 -30.69
CA THR B 298 37.49 -9.11 -31.01
C THR B 298 37.29 -9.97 -29.78
N SER B 299 37.40 -9.39 -28.57
CA SER B 299 37.19 -10.11 -27.33
C SER B 299 36.04 -9.57 -26.47
N TYR B 300 35.55 -8.37 -26.75
CA TYR B 300 34.38 -7.91 -26.00
C TYR B 300 33.20 -8.88 -26.07
N PRO B 301 32.80 -9.39 -27.24
CA PRO B 301 31.62 -10.29 -27.27
C PRO B 301 31.94 -11.74 -26.94
N LEU B 302 33.19 -12.16 -27.11
CA LEU B 302 33.57 -13.51 -26.69
C LEU B 302 33.32 -13.70 -25.21
N ALA B 303 33.63 -12.67 -24.41
CA ALA B 303 33.38 -12.75 -22.97
C ALA B 303 31.91 -12.99 -22.69
N TYR B 304 31.02 -12.27 -23.36
CA TYR B 304 29.60 -12.41 -23.08
C TYR B 304 29.07 -13.76 -23.52
N LEU B 305 29.43 -14.23 -24.71
CA LEU B 305 29.00 -15.56 -25.12
C LEU B 305 29.54 -16.64 -24.18
N LEU B 306 30.83 -16.56 -23.85
CA LEU B 306 31.43 -17.58 -23.00
C LEU B 306 30.79 -17.57 -21.62
N GLY B 307 30.55 -16.39 -21.07
CA GLY B 307 29.93 -16.31 -19.76
C GLY B 307 28.50 -16.80 -19.75
N ALA B 308 27.75 -16.52 -20.82
CA ALA B 308 26.40 -17.06 -20.92
C ALA B 308 26.42 -18.58 -20.95
N LEU B 309 27.35 -19.16 -21.71
CA LEU B 309 27.47 -20.61 -21.69
C LEU B 309 27.85 -21.13 -20.31
N THR B 310 28.71 -20.40 -19.61
CA THR B 310 29.10 -20.81 -18.26
C THR B 310 27.90 -20.79 -17.31
N LEU B 311 27.08 -19.75 -17.38
CA LEU B 311 25.88 -19.71 -16.54
C LEU B 311 24.95 -20.87 -16.87
N TRP B 312 24.74 -21.14 -18.16
CA TRP B 312 23.90 -22.27 -18.51
C TRP B 312 24.47 -23.56 -17.95
N LEU B 313 25.78 -23.77 -18.08
CA LEU B 313 26.40 -24.99 -17.55
C LEU B 313 26.20 -25.10 -16.06
N LEU B 314 26.37 -23.99 -15.33
CA LEU B 314 26.23 -24.03 -13.88
C LEU B 314 24.81 -24.38 -13.47
N PHE B 315 23.83 -23.64 -13.98
CA PHE B 315 22.50 -23.77 -13.40
C PHE B 315 21.73 -24.93 -14.02
N PHE B 316 21.93 -25.18 -15.31
CA PHE B 316 21.25 -26.25 -16.00
C PHE B 316 22.20 -27.43 -16.23
N GLU C 7 -28.46 11.88 41.55
CA GLU C 7 -27.06 12.28 41.53
C GLU C 7 -26.30 11.55 40.43
N PRO C 8 -25.42 12.27 39.74
CA PRO C 8 -24.64 11.66 38.67
C PRO C 8 -23.77 10.53 39.20
N SER C 9 -23.57 9.52 38.36
CA SER C 9 -22.74 8.37 38.69
C SER C 9 -21.29 8.64 38.28
N ASP C 10 -20.36 8.13 39.09
CA ASP C 10 -18.94 8.30 38.84
C ASP C 10 -18.40 7.15 37.99
N VAL C 11 -17.74 7.48 36.90
CA VAL C 11 -17.12 6.51 36.02
C VAL C 11 -15.62 6.80 36.03
N PHE C 12 -14.86 5.94 36.69
CA PHE C 12 -13.40 6.13 36.73
C PHE C 12 -12.76 5.57 35.49
N ILE C 13 -11.87 6.36 34.88
CA ILE C 13 -11.32 6.06 33.56
C ILE C 13 -9.80 5.98 33.65
N GLY C 14 -9.24 4.94 33.06
CA GLY C 14 -7.81 4.83 32.89
C GLY C 14 -7.48 4.41 31.48
N LEU C 15 -6.57 5.13 30.83
CA LEU C 15 -6.10 4.76 29.51
C LEU C 15 -4.60 4.52 29.56
N LYS C 16 -4.18 3.36 29.07
CA LYS C 16 -2.78 2.98 29.09
C LYS C 16 -2.31 2.73 27.67
N ILE C 17 -1.28 3.43 27.24
CA ILE C 17 -0.69 3.22 25.92
C ILE C 17 0.50 2.29 26.07
N ASP C 18 0.41 1.13 25.43
CA ASP C 18 1.46 0.13 25.51
C ASP C 18 2.40 0.14 24.32
N GLN C 19 1.90 0.46 23.13
CA GLN C 19 2.73 0.56 21.94
C GLN C 19 2.39 1.82 21.18
N ILE C 20 3.39 2.39 20.53
CA ILE C 20 3.18 3.32 19.45
C ILE C 20 3.59 2.57 18.18
N THR C 21 2.60 1.99 17.50
CA THR C 21 2.89 1.21 16.31
C THR C 21 3.35 2.10 15.16
N GLY C 22 3.01 3.38 15.19
CA GLY C 22 3.50 4.26 14.15
C GLY C 22 3.03 5.68 14.32
N ILE C 23 3.85 6.62 13.86
CA ILE C 23 3.50 8.03 13.80
C ILE C 23 3.58 8.43 12.34
N ASN C 24 2.45 8.78 11.76
CA ASN C 24 2.33 9.08 10.34
C ASN C 24 2.23 10.59 10.19
N GLN C 25 3.36 11.24 9.94
CA GLN C 25 3.34 12.70 9.87
C GLN C 25 2.75 13.21 8.56
N LYS C 26 2.74 12.40 7.50
CA LYS C 26 2.09 12.82 6.26
C LYS C 26 0.57 12.84 6.40
N GLU C 27 -0.01 11.77 6.94
CA GLU C 27 -1.44 11.74 7.25
C GLU C 27 -1.78 12.45 8.55
N GLU C 28 -0.79 12.89 9.31
CA GLU C 28 -1.00 13.57 10.59
C GLU C 28 -1.86 12.72 11.54
N ASN C 29 -1.43 11.49 11.74
CA ASN C 29 -2.09 10.60 12.68
C ASN C 29 -1.02 9.76 13.37
N PHE C 30 -1.43 9.04 14.40
CA PHE C 30 -0.55 8.09 15.07
C PHE C 30 -1.39 6.90 15.49
N SER C 31 -0.77 5.74 15.52
CA SER C 31 -1.43 4.50 15.89
C SER C 31 -0.82 3.94 17.16
N VAL C 32 -1.66 3.35 18.00
CA VAL C 32 -1.22 2.84 19.29
C VAL C 32 -1.89 1.51 19.55
N VAL C 33 -1.24 0.72 20.39
CA VAL C 33 -1.86 -0.40 21.08
C VAL C 33 -1.99 0.04 22.53
N GLY C 34 -3.21 0.03 23.06
CA GLY C 34 -3.43 0.48 24.41
C GLY C 34 -4.58 -0.26 25.06
N SER C 35 -4.82 0.06 26.32
CA SER C 35 -5.88 -0.59 27.08
C SER C 35 -6.65 0.44 27.89
N LEU C 36 -7.96 0.28 27.93
CA LEU C 36 -8.86 1.17 28.66
C LEU C 36 -9.44 0.42 29.85
N ARG C 37 -9.41 1.05 31.02
CA ARG C 37 -9.97 0.49 32.24
C ARG C 37 -11.06 1.40 32.76
N ILE C 38 -12.22 0.85 33.07
CA ILE C 38 -13.34 1.59 33.62
C ILE C 38 -13.84 0.87 34.85
N ASP C 39 -13.95 1.59 35.95
CA ASP C 39 -14.60 1.11 37.17
C ASP C 39 -15.86 1.94 37.38
N TRP C 40 -17.00 1.27 37.52
CA TRP C 40 -18.28 1.97 37.60
C TRP C 40 -19.21 1.20 38.53
N ARG C 41 -19.50 1.79 39.68
CA ARG C 41 -20.39 1.15 40.66
C ARG C 41 -21.83 1.43 40.29
N GLN C 42 -22.55 0.38 39.88
CA GLN C 42 -23.98 0.47 39.64
C GLN C 42 -24.71 -0.43 40.64
N PRO C 43 -25.28 0.12 41.72
CA PRO C 43 -25.90 -0.74 42.74
C PRO C 43 -27.02 -1.63 42.21
N LEU C 44 -27.71 -1.22 41.15
CA LEU C 44 -28.73 -2.10 40.58
C LEU C 44 -28.16 -3.44 40.13
N LEU C 45 -26.84 -3.52 39.90
CA LEU C 45 -26.21 -4.76 39.47
C LEU C 45 -25.81 -5.67 40.62
N ALA C 46 -26.04 -5.25 41.86
CA ALA C 46 -25.67 -6.06 43.01
C ALA C 46 -26.35 -7.43 42.99
N PHE C 47 -25.60 -8.45 43.34
CA PHE C 47 -26.10 -9.81 43.42
C PHE C 47 -25.61 -10.46 44.72
N GLU C 48 -26.07 -11.67 44.96
CA GLU C 48 -25.54 -12.50 46.04
C GLU C 48 -25.19 -13.86 45.46
N HIS C 49 -23.95 -14.29 45.70
CA HIS C 49 -23.52 -15.58 45.20
C HIS C 49 -24.27 -16.70 45.91
N ALA C 50 -24.36 -17.83 45.24
CA ALA C 50 -25.06 -18.97 45.83
C ALA C 50 -24.18 -19.56 46.92
N PRO C 51 -24.66 -20.56 47.65
CA PRO C 51 -23.83 -21.16 48.70
C PRO C 51 -22.51 -21.65 48.12
N GLY C 52 -21.41 -21.10 48.63
CA GLY C 52 -20.10 -21.41 48.09
C GLY C 52 -20.06 -21.16 46.60
N GLU C 53 -20.39 -19.95 46.18
CA GLU C 53 -20.48 -19.57 44.78
C GLU C 53 -19.69 -18.30 44.49
N PRO C 54 -19.28 -18.10 43.24
CA PRO C 54 -18.30 -17.04 42.91
C PRO C 54 -18.71 -15.64 43.36
N LYS C 55 -17.83 -14.96 44.07
CA LYS C 55 -18.10 -13.59 44.50
C LYS C 55 -17.84 -12.56 43.43
N HIS C 56 -17.33 -12.95 42.26
CA HIS C 56 -17.17 -12.04 41.14
C HIS C 56 -17.62 -12.74 39.87
N ARG C 57 -18.39 -12.04 39.04
CA ARG C 57 -18.93 -12.62 37.83
C ARG C 57 -18.21 -12.06 36.61
N THR C 58 -17.85 -12.95 35.70
CA THR C 58 -17.09 -12.63 34.51
C THR C 58 -18.01 -12.64 33.30
N TYR C 59 -17.95 -11.59 32.49
CA TYR C 59 -18.81 -11.46 31.33
C TYR C 59 -18.00 -11.05 30.11
N THR C 60 -18.48 -11.46 28.96
CA THR C 60 -18.13 -10.78 27.72
C THR C 60 -18.87 -9.45 27.65
N LEU C 61 -18.33 -8.52 26.87
CA LEU C 61 -19.04 -7.25 26.69
C LEU C 61 -20.46 -7.46 26.19
N ALA C 62 -20.66 -8.42 25.28
CA ALA C 62 -21.97 -8.63 24.69
C ALA C 62 -22.98 -9.12 25.72
N THR C 63 -22.62 -10.14 26.50
CA THR C 63 -23.53 -10.65 27.51
C THR C 63 -23.85 -9.57 28.55
N PHE C 64 -22.84 -8.79 28.94
CA PHE C 64 -23.08 -7.74 29.92
C PHE C 64 -24.04 -6.68 29.39
N LEU C 65 -23.90 -6.29 28.12
CA LEU C 65 -24.81 -5.28 27.58
C LEU C 65 -26.22 -5.83 27.45
N LYS C 66 -26.36 -7.10 27.08
CA LYS C 66 -27.69 -7.71 27.06
C LYS C 66 -28.30 -7.74 28.46
N LEU C 67 -27.51 -8.05 29.47
CA LEU C 67 -27.98 -8.01 30.86
C LEU C 67 -28.43 -6.61 31.26
N LEU C 68 -27.63 -5.61 30.89
CA LEU C 68 -27.99 -4.22 31.19
C LEU C 68 -29.29 -3.81 30.50
N GLU C 69 -29.46 -4.21 29.24
CA GLU C 69 -30.69 -3.87 28.54
C GLU C 69 -31.88 -4.57 29.18
N GLU C 70 -31.72 -5.83 29.57
CA GLU C 70 -32.81 -6.55 30.23
C GLU C 70 -33.20 -5.88 31.54
N LYS C 71 -32.23 -5.37 32.28
CA LYS C 71 -32.52 -4.68 33.53
C LYS C 71 -32.80 -3.20 33.34
N GLN C 72 -32.81 -2.71 32.10
CA GLN C 72 -33.06 -1.31 31.78
C GLN C 72 -32.10 -0.38 32.53
N ILE C 73 -30.82 -0.70 32.49
CA ILE C 73 -29.78 0.11 33.11
C ILE C 73 -28.97 0.78 32.00
N ARG C 74 -28.84 2.09 32.07
CA ARG C 74 -28.06 2.85 31.10
C ARG C 74 -26.58 2.69 31.39
N TRP C 75 -25.80 2.32 30.39
CA TRP C 75 -24.36 2.23 30.60
C TRP C 75 -23.68 3.55 30.26
N PRO C 76 -22.52 3.82 30.85
CA PRO C 76 -21.79 5.04 30.49
C PRO C 76 -21.17 4.93 29.10
N ALA C 77 -21.97 5.20 28.07
CA ALA C 77 -21.49 5.08 26.70
C ALA C 77 -20.44 6.14 26.39
N PHE C 78 -19.37 5.73 25.74
CA PHE C 78 -18.25 6.63 25.47
C PHE C 78 -17.79 6.45 24.04
N THR C 79 -16.97 7.39 23.57
CA THR C 79 -16.45 7.34 22.22
C THR C 79 -15.06 7.93 22.24
N TYR C 80 -14.14 7.30 21.51
CA TYR C 80 -12.83 7.88 21.27
C TYR C 80 -12.99 8.99 20.25
N HIS C 81 -12.96 10.24 20.72
CA HIS C 81 -13.42 11.33 19.87
C HIS C 81 -12.54 11.52 18.64
N ASN C 82 -11.23 11.33 18.77
CA ASN C 82 -10.31 11.52 17.66
C ASN C 82 -9.81 10.21 17.06
N GLN C 83 -10.51 9.10 17.30
CA GLN C 83 -10.22 7.87 16.59
C GLN C 83 -10.56 8.02 15.12
N GLN C 84 -9.73 7.45 14.26
CA GLN C 84 -10.06 7.39 12.84
C GLN C 84 -9.81 5.99 12.34
N GLY C 85 -10.77 5.45 11.60
CA GLY C 85 -10.69 4.10 11.07
C GLY C 85 -11.23 3.05 12.01
N ARG C 86 -10.76 1.82 11.87
CA ARG C 86 -11.29 0.70 12.62
C ARG C 86 -10.46 0.46 13.88
N MET C 87 -11.12 0.41 15.03
CA MET C 87 -10.48 -0.01 16.27
C MET C 87 -10.54 -1.52 16.36
N ASP C 88 -9.37 -2.17 16.31
CA ASP C 88 -9.26 -3.62 16.41
C ASP C 88 -9.20 -4.01 17.88
N PHE C 89 -10.28 -4.58 18.40
CA PHE C 89 -10.37 -4.96 19.81
C PHE C 89 -9.74 -6.33 20.04
N GLN C 90 -8.98 -6.44 21.13
CA GLN C 90 -8.43 -7.72 21.56
C GLN C 90 -9.25 -8.36 22.67
N ASN C 91 -9.43 -7.66 23.79
CA ASN C 91 -10.28 -8.14 24.87
C ASN C 91 -11.27 -7.04 25.22
N ARG C 92 -12.52 -7.44 25.43
CA ARG C 92 -13.55 -6.57 25.98
C ARG C 92 -14.22 -7.36 27.10
N LEU C 93 -13.69 -7.22 28.30
CA LEU C 93 -14.02 -8.08 29.42
C LEU C 93 -14.70 -7.28 30.54
N ILE C 94 -15.55 -7.96 31.28
CA ILE C 94 -16.30 -7.37 32.38
C ILE C 94 -16.11 -8.23 33.62
N SER C 95 -15.84 -7.59 34.75
CA SER C 95 -15.86 -8.23 36.06
C SER C 95 -16.86 -7.48 36.94
N LEU C 96 -17.84 -8.19 37.48
CA LEU C 96 -18.90 -7.58 38.27
C LEU C 96 -18.83 -8.13 39.69
N SER C 97 -18.57 -7.25 40.65
CA SER C 97 -18.47 -7.69 42.03
C SER C 97 -19.83 -7.66 42.72
N GLU C 98 -19.85 -8.18 43.95
CA GLU C 98 -21.10 -8.45 44.65
C GLU C 98 -21.86 -7.18 44.99
N ASP C 99 -21.19 -6.06 45.20
CA ASP C 99 -21.85 -4.80 45.50
C ASP C 99 -22.18 -4.00 44.25
N GLY C 100 -21.94 -4.55 43.07
CA GLY C 100 -22.30 -3.90 41.83
C GLY C 100 -21.23 -3.09 41.15
N THR C 101 -19.96 -3.28 41.51
CA THR C 101 -18.88 -2.55 40.85
C THR C 101 -18.50 -3.27 39.56
N VAL C 102 -18.65 -2.57 38.43
CA VAL C 102 -18.28 -3.10 37.13
C VAL C 102 -16.85 -2.70 36.84
N MET C 103 -15.98 -3.68 36.62
CA MET C 103 -14.66 -3.44 36.08
C MET C 103 -14.66 -3.83 34.61
N TYR C 104 -14.25 -2.92 33.76
CA TYR C 104 -14.24 -3.14 32.32
C TYR C 104 -12.81 -3.04 31.81
N LEU C 105 -12.41 -4.00 30.99
CA LEU C 105 -11.12 -3.97 30.32
C LEU C 105 -11.34 -4.00 28.81
N GLU C 106 -10.78 -3.01 28.13
CA GLU C 106 -10.87 -2.89 26.67
C GLU C 106 -9.44 -2.78 26.17
N ARG C 107 -8.96 -3.79 25.48
CA ARG C 107 -7.65 -3.73 24.85
C ARG C 107 -7.82 -3.59 23.33
N PHE C 108 -7.09 -2.67 22.73
CA PHE C 108 -7.38 -2.29 21.35
C PHE C 108 -6.12 -1.90 20.62
N THR C 109 -6.24 -1.85 19.30
CA THR C 109 -5.33 -1.16 18.42
C THR C 109 -6.16 -0.18 17.59
N SER C 110 -5.69 1.05 17.46
CA SER C 110 -6.44 2.04 16.70
C SER C 110 -5.51 3.17 16.28
N THR C 111 -5.90 3.83 15.19
CA THR C 111 -5.26 5.06 14.75
C THR C 111 -6.04 6.24 15.30
N PHE C 112 -5.32 7.33 15.57
CA PHE C 112 -5.90 8.55 16.14
C PHE C 112 -5.39 9.76 15.39
N GLN C 113 -6.27 10.74 15.22
CA GLN C 113 -5.90 11.99 14.59
C GLN C 113 -4.90 12.75 15.45
N ALA C 114 -4.00 13.47 14.78
CA ALA C 114 -3.01 14.32 15.43
C ALA C 114 -3.13 15.71 14.85
N PRO C 115 -4.19 16.44 15.17
CA PRO C 115 -4.43 17.72 14.53
C PRO C 115 -3.57 18.85 15.07
N ALA C 116 -2.76 18.61 16.09
CA ALA C 116 -1.85 19.62 16.61
C ALA C 116 -0.48 19.59 15.94
N PHE C 117 -0.24 18.71 14.98
CA PHE C 117 1.01 18.74 14.23
C PHE C 117 1.30 20.13 13.69
N ASP C 118 2.45 20.67 14.06
CA ASP C 118 2.94 21.93 13.53
C ASP C 118 4.37 21.68 13.08
N PHE C 119 4.61 21.71 11.77
CA PHE C 119 5.91 21.34 11.20
C PHE C 119 6.81 22.54 10.97
N ARG C 120 6.47 23.71 11.51
CA ARG C 120 7.21 24.93 11.17
C ARG C 120 8.69 24.80 11.53
N LEU C 121 9.01 24.16 12.63
CA LEU C 121 10.39 23.98 13.05
C LEU C 121 10.97 22.64 12.64
N PHE C 122 10.24 21.85 11.88
CA PHE C 122 10.68 20.53 11.49
C PHE C 122 12.09 20.60 10.89
N PRO C 123 13.02 19.74 11.32
CA PRO C 123 12.87 18.60 12.23
C PRO C 123 13.15 18.87 13.71
N PHE C 124 13.18 20.12 14.18
CA PHE C 124 13.40 20.42 15.58
C PHE C 124 12.10 20.69 16.33
N ASP C 125 11.02 20.04 15.91
CA ASP C 125 9.70 20.27 16.45
C ASP C 125 9.36 19.29 17.57
N ASN C 126 8.64 19.79 18.56
CA ASN C 126 8.05 18.98 19.63
C ASN C 126 6.54 18.97 19.42
N GLN C 127 5.97 17.79 19.23
CA GLN C 127 4.56 17.67 18.87
C GLN C 127 3.71 17.21 20.04
N LEU C 128 2.44 17.54 19.99
CA LEU C 128 1.46 17.15 21.00
C LEU C 128 0.57 16.04 20.43
N PHE C 129 0.49 14.93 21.17
CA PHE C 129 -0.36 13.80 20.83
C PHE C 129 -1.34 13.58 21.97
N PHE C 130 -2.61 13.34 21.64
CA PHE C 130 -3.60 13.10 22.66
C PHE C 130 -4.60 12.07 22.20
N ILE C 131 -5.27 11.46 23.17
CA ILE C 131 -6.44 10.64 22.95
C ILE C 131 -7.57 11.22 23.79
N HIS C 132 -8.69 11.54 23.16
CA HIS C 132 -9.88 12.00 23.86
C HIS C 132 -10.84 10.84 24.03
N VAL C 133 -11.33 10.65 25.25
CA VAL C 133 -12.39 9.69 25.52
C VAL C 133 -13.60 10.48 26.00
N ASP C 134 -14.68 10.46 25.23
CA ASP C 134 -15.83 11.32 25.45
C ASP C 134 -16.99 10.52 26.01
N SER C 135 -17.60 11.06 27.05
CA SER C 135 -18.88 10.54 27.53
C SER C 135 -19.98 11.03 26.59
N ILE C 136 -20.75 10.10 26.05
CA ILE C 136 -21.86 10.49 25.19
C ILE C 136 -22.97 11.15 26.00
N PHE C 137 -23.31 10.59 27.15
CA PHE C 137 -24.37 11.12 28.00
C PHE C 137 -23.89 12.31 28.84
N PRO C 138 -24.79 13.22 29.19
CA PRO C 138 -24.38 14.45 29.88
C PRO C 138 -23.96 14.19 31.33
N GLN C 139 -23.33 15.21 31.91
CA GLN C 139 -22.70 15.07 33.23
C GLN C 139 -23.67 15.00 34.39
N HIS C 140 -24.97 15.24 34.19
CA HIS C 140 -25.90 14.97 35.28
C HIS C 140 -26.29 13.49 35.35
N LEU C 141 -25.88 12.69 34.38
CA LEU C 141 -26.02 11.23 34.42
C LEU C 141 -24.72 10.55 34.84
N PHE C 142 -23.61 10.85 34.15
CA PHE C 142 -22.32 10.25 34.44
C PHE C 142 -21.26 11.33 34.48
N ARG C 143 -20.35 11.22 35.45
CA ARG C 143 -19.23 12.12 35.60
C ARG C 143 -17.95 11.30 35.58
N PHE C 144 -17.15 11.48 34.54
CA PHE C 144 -15.88 10.76 34.46
C PHE C 144 -14.95 11.22 35.57
N GLN C 145 -14.27 10.27 36.19
CA GLN C 145 -13.18 10.52 37.11
C GLN C 145 -11.91 9.92 36.53
N GLU C 146 -10.79 10.10 37.24
CA GLU C 146 -9.51 9.54 36.84
C GLU C 146 -9.23 8.30 37.67
N MET C 147 -9.07 7.17 36.99
CA MET C 147 -8.57 5.97 37.64
C MET C 147 -7.12 6.19 38.04
N GLN C 148 -6.80 5.85 39.28
CA GLN C 148 -5.47 6.12 39.82
C GLN C 148 -4.54 4.93 39.61
N GLY C 149 -3.29 5.25 39.27
CA GLY C 149 -2.27 4.25 39.09
C GLY C 149 -2.40 3.39 37.85
N PHE C 150 -3.09 3.86 36.82
CA PHE C 150 -3.18 3.06 35.60
C PHE C 150 -2.74 3.84 34.36
N SER C 151 -3.17 5.08 34.22
CA SER C 151 -3.01 5.79 32.96
C SER C 151 -1.56 6.17 32.71
N GLY C 152 -1.23 6.29 31.44
CA GLY C 152 0.09 6.75 31.05
C GLY C 152 0.62 6.06 29.83
N LEU C 153 1.93 5.99 29.73
CA LEU C 153 2.61 5.35 28.63
C LEU C 153 3.48 4.22 29.18
N GLY C 154 3.75 3.23 28.35
CA GLY C 154 4.40 2.02 28.78
C GLY C 154 5.91 2.10 28.70
N ASP C 155 6.55 0.96 28.98
CA ASP C 155 7.99 0.86 29.00
C ASP C 155 8.58 0.49 27.64
N GLN C 156 7.85 -0.22 26.79
CA GLN C 156 8.29 -0.61 25.46
C GLN C 156 7.32 -0.05 24.43
N LEU C 157 7.48 1.22 24.08
CA LEU C 157 6.56 1.81 23.12
C LEU C 157 6.90 1.43 21.69
N GLY C 158 8.13 0.98 21.44
CA GLY C 158 8.51 0.50 20.14
C GLY C 158 8.70 1.58 19.09
N GLU C 159 8.80 2.84 19.49
CA GLU C 159 8.97 3.95 18.58
C GLU C 159 10.43 4.39 18.58
N GLU C 160 11.04 4.42 17.40
CA GLU C 160 12.47 4.67 17.27
C GLU C 160 12.80 6.11 16.93
N GLU C 161 12.00 6.79 16.11
CA GLU C 161 12.33 8.17 15.75
C GLU C 161 11.93 9.15 16.83
N TRP C 162 10.87 8.90 17.57
CA TRP C 162 10.32 9.85 18.52
C TRP C 162 10.68 9.47 19.95
N ILE C 163 10.85 10.49 20.78
CA ILE C 163 11.12 10.33 22.20
C ILE C 163 10.06 11.09 22.98
N VAL C 164 9.36 10.39 23.87
CA VAL C 164 8.33 11.01 24.70
C VAL C 164 8.99 11.86 25.78
N THR C 165 8.54 13.11 25.89
CA THR C 165 9.12 14.08 26.81
C THR C 165 8.22 14.42 27.99
N GLU C 166 6.91 14.30 27.85
CA GLU C 166 5.98 14.62 28.91
C GLU C 166 4.70 13.85 28.68
N VAL C 167 4.13 13.30 29.75
CA VAL C 167 2.87 12.57 29.70
C VAL C 167 1.93 13.16 30.74
N ASN C 168 0.67 13.33 30.37
CA ASN C 168 -0.27 14.05 31.20
C ASN C 168 -1.67 13.49 31.00
N THR C 169 -2.48 13.59 32.05
CA THR C 169 -3.89 13.24 32.02
C THR C 169 -4.69 14.34 32.71
N HIS C 170 -5.93 14.51 32.28
CA HIS C 170 -6.83 15.43 32.97
C HIS C 170 -8.24 15.23 32.43
N LEU C 171 -9.19 15.95 33.02
CA LEU C 171 -10.60 15.84 32.71
C LEU C 171 -11.14 17.19 32.27
N THR C 172 -11.92 17.19 31.20
CA THR C 172 -12.54 18.43 30.71
C THR C 172 -13.96 18.09 30.26
N THR C 173 -14.57 19.00 29.52
CA THR C 173 -15.94 18.83 29.07
C THR C 173 -16.03 18.97 27.57
N HIS C 174 -17.16 18.52 27.04
CA HIS C 174 -17.51 18.67 25.63
C HIS C 174 -19.02 18.81 25.55
N ASN C 175 -19.49 19.28 24.41
CA ASN C 175 -20.92 19.42 24.15
C ASN C 175 -21.28 18.83 22.79
N GLU C 176 -20.70 17.69 22.45
CA GLU C 176 -20.88 17.15 21.10
C GLU C 176 -22.35 16.86 20.81
N PHE C 177 -23.01 16.10 21.70
CA PHE C 177 -24.34 15.61 21.41
C PHE C 177 -25.42 16.10 22.36
N THR C 178 -25.08 16.82 23.42
CA THR C 178 -26.06 17.27 24.39
C THR C 178 -25.89 18.76 24.66
N LYS C 179 -26.99 19.42 25.00
CA LYS C 179 -26.92 20.80 25.44
C LYS C 179 -26.06 20.93 26.70
N GLY C 180 -26.25 20.03 27.66
CA GLY C 180 -25.45 20.05 28.87
C GLY C 180 -24.04 19.54 28.63
N ASP C 181 -23.16 19.87 29.55
CA ASP C 181 -21.77 19.44 29.45
C ASP C 181 -21.67 17.93 29.68
N ALA C 182 -20.75 17.30 28.94
CA ALA C 182 -20.44 15.90 29.09
C ALA C 182 -18.94 15.75 29.36
N SER C 183 -18.60 14.74 30.14
CA SER C 183 -17.22 14.54 30.54
C SER C 183 -16.33 14.18 29.35
N ARG C 184 -15.08 14.62 29.43
CA ARG C 184 -14.04 14.23 28.49
C ARG C 184 -12.78 13.89 29.25
N PHE C 185 -12.28 12.67 29.06
CA PHE C 185 -10.98 12.27 29.58
C PHE C 185 -9.92 12.48 28.51
N VAL C 186 -8.80 13.09 28.87
CA VAL C 186 -7.71 13.35 27.95
C VAL C 186 -6.44 12.68 28.47
N LEU C 187 -5.79 11.91 27.61
CA LEU C 187 -4.43 11.45 27.84
C LEU C 187 -3.57 12.07 26.75
N GLU C 188 -2.64 12.93 27.14
CA GLU C 188 -1.78 13.59 26.17
C GLU C 188 -0.31 13.37 26.53
N PHE C 189 0.52 13.42 25.49
CA PHE C 189 1.96 13.34 25.66
C PHE C 189 2.62 14.17 24.58
N HIS C 190 3.82 14.64 24.91
CA HIS C 190 4.64 15.42 23.99
C HIS C 190 5.82 14.58 23.54
N ALA C 191 6.18 14.68 22.26
CA ALA C 191 7.30 13.93 21.71
C ALA C 191 8.15 14.84 20.84
N GLU C 192 9.45 14.62 20.88
CA GLU C 192 10.41 15.23 19.96
C GLU C 192 11.10 14.14 19.17
N ARG C 193 11.83 14.55 18.14
CA ARG C 193 12.51 13.63 17.24
C ARG C 193 13.95 13.39 17.69
N HIS C 194 14.45 12.21 17.36
CA HIS C 194 15.88 11.97 17.27
C HIS C 194 16.36 12.56 15.95
N LEU C 195 17.44 13.32 16.01
CA LEU C 195 17.91 14.03 14.83
C LEU C 195 18.96 13.26 14.04
N ASN C 196 19.36 12.07 14.50
CA ASN C 196 20.43 11.35 13.83
C ASN C 196 20.09 11.06 12.38
N TYR C 197 18.83 10.72 12.11
CA TYR C 197 18.44 10.42 10.73
C TYR C 197 18.68 11.62 9.82
N TYR C 198 18.37 12.81 10.31
CA TYR C 198 18.46 14.01 9.49
C TYR C 198 19.89 14.48 9.33
N LEU C 199 20.72 14.29 10.35
CA LEU C 199 22.13 14.55 10.20
C LEU C 199 22.75 13.62 9.16
N MET C 200 22.43 12.33 9.22
CA MET C 200 23.12 11.37 8.36
C MET C 200 22.60 11.41 6.93
N ARG C 201 21.28 11.44 6.75
CA ARG C 201 20.71 11.28 5.42
C ARG C 201 20.43 12.60 4.72
N ILE C 202 20.29 13.70 5.45
CA ILE C 202 19.93 14.97 4.83
C ILE C 202 21.04 16.00 4.99
N LEU C 203 21.43 16.27 6.24
CA LEU C 203 22.36 17.37 6.49
C LEU C 203 23.72 17.10 5.87
N ILE C 204 24.31 15.95 6.17
CA ILE C 204 25.69 15.67 5.78
C ILE C 204 25.81 15.52 4.27
N PRO C 205 24.89 14.85 3.58
CA PRO C 205 24.96 14.85 2.11
C PRO C 205 24.92 16.23 1.49
N VAL C 206 24.02 17.10 1.95
CA VAL C 206 23.93 18.45 1.39
C VAL C 206 25.21 19.22 1.69
N LEU C 207 25.72 19.10 2.91
CA LEU C 207 26.98 19.77 3.25
C LEU C 207 28.12 19.26 2.40
N LEU C 208 28.19 17.95 2.19
CA LEU C 208 29.26 17.39 1.36
C LEU C 208 29.16 17.90 -0.06
N ILE C 209 27.96 17.96 -0.63
CA ILE C 209 27.81 18.46 -1.99
C ILE C 209 28.27 19.91 -2.07
N ILE C 210 27.79 20.75 -1.15
CA ILE C 210 28.16 22.16 -1.16
C ILE C 210 29.67 22.32 -1.01
N THR C 211 30.27 21.62 -0.05
CA THR C 211 31.70 21.80 0.21
C THR C 211 32.56 21.24 -0.91
N VAL C 212 32.17 20.08 -1.46
CA VAL C 212 32.92 19.50 -2.58
C VAL C 212 32.86 20.44 -3.78
N SER C 213 31.72 21.10 -3.97
CA SER C 213 31.64 22.15 -4.98
C SER C 213 32.62 23.28 -4.68
N TRP C 214 32.65 23.75 -3.44
CA TRP C 214 33.56 24.86 -3.12
C TRP C 214 35.00 24.46 -3.39
N PHE C 215 35.39 23.27 -2.96
CA PHE C 215 36.75 22.80 -3.20
C PHE C 215 37.05 22.75 -4.69
N THR C 216 36.11 22.23 -5.49
CA THR C 216 36.31 22.21 -6.93
C THR C 216 36.33 23.60 -7.53
N PHE C 217 35.87 24.62 -6.80
CA PHE C 217 35.95 25.99 -7.30
C PHE C 217 37.39 26.50 -7.40
N PHE C 218 38.35 25.84 -6.76
CA PHE C 218 39.74 26.26 -6.83
C PHE C 218 40.44 25.84 -8.12
N LEU C 219 39.71 25.23 -9.06
CA LEU C 219 40.30 24.90 -10.35
C LEU C 219 40.66 26.15 -11.13
N GLN C 220 39.80 27.17 -11.07
CA GLN C 220 39.92 28.37 -11.89
C GLN C 220 39.44 28.15 -13.32
N ASP C 221 38.49 27.25 -13.51
CA ASP C 221 37.86 27.00 -14.82
C ASP C 221 36.37 27.30 -14.74
N TYR C 222 35.98 28.53 -15.10
CA TYR C 222 34.62 29.00 -14.89
C TYR C 222 33.55 28.07 -15.47
N THR C 223 33.82 27.50 -16.65
CA THR C 223 32.84 26.58 -17.24
C THR C 223 32.59 25.37 -16.33
N LYS C 224 33.65 24.84 -15.72
CA LYS C 224 33.47 23.73 -14.79
C LYS C 224 32.58 24.15 -13.63
N ARG C 225 32.77 25.37 -13.13
CA ARG C 225 31.91 25.87 -12.07
C ARG C 225 30.46 25.87 -12.51
N ILE C 226 30.19 26.36 -13.72
CA ILE C 226 28.80 26.45 -14.16
C ILE C 226 28.19 25.05 -14.30
N ASP C 227 28.92 24.13 -14.94
CA ASP C 227 28.43 22.77 -15.07
C ASP C 227 28.13 22.16 -13.72
N LEU C 228 29.11 22.22 -12.80
CA LEU C 228 28.96 21.61 -11.49
C LEU C 228 27.81 22.22 -10.72
N ALA C 229 27.66 23.54 -10.82
CA ALA C 229 26.59 24.22 -10.09
C ALA C 229 25.22 23.84 -10.64
N GLY C 230 25.09 23.73 -11.96
CA GLY C 230 23.84 23.24 -12.52
C GLY C 230 23.48 21.86 -12.01
N GLY C 231 24.47 20.96 -12.02
CA GLY C 231 24.24 19.64 -11.46
C GLY C 231 23.83 19.69 -10.00
N ASN C 232 24.49 20.53 -9.20
CA ASN C 232 24.16 20.66 -7.79
C ASN C 232 22.74 21.16 -7.60
N LEU C 233 22.31 22.11 -8.42
CA LEU C 233 20.93 22.58 -8.34
C LEU C 233 19.95 21.47 -8.64
N LEU C 234 20.23 20.67 -9.67
CA LEU C 234 19.37 19.54 -9.96
C LEU C 234 19.26 18.60 -8.76
N LEU C 235 20.41 18.29 -8.15
CA LEU C 235 20.40 17.38 -7.02
C LEU C 235 19.64 17.96 -5.84
N PHE C 236 19.80 19.26 -5.60
CA PHE C 236 19.07 19.90 -4.52
C PHE C 236 17.57 19.85 -4.75
N ILE C 237 17.14 19.93 -6.01
CA ILE C 237 15.71 19.84 -6.29
C ILE C 237 15.20 18.41 -6.09
N ALA C 238 16.04 17.42 -6.39
CA ALA C 238 15.70 16.04 -6.02
C ALA C 238 15.53 15.89 -4.52
N PHE C 239 16.43 16.51 -3.74
CA PHE C 239 16.29 16.51 -2.29
C PHE C 239 15.00 17.21 -1.86
N ASN C 240 14.65 18.31 -2.51
CA ASN C 240 13.39 18.98 -2.21
C ASN C 240 12.21 18.03 -2.38
N PHE C 241 12.14 17.36 -3.53
CA PHE C 241 11.01 16.47 -3.77
C PHE C 241 10.98 15.31 -2.77
N THR C 242 12.14 14.71 -2.51
CA THR C 242 12.20 13.62 -1.53
C THR C 242 11.73 14.08 -0.16
N ILE C 243 12.29 15.17 0.35
CA ILE C 243 11.94 15.62 1.69
C ILE C 243 10.46 15.99 1.76
N SER C 244 9.96 16.70 0.75
CA SER C 244 8.55 17.10 0.78
C SER C 244 7.63 15.90 0.73
N SER C 245 8.08 14.80 0.12
CA SER C 245 7.22 13.61 0.05
C SER C 245 6.79 13.13 1.44
N ASP C 246 7.64 13.31 2.46
CA ASP C 246 7.39 12.78 3.79
C ASP C 246 6.46 13.64 4.65
N LEU C 247 6.19 14.86 4.24
CA LEU C 247 5.30 15.80 4.93
C LEU C 247 3.96 15.87 4.21
N PRO C 248 2.97 16.50 4.83
CA PRO C 248 1.75 16.85 4.11
C PRO C 248 1.98 18.07 3.21
N ARG C 249 0.98 18.39 2.39
CA ARG C 249 1.06 19.53 1.50
C ARG C 249 0.68 20.78 2.29
N LEU C 250 1.61 21.24 3.11
CA LEU C 250 1.37 22.29 4.07
C LEU C 250 1.10 23.62 3.38
N GLY C 251 0.28 24.44 4.01
CA GLY C 251 0.00 25.79 3.58
C GLY C 251 0.98 26.82 4.06
N TYR C 252 2.00 26.43 4.80
CA TYR C 252 3.02 27.32 5.34
C TYR C 252 4.40 26.73 5.08
N ILE C 253 5.42 27.55 5.29
CA ILE C 253 6.80 27.18 5.00
C ILE C 253 7.43 26.55 6.23
N THR C 254 8.07 25.41 6.03
CA THR C 254 8.84 24.75 7.07
C THR C 254 10.28 25.25 7.03
N LEU C 255 10.96 25.11 8.17
CA LEU C 255 12.39 25.41 8.24
C LEU C 255 13.17 24.66 7.17
N MET C 256 12.83 23.38 6.96
CA MET C 256 13.47 22.60 5.90
C MET C 256 13.23 23.21 4.52
N ASP C 257 12.01 23.68 4.28
CA ASP C 257 11.72 24.39 3.03
C ASP C 257 12.59 25.62 2.88
N ALA C 258 12.77 26.39 3.96
CA ALA C 258 13.61 27.56 3.89
C ALA C 258 15.05 27.18 3.55
N PHE C 259 15.57 26.13 4.17
CA PHE C 259 16.94 25.71 3.89
C PHE C 259 17.10 25.26 2.44
N LEU C 260 16.13 24.52 1.91
CA LEU C 260 16.22 24.06 0.54
C LEU C 260 16.10 25.21 -0.46
N VAL C 261 15.22 26.17 -0.19
CA VAL C 261 15.14 27.35 -1.05
C VAL C 261 16.44 28.12 -1.02
N GLY C 262 17.07 28.21 0.14
CA GLY C 262 18.39 28.81 0.22
C GLY C 262 19.40 28.10 -0.65
N THR C 263 19.40 26.76 -0.63
CA THR C 263 20.33 26.04 -1.48
C THR C 263 20.07 26.34 -2.95
N PHE C 264 18.80 26.31 -3.37
CA PHE C 264 18.47 26.67 -4.75
C PHE C 264 19.08 28.02 -5.12
N ILE C 265 18.79 29.03 -4.31
CA ILE C 265 19.16 30.41 -4.66
C ILE C 265 20.67 30.58 -4.67
N ILE C 266 21.35 30.03 -3.67
CA ILE C 266 22.79 30.17 -3.63
C ILE C 266 23.42 29.50 -4.83
N THR C 267 22.94 28.31 -5.21
CA THR C 267 23.47 27.67 -6.40
C THR C 267 23.25 28.52 -7.65
N ALA C 268 22.06 29.10 -7.80
CA ALA C 268 21.79 29.94 -8.96
C ALA C 268 22.71 31.15 -9.00
N LEU C 269 22.88 31.81 -7.85
CA LEU C 269 23.79 32.95 -7.80
C LEU C 269 25.22 32.55 -8.13
N VAL C 270 25.62 31.34 -7.73
CA VAL C 270 26.94 30.84 -8.11
C VAL C 270 27.06 30.78 -9.62
N VAL C 271 26.06 30.18 -10.27
CA VAL C 271 26.09 30.07 -11.72
C VAL C 271 26.15 31.46 -12.37
N LEU C 272 25.34 32.38 -11.87
CA LEU C 272 25.31 33.73 -12.45
C LEU C 272 26.68 34.39 -12.35
N GLY C 273 27.28 34.34 -11.16
CA GLY C 273 28.59 34.94 -10.99
C GLY C 273 29.61 34.30 -11.90
N ASN C 274 29.51 32.99 -12.11
CA ASN C 274 30.47 32.32 -12.99
C ASN C 274 30.27 32.74 -14.45
N VAL C 275 29.04 32.95 -14.88
CA VAL C 275 28.81 33.43 -16.24
C VAL C 275 29.41 34.83 -16.40
N TRP C 276 29.21 35.69 -15.40
CA TRP C 276 29.81 37.02 -15.46
C TRP C 276 31.33 36.92 -15.52
N LEU C 277 31.93 36.04 -14.72
CA LEU C 277 33.38 35.87 -14.78
C LEU C 277 33.82 35.35 -16.14
N ARG C 278 33.04 34.43 -16.72
CA ARG C 278 33.44 33.82 -18.00
C ARG C 278 33.33 34.82 -19.14
N ARG C 279 32.35 35.71 -19.11
CA ARG C 279 32.30 36.76 -20.12
C ARG C 279 33.34 37.84 -19.85
N LEU C 280 33.71 38.06 -18.58
CA LEU C 280 34.80 38.99 -18.30
C LEU C 280 36.10 38.47 -18.89
N GLU C 281 36.38 37.17 -18.73
CA GLU C 281 37.52 36.56 -19.37
C GLU C 281 37.35 36.46 -20.88
N ASN C 282 36.11 36.45 -21.37
CA ASN C 282 35.86 36.35 -22.80
C ASN C 282 36.19 37.66 -23.52
N HIS C 283 35.77 38.79 -22.98
CA HIS C 283 35.96 40.08 -23.63
C HIS C 283 37.24 40.78 -23.18
N GLY C 284 38.27 40.02 -22.79
CA GLY C 284 39.59 40.56 -22.58
C GLY C 284 39.99 40.75 -21.14
N LYS C 285 39.04 40.78 -20.21
CA LYS C 285 39.34 41.07 -18.81
C LYS C 285 39.60 39.76 -18.06
N GLN C 286 40.72 39.14 -18.41
CA GLN C 286 41.14 37.92 -17.69
C GLN C 286 41.72 38.24 -16.32
N ALA C 287 42.51 39.31 -16.21
CA ALA C 287 43.12 39.65 -14.92
C ALA C 287 42.08 40.18 -13.94
N LEU C 288 41.19 41.06 -14.42
CA LEU C 288 40.06 41.47 -13.59
C LEU C 288 39.19 40.28 -13.23
N ALA C 289 39.02 39.36 -14.17
CA ALA C 289 38.24 38.15 -13.90
C ALA C 289 38.84 37.37 -12.74
N ARG C 290 40.16 37.18 -12.75
CA ARG C 290 40.80 36.42 -11.67
C ARG C 290 40.74 37.17 -10.35
N LYS C 291 41.00 38.47 -10.38
CA LYS C 291 40.92 39.25 -9.15
C LYS C 291 39.54 39.13 -8.52
N LEU C 292 38.48 39.19 -9.31
CA LEU C 292 37.13 39.05 -8.77
C LEU C 292 36.81 37.61 -8.41
N ASP C 293 37.42 36.65 -9.10
CA ASP C 293 37.30 35.25 -8.69
C ASP C 293 37.77 35.07 -7.26
N ILE C 294 38.73 35.88 -6.83
CA ILE C 294 39.11 35.85 -5.42
C ILE C 294 37.89 36.07 -4.53
N TYR C 295 37.09 37.09 -4.86
CA TYR C 295 35.91 37.38 -4.04
C TYR C 295 34.84 36.31 -4.20
N ALA C 296 34.70 35.77 -5.40
CA ALA C 296 33.77 34.66 -5.61
C ALA C 296 34.06 33.53 -4.63
N ILE C 297 35.33 33.11 -4.56
CA ILE C 297 35.71 32.07 -3.62
C ILE C 297 35.44 32.53 -2.19
N THR C 298 35.92 33.72 -1.83
CA THR C 298 35.82 34.17 -0.44
C THR C 298 34.40 34.54 -0.05
N SER C 299 33.44 34.42 -0.96
CA SER C 299 32.04 34.71 -0.68
C SER C 299 31.10 33.52 -0.84
N TYR C 300 31.52 32.45 -1.50
CA TYR C 300 30.67 31.27 -1.56
C TYR C 300 30.22 30.79 -0.18
N PRO C 301 31.10 30.63 0.81
CA PRO C 301 30.64 30.10 2.12
C PRO C 301 30.06 31.17 3.04
N LEU C 302 30.41 32.43 2.84
CA LEU C 302 29.79 33.49 3.62
C LEU C 302 28.28 33.50 3.41
N ALA C 303 27.85 33.28 2.16
CA ALA C 303 26.42 33.23 1.89
C ALA C 303 25.75 32.12 2.70
N TYR C 304 26.35 30.93 2.75
CA TYR C 304 25.71 29.83 3.45
C TYR C 304 25.68 30.06 4.95
N LEU C 305 26.79 30.53 5.54
CA LEU C 305 26.76 30.84 6.97
C LEU C 305 25.74 31.92 7.28
N LEU C 306 25.74 33.00 6.50
CA LEU C 306 24.84 34.11 6.76
C LEU C 306 23.39 33.68 6.62
N GLY C 307 23.09 32.89 5.58
CA GLY C 307 21.73 32.43 5.40
C GLY C 307 21.28 31.47 6.49
N ALA C 308 22.18 30.61 6.95
CA ALA C 308 21.82 29.74 8.07
C ALA C 308 21.50 30.56 9.31
N LEU C 309 22.29 31.59 9.59
CA LEU C 309 21.96 32.47 10.72
C LEU C 309 20.62 33.16 10.50
N THR C 310 20.33 33.56 9.27
CA THR C 310 19.06 34.19 8.97
C THR C 310 17.89 33.25 9.22
N LEU C 311 18.01 32.00 8.80
CA LEU C 311 16.95 31.03 9.07
C LEU C 311 16.77 30.83 10.57
N TRP C 312 17.86 30.69 11.30
CA TRP C 312 17.74 30.55 12.74
C TRP C 312 17.03 31.76 13.34
N LEU C 313 17.41 32.97 12.93
CA LEU C 313 16.77 34.17 13.44
C LEU C 313 15.28 34.18 13.15
N LEU C 314 14.90 33.79 11.93
CA LEU C 314 13.49 33.81 11.56
C LEU C 314 12.69 32.82 12.39
N PHE C 315 13.11 31.56 12.41
CA PHE C 315 12.23 30.55 12.98
C PHE C 315 12.36 30.47 14.49
N PHE C 316 13.56 30.67 15.01
CA PHE C 316 13.80 30.60 16.45
C PHE C 316 13.96 32.00 17.02
N GLU D 7 -50.39 9.18 7.31
CA GLU D 7 -49.50 10.32 7.11
C GLU D 7 -48.05 9.92 7.27
N PRO D 8 -47.19 10.43 6.40
CA PRO D 8 -45.77 10.09 6.48
C PRO D 8 -45.16 10.53 7.80
N SER D 9 -44.20 9.76 8.28
CA SER D 9 -43.50 10.06 9.52
C SER D 9 -42.29 10.95 9.25
N ASP D 10 -42.00 11.86 10.18
CA ASP D 10 -40.88 12.79 10.06
C ASP D 10 -39.63 12.19 10.69
N VAL D 11 -38.55 12.15 9.93
CA VAL D 11 -37.26 11.66 10.40
C VAL D 11 -36.29 12.84 10.31
N PHE D 12 -35.93 13.41 11.45
CA PHE D 12 -34.99 14.53 11.47
C PHE D 12 -33.56 14.01 11.40
N ILE D 13 -32.77 14.61 10.51
CA ILE D 13 -31.44 14.11 10.18
C ILE D 13 -30.41 15.19 10.45
N GLY D 14 -29.33 14.80 11.12
CA GLY D 14 -28.18 15.66 11.28
C GLY D 14 -26.91 14.90 10.96
N LEU D 15 -26.06 15.45 10.12
CA LEU D 15 -24.76 14.86 9.83
C LEU D 15 -23.67 15.85 10.23
N LYS D 16 -22.73 15.37 11.02
CA LYS D 16 -21.63 16.21 11.52
C LYS D 16 -20.31 15.59 11.07
N ILE D 17 -19.50 16.36 10.38
CA ILE D 17 -18.18 15.92 9.96
C ILE D 17 -17.16 16.44 10.96
N ASP D 18 -16.48 15.53 11.63
CA ASP D 18 -15.51 15.89 12.64
C ASP D 18 -14.08 15.86 12.14
N GLN D 19 -13.75 14.95 11.23
CA GLN D 19 -12.41 14.89 10.65
C GLN D 19 -12.52 14.73 9.15
N ILE D 20 -11.57 15.30 8.43
CA ILE D 20 -11.27 14.90 7.08
C ILE D 20 -9.95 14.15 7.14
N THR D 21 -10.05 12.81 7.20
CA THR D 21 -8.85 12.00 7.31
C THR D 21 -8.04 12.02 6.03
N GLY D 22 -8.65 12.34 4.90
CA GLY D 22 -7.90 12.44 3.68
C GLY D 22 -8.74 12.80 2.48
N ILE D 23 -8.14 13.51 1.53
CA ILE D 23 -8.74 13.81 0.25
C ILE D 23 -7.85 13.18 -0.81
N ASN D 24 -8.37 12.21 -1.51
CA ASN D 24 -7.62 11.42 -2.48
C ASN D 24 -8.03 11.89 -3.88
N GLN D 25 -7.26 12.81 -4.44
CA GLN D 25 -7.63 13.36 -5.74
C GLN D 25 -7.36 12.40 -6.89
N LYS D 26 -6.45 11.44 -6.71
CA LYS D 26 -6.22 10.45 -7.75
C LYS D 26 -7.39 9.47 -7.86
N GLU D 27 -7.86 8.93 -6.73
CA GLU D 27 -9.05 8.10 -6.70
C GLU D 27 -10.34 8.91 -6.70
N GLU D 28 -10.25 10.23 -6.61
CA GLU D 28 -11.43 11.11 -6.58
C GLU D 28 -12.41 10.71 -5.48
N ASN D 29 -11.88 10.60 -4.26
CA ASN D 29 -12.70 10.33 -3.10
C ASN D 29 -12.15 11.12 -1.93
N PHE D 30 -12.90 11.13 -0.84
CA PHE D 30 -12.44 11.74 0.40
C PHE D 30 -12.96 10.90 1.55
N SER D 31 -12.22 10.87 2.64
CA SER D 31 -12.58 10.10 3.82
C SER D 31 -12.80 11.03 5.00
N VAL D 32 -13.77 10.70 5.83
CA VAL D 32 -14.15 11.53 6.95
C VAL D 32 -14.41 10.66 8.17
N VAL D 33 -14.27 11.27 9.32
CA VAL D 33 -14.84 10.78 10.57
C VAL D 33 -15.99 11.72 10.88
N GLY D 34 -17.19 11.16 11.04
CA GLY D 34 -18.35 11.98 11.29
C GLY D 34 -19.38 11.24 12.12
N SER D 35 -20.45 11.94 12.45
CA SER D 35 -21.51 11.36 13.27
C SER D 35 -22.86 11.73 12.70
N LEU D 36 -23.78 10.77 12.73
CA LEU D 36 -25.14 10.94 12.23
C LEU D 36 -26.11 10.92 13.40
N ARG D 37 -27.02 11.88 13.44
CA ARG D 37 -28.04 11.95 14.47
C ARG D 37 -29.42 11.89 13.83
N ILE D 38 -30.28 11.02 14.34
CA ILE D 38 -31.64 10.86 13.85
C ILE D 38 -32.58 10.92 15.03
N ASP D 39 -33.58 11.79 14.94
CA ASP D 39 -34.69 11.85 15.88
C ASP D 39 -35.95 11.43 15.15
N TRP D 40 -36.65 10.43 15.67
CA TRP D 40 -37.81 9.88 14.98
C TRP D 40 -38.85 9.45 16.01
N ARG D 41 -39.97 10.16 16.04
CA ARG D 41 -41.06 9.85 16.98
C ARG D 41 -41.91 8.72 16.40
N GLN D 42 -41.86 7.56 17.03
CA GLN D 42 -42.74 6.45 16.69
C GLN D 42 -43.64 6.15 17.88
N PRO D 43 -44.90 6.61 17.87
CA PRO D 43 -45.75 6.41 19.06
C PRO D 43 -45.96 4.96 19.45
N LEU D 44 -45.88 4.02 18.51
CA LEU D 44 -45.97 2.61 18.88
C LEU D 44 -44.90 2.19 19.86
N LEU D 45 -43.80 2.94 19.96
CA LEU D 45 -42.72 2.61 20.88
C LEU D 45 -42.92 3.19 22.28
N ALA D 46 -44.01 3.92 22.51
CA ALA D 46 -44.26 4.51 23.81
C ALA D 46 -44.34 3.46 24.91
N PHE D 47 -43.74 3.76 26.05
CA PHE D 47 -43.75 2.89 27.21
C PHE D 47 -44.06 3.72 28.45
N GLU D 48 -44.20 3.03 29.57
CA GLU D 48 -44.28 3.66 30.88
C GLU D 48 -43.27 3.02 31.81
N HIS D 49 -42.43 3.85 32.43
CA HIS D 49 -41.43 3.32 33.34
C HIS D 49 -42.11 2.73 34.57
N ALA D 50 -41.41 1.80 35.21
CA ALA D 50 -41.96 1.19 36.41
C ALA D 50 -41.89 2.18 37.55
N PRO D 51 -42.41 1.86 38.73
CA PRO D 51 -42.33 2.81 39.85
C PRO D 51 -40.88 3.19 40.12
N GLY D 52 -40.58 4.48 40.01
CA GLY D 52 -39.22 4.96 40.15
C GLY D 52 -38.30 4.22 39.21
N GLU D 53 -38.60 4.26 37.92
CA GLU D 53 -37.88 3.53 36.88
C GLU D 53 -37.49 4.45 35.73
N PRO D 54 -36.45 4.09 34.98
CA PRO D 54 -35.85 5.03 34.01
C PRO D 54 -36.83 5.57 32.98
N LYS D 55 -36.86 6.89 32.83
CA LYS D 55 -37.71 7.53 31.84
C LYS D 55 -37.13 7.51 30.44
N HIS D 56 -35.90 7.04 30.26
CA HIS D 56 -35.32 6.87 28.94
C HIS D 56 -34.62 5.52 28.86
N ARG D 57 -34.83 4.81 27.78
CA ARG D 57 -34.26 3.48 27.61
C ARG D 57 -33.12 3.51 26.61
N THR D 58 -32.03 2.86 26.96
CA THR D 58 -30.81 2.83 26.17
C THR D 58 -30.68 1.47 25.49
N TYR D 59 -30.42 1.49 24.19
CA TYR D 59 -30.31 0.27 23.40
C TYR D 59 -29.06 0.30 22.53
N THR D 60 -28.54 -0.88 22.27
CA THR D 60 -27.68 -1.07 21.12
C THR D 60 -28.54 -1.07 19.85
N LEU D 61 -27.93 -0.76 18.72
CA LEU D 61 -28.67 -0.83 17.46
C LEU D 61 -29.28 -2.20 17.25
N ALA D 62 -28.56 -3.26 17.61
CA ALA D 62 -29.05 -4.62 17.37
C ALA D 62 -30.29 -4.93 18.19
N THR D 63 -30.25 -4.65 19.49
CA THR D 63 -31.41 -4.91 20.33
C THR D 63 -32.60 -4.08 19.89
N PHE D 64 -32.37 -2.83 19.51
CA PHE D 64 -33.47 -1.98 19.06
C PHE D 64 -34.11 -2.52 17.79
N LEU D 65 -33.30 -3.00 16.84
CA LEU D 65 -33.88 -3.52 15.60
C LEU D 65 -34.63 -4.82 15.87
N LYS D 66 -34.14 -5.66 16.77
CA LYS D 66 -34.89 -6.86 17.14
C LYS D 66 -36.23 -6.49 17.79
N LEU D 67 -36.23 -5.47 18.65
CA LEU D 67 -37.47 -4.99 19.25
C LEU D 67 -38.45 -4.47 18.19
N LEU D 68 -37.94 -3.71 17.22
CA LEU D 68 -38.77 -3.22 16.14
C LEU D 68 -39.36 -4.35 15.31
N GLU D 69 -38.56 -5.36 15.01
CA GLU D 69 -39.07 -6.49 14.25
C GLU D 69 -40.12 -7.25 15.04
N GLU D 70 -39.91 -7.42 16.34
CA GLU D 70 -40.90 -8.11 17.17
C GLU D 70 -42.21 -7.35 17.20
N LYS D 71 -42.15 -6.02 17.22
CA LYS D 71 -43.36 -5.21 17.22
C LYS D 71 -43.86 -4.90 15.82
N GLN D 72 -43.20 -5.42 14.79
CA GLN D 72 -43.57 -5.20 13.39
C GLN D 72 -43.65 -3.71 13.06
N ILE D 73 -42.62 -2.97 13.45
CA ILE D 73 -42.51 -1.54 13.15
C ILE D 73 -41.41 -1.35 12.12
N ARG D 74 -41.75 -0.66 11.04
CA ARG D 74 -40.78 -0.37 9.98
C ARG D 74 -39.88 0.78 10.42
N TRP D 75 -38.57 0.58 10.33
CA TRP D 75 -37.66 1.67 10.66
C TRP D 75 -37.34 2.50 9.41
N PRO D 76 -36.98 3.76 9.60
CA PRO D 76 -36.57 4.57 8.44
C PRO D 76 -35.20 4.15 7.92
N ALA D 77 -35.18 3.12 7.10
CA ALA D 77 -33.92 2.60 6.58
C ALA D 77 -33.28 3.60 5.61
N PHE D 78 -31.98 3.80 5.74
CA PHE D 78 -31.28 4.79 4.96
C PHE D 78 -29.96 4.22 4.46
N THR D 79 -29.36 4.91 3.51
CA THR D 79 -28.10 4.47 2.93
C THR D 79 -27.29 5.70 2.57
N TYR D 80 -26.00 5.65 2.85
CA TYR D 80 -25.07 6.68 2.37
C TYR D 80 -24.85 6.43 0.89
N HIS D 81 -25.48 7.24 0.05
CA HIS D 81 -25.56 6.89 -1.36
C HIS D 81 -24.21 6.86 -2.03
N ASN D 82 -23.32 7.77 -1.67
CA ASN D 82 -22.00 7.85 -2.29
C ASN D 82 -20.89 7.31 -1.40
N GLN D 83 -21.22 6.50 -0.40
CA GLN D 83 -20.20 5.78 0.35
C GLN D 83 -19.54 4.74 -0.54
N GLN D 84 -18.23 4.59 -0.41
CA GLN D 84 -17.54 3.51 -1.08
C GLN D 84 -16.62 2.81 -0.10
N GLY D 85 -16.67 1.47 -0.10
CA GLY D 85 -15.90 0.66 0.81
C GLY D 85 -16.58 0.39 2.13
N ARG D 86 -15.81 0.13 3.17
CA ARG D 86 -16.35 -0.27 4.46
C ARG D 86 -16.50 0.94 5.37
N MET D 87 -17.70 1.12 5.92
CA MET D 87 -17.93 2.12 6.95
C MET D 87 -17.60 1.50 8.31
N ASP D 88 -16.56 2.02 8.95
CA ASP D 88 -16.13 1.55 10.27
C ASP D 88 -16.93 2.28 11.34
N PHE D 89 -17.87 1.58 11.98
CA PHE D 89 -18.73 2.18 12.99
C PHE D 89 -18.06 2.20 14.35
N GLN D 90 -18.19 3.31 15.06
CA GLN D 90 -17.71 3.41 16.44
C GLN D 90 -18.83 3.21 17.45
N ASN D 91 -19.87 4.03 17.39
CA ASN D 91 -21.04 3.87 18.24
C ASN D 91 -22.28 3.83 17.37
N ARG D 92 -23.19 2.91 17.68
CA ARG D 92 -24.52 2.87 17.10
C ARG D 92 -25.49 2.73 18.27
N LEU D 93 -25.93 3.86 18.79
CA LEU D 93 -26.65 3.92 20.05
C LEU D 93 -28.08 4.42 19.84
N ILE D 94 -28.96 3.97 20.71
CA ILE D 94 -30.38 4.35 20.66
C ILE D 94 -30.79 4.83 22.04
N SER D 95 -31.52 5.94 22.08
CA SER D 95 -32.20 6.42 23.28
C SER D 95 -33.69 6.56 22.96
N LEU D 96 -34.53 5.89 23.73
CA LEU D 96 -35.96 5.85 23.49
C LEU D 96 -36.68 6.50 24.67
N SER D 97 -37.37 7.61 24.41
CA SER D 97 -38.06 8.30 25.49
C SER D 97 -39.48 7.76 25.66
N GLU D 98 -40.14 8.24 26.70
CA GLU D 98 -41.40 7.67 27.16
C GLU D 98 -42.52 7.85 26.15
N ASP D 99 -42.50 8.91 25.36
CA ASP D 99 -43.52 9.15 24.35
C ASP D 99 -43.17 8.52 23.01
N GLY D 100 -42.08 7.77 22.92
CA GLY D 100 -41.73 7.08 21.71
C GLY D 100 -40.75 7.78 20.79
N THR D 101 -40.03 8.79 21.26
CA THR D 101 -39.05 9.47 20.43
C THR D 101 -37.73 8.68 20.44
N VAL D 102 -37.32 8.22 19.27
CA VAL D 102 -36.06 7.50 19.13
C VAL D 102 -34.97 8.49 18.78
N MET D 103 -33.95 8.57 19.61
CA MET D 103 -32.72 9.27 19.28
C MET D 103 -31.67 8.25 18.89
N TYR D 104 -31.07 8.44 17.71
CA TYR D 104 -30.08 7.52 17.20
C TYR D 104 -28.78 8.26 17.00
N LEU D 105 -27.69 7.66 17.47
CA LEU D 105 -26.34 8.18 17.25
C LEU D 105 -25.52 7.14 16.50
N GLU D 106 -24.96 7.55 15.38
CA GLU D 106 -24.12 6.69 14.54
C GLU D 106 -22.82 7.44 14.34
N ARG D 107 -21.74 6.96 14.92
CA ARG D 107 -20.42 7.53 14.70
C ARG D 107 -19.60 6.60 13.82
N PHE D 108 -18.96 7.14 12.79
CA PHE D 108 -18.38 6.29 11.76
C PHE D 108 -17.13 6.91 11.19
N THR D 109 -16.37 6.08 10.49
CA THR D 109 -15.36 6.49 9.54
C THR D 109 -15.68 5.83 8.21
N SER D 110 -15.61 6.60 7.13
CA SER D 110 -15.94 6.04 5.82
C SER D 110 -15.33 6.91 4.73
N THR D 111 -15.09 6.29 3.59
CA THR D 111 -14.70 7.00 2.37
C THR D 111 -15.95 7.26 1.54
N PHE D 112 -15.93 8.39 0.82
CA PHE D 112 -17.05 8.82 -0.01
C PHE D 112 -16.55 9.24 -1.37
N GLN D 113 -17.35 8.94 -2.40
CA GLN D 113 -17.03 9.35 -3.75
C GLN D 113 -17.09 10.87 -3.88
N ALA D 114 -16.23 11.40 -4.74
CA ALA D 114 -16.19 12.83 -5.04
C ALA D 114 -16.29 12.98 -6.55
N PRO D 115 -17.47 12.74 -7.12
CA PRO D 115 -17.58 12.73 -8.57
C PRO D 115 -17.65 14.11 -9.20
N ALA D 116 -17.67 15.17 -8.40
CA ALA D 116 -17.64 16.52 -8.92
C ALA D 116 -16.24 17.10 -9.08
N PHE D 117 -15.19 16.33 -8.77
CA PHE D 117 -13.83 16.78 -9.04
C PHE D 117 -13.68 17.25 -10.49
N ASP D 118 -13.26 18.49 -10.64
CA ASP D 118 -12.91 19.06 -11.94
C ASP D 118 -11.54 19.70 -11.80
N PHE D 119 -10.54 19.11 -12.44
CA PHE D 119 -9.15 19.54 -12.27
C PHE D 119 -8.70 20.53 -13.33
N ARG D 120 -9.63 21.09 -14.11
CA ARG D 120 -9.23 21.92 -15.24
C ARG D 120 -8.37 23.10 -14.81
N LEU D 121 -8.68 23.71 -13.66
CA LEU D 121 -7.93 24.84 -13.17
C LEU D 121 -6.87 24.45 -12.14
N PHE D 122 -6.67 23.17 -11.92
CA PHE D 122 -5.72 22.70 -10.93
C PHE D 122 -4.36 23.36 -11.13
N PRO D 123 -3.74 23.90 -10.09
CA PRO D 123 -4.11 23.85 -8.67
C PRO D 123 -4.94 25.03 -8.14
N PHE D 124 -5.58 25.83 -8.98
CA PHE D 124 -6.42 26.93 -8.53
C PHE D 124 -7.90 26.57 -8.54
N ASP D 125 -8.20 25.31 -8.29
CA ASP D 125 -9.56 24.79 -8.35
C ASP D 125 -10.24 24.79 -6.99
N ASN D 126 -11.54 25.07 -7.00
CA ASN D 126 -12.40 24.94 -5.84
C ASN D 126 -13.34 23.76 -6.09
N GLN D 127 -13.28 22.75 -5.23
CA GLN D 127 -14.02 21.51 -5.45
C GLN D 127 -15.25 21.42 -4.56
N LEU D 128 -16.20 20.63 -5.01
CA LEU D 128 -17.44 20.36 -4.28
C LEU D 128 -17.39 18.96 -3.69
N PHE D 129 -17.60 18.86 -2.37
CA PHE D 129 -17.66 17.59 -1.65
C PHE D 129 -19.03 17.48 -1.01
N PHE D 130 -19.64 16.31 -1.09
CA PHE D 130 -20.94 16.11 -0.48
C PHE D 130 -21.06 14.70 0.07
N ILE D 131 -21.98 14.55 1.00
CA ILE D 131 -22.44 13.26 1.48
C ILE D 131 -23.94 13.20 1.28
N HIS D 132 -24.42 12.18 0.58
CA HIS D 132 -25.85 11.96 0.40
C HIS D 132 -26.30 10.90 1.40
N VAL D 133 -27.38 11.18 2.12
CA VAL D 133 -28.04 10.20 2.95
C VAL D 133 -29.43 9.97 2.38
N ASP D 134 -29.68 8.76 1.90
CA ASP D 134 -30.89 8.43 1.15
C ASP D 134 -31.85 7.62 2.00
N SER D 135 -33.10 8.02 1.99
CA SER D 135 -34.16 7.18 2.53
C SER D 135 -34.47 6.08 1.54
N ILE D 136 -34.41 4.83 2.00
CA ILE D 136 -34.75 3.72 1.11
C ILE D 136 -36.24 3.69 0.83
N PHE D 137 -37.07 3.89 1.86
CA PHE D 137 -38.52 3.86 1.69
C PHE D 137 -39.06 5.18 1.14
N PRO D 138 -40.19 5.13 0.44
CA PRO D 138 -40.70 6.33 -0.25
C PRO D 138 -41.26 7.36 0.74
N GLN D 139 -41.48 8.57 0.21
CA GLN D 139 -41.84 9.71 1.04
C GLN D 139 -43.27 9.68 1.58
N HIS D 140 -44.12 8.75 1.14
CA HIS D 140 -45.41 8.63 1.82
C HIS D 140 -45.30 7.78 3.08
N LEU D 141 -44.16 7.17 3.35
CA LEU D 141 -43.87 6.48 4.60
C LEU D 141 -43.03 7.35 5.53
N PHE D 142 -41.89 7.85 5.05
CA PHE D 142 -40.98 8.67 5.84
C PHE D 142 -40.57 9.89 5.05
N ARG D 143 -40.53 11.04 5.72
CA ARG D 143 -40.09 12.29 5.12
C ARG D 143 -38.94 12.82 5.96
N PHE D 144 -37.74 12.86 5.38
CA PHE D 144 -36.59 13.40 6.08
C PHE D 144 -36.78 14.89 6.34
N GLN D 145 -36.43 15.33 7.53
CA GLN D 145 -36.32 16.73 7.88
C GLN D 145 -34.88 17.03 8.24
N GLU D 146 -34.60 18.29 8.56
CA GLU D 146 -33.28 18.72 8.97
C GLU D 146 -33.25 18.89 10.49
N MET D 147 -32.39 18.13 11.15
CA MET D 147 -32.10 18.36 12.55
C MET D 147 -31.41 19.70 12.72
N GLN D 148 -31.88 20.50 13.65
CA GLN D 148 -31.37 21.86 13.83
C GLN D 148 -30.24 21.89 14.84
N GLY D 149 -29.22 22.68 14.53
CA GLY D 149 -28.10 22.89 15.42
C GLY D 149 -27.15 21.73 15.53
N PHE D 150 -27.10 20.83 14.54
CA PHE D 150 -26.15 19.73 14.61
C PHE D 150 -25.26 19.63 13.38
N SER D 151 -25.83 19.79 12.19
CA SER D 151 -25.10 19.46 10.98
C SER D 151 -24.02 20.48 10.68
N GLY D 152 -23.00 20.02 9.98
CA GLY D 152 -21.95 20.91 9.52
C GLY D 152 -20.58 20.28 9.58
N LEU D 153 -19.57 21.12 9.73
CA LEU D 153 -18.19 20.68 9.80
C LEU D 153 -17.62 21.14 11.14
N GLY D 154 -16.60 20.43 11.61
CA GLY D 154 -16.08 20.63 12.94
C GLY D 154 -14.98 21.68 12.99
N ASP D 155 -14.39 21.81 14.17
CA ASP D 155 -13.35 22.79 14.41
C ASP D 155 -11.96 22.25 14.12
N GLN D 156 -11.73 20.95 14.25
CA GLN D 156 -10.43 20.34 13.97
C GLN D 156 -10.62 19.28 12.88
N LEU D 157 -10.63 19.72 11.62
CA LEU D 157 -10.82 18.77 10.55
C LEU D 157 -9.56 18.01 10.21
N GLY D 158 -8.40 18.54 10.60
CA GLY D 158 -7.15 17.86 10.40
C GLY D 158 -6.64 17.83 8.97
N GLU D 159 -7.19 18.66 8.10
CA GLU D 159 -6.80 18.70 6.70
C GLU D 159 -5.89 19.91 6.48
N GLU D 160 -4.71 19.66 5.94
CA GLU D 160 -3.68 20.69 5.80
C GLU D 160 -3.64 21.33 4.42
N GLU D 161 -3.86 20.57 3.35
CA GLU D 161 -3.80 21.18 2.02
C GLU D 161 -5.05 21.95 1.65
N TRP D 162 -6.21 21.51 2.13
CA TRP D 162 -7.49 22.08 1.72
C TRP D 162 -8.05 23.00 2.80
N ILE D 163 -8.76 24.03 2.34
CA ILE D 163 -9.44 24.98 3.21
C ILE D 163 -10.91 25.01 2.83
N VAL D 164 -11.78 24.74 3.81
CA VAL D 164 -13.22 24.77 3.57
C VAL D 164 -13.70 26.20 3.44
N THR D 165 -14.44 26.47 2.37
CA THR D 165 -14.91 27.81 2.05
C THR D 165 -16.39 28.02 2.25
N GLU D 166 -17.20 26.96 2.14
CA GLU D 166 -18.64 27.07 2.29
C GLU D 166 -19.18 25.72 2.70
N VAL D 167 -20.12 25.72 3.65
CA VAL D 167 -20.77 24.49 4.12
C VAL D 167 -22.27 24.69 4.03
N ASN D 168 -22.97 23.68 3.57
CA ASN D 168 -24.39 23.80 3.26
C ASN D 168 -25.08 22.46 3.50
N THR D 169 -26.37 22.55 3.85
CA THR D 169 -27.24 21.39 3.99
C THR D 169 -28.55 21.70 3.30
N HIS D 170 -29.22 20.66 2.81
CA HIS D 170 -30.56 20.81 2.26
C HIS D 170 -31.15 19.43 2.03
N LEU D 171 -32.41 19.41 1.59
CA LEU D 171 -33.17 18.19 1.38
C LEU D 171 -33.65 18.12 -0.05
N THR D 172 -33.51 16.96 -0.67
CA THR D 172 -33.99 16.75 -2.03
C THR D 172 -34.61 15.36 -2.11
N THR D 173 -34.81 14.87 -3.33
CA THR D 173 -35.45 13.59 -3.54
C THR D 173 -34.58 12.71 -4.41
N HIS D 174 -34.91 11.42 -4.42
CA HIS D 174 -34.29 10.43 -5.27
C HIS D 174 -35.34 9.38 -5.59
N ASN D 175 -35.08 8.58 -6.62
CA ASN D 175 -35.95 7.50 -7.01
C ASN D 175 -35.16 6.22 -7.21
N GLU D 176 -34.19 5.95 -6.33
CA GLU D 176 -33.31 4.81 -6.55
C GLU D 176 -34.07 3.49 -6.59
N PHE D 177 -34.89 3.23 -5.58
CA PHE D 177 -35.52 1.92 -5.43
C PHE D 177 -37.04 1.92 -5.49
N THR D 178 -37.68 3.07 -5.56
CA THR D 178 -39.14 3.15 -5.57
C THR D 178 -39.61 4.05 -6.70
N LYS D 179 -40.80 3.75 -7.21
CA LYS D 179 -41.42 4.64 -8.19
C LYS D 179 -41.66 6.01 -7.59
N GLY D 180 -42.18 6.07 -6.36
CA GLY D 180 -42.39 7.33 -5.69
C GLY D 180 -41.09 7.97 -5.22
N ASP D 181 -41.17 9.26 -4.96
CA ASP D 181 -40.00 9.99 -4.49
C ASP D 181 -39.63 9.56 -3.06
N ALA D 182 -38.33 9.51 -2.80
CA ALA D 182 -37.81 9.24 -1.47
C ALA D 182 -36.88 10.38 -1.06
N SER D 183 -36.85 10.65 0.24
CA SER D 183 -36.08 11.76 0.75
C SER D 183 -34.58 11.54 0.56
N ARG D 184 -33.87 12.65 0.36
CA ARG D 184 -32.41 12.65 0.34
C ARG D 184 -31.92 13.85 1.14
N PHE D 185 -31.10 13.58 2.14
CA PHE D 185 -30.40 14.63 2.89
C PHE D 185 -29.01 14.81 2.28
N VAL D 186 -28.63 16.07 2.05
CA VAL D 186 -27.34 16.41 1.49
C VAL D 186 -26.58 17.33 2.44
N LEU D 187 -25.35 16.96 2.76
CA LEU D 187 -24.40 17.84 3.42
C LEU D 187 -23.27 18.08 2.43
N GLU D 188 -23.10 19.31 1.97
CA GLU D 188 -22.06 19.62 1.02
C GLU D 188 -21.19 20.76 1.53
N PHE D 189 -19.95 20.77 1.07
CA PHE D 189 -19.02 21.84 1.37
C PHE D 189 -18.08 22.02 0.20
N HIS D 190 -17.58 23.24 0.07
CA HIS D 190 -16.63 23.61 -0.98
C HIS D 190 -15.27 23.82 -0.34
N ALA D 191 -14.22 23.37 -1.02
CA ALA D 191 -12.86 23.52 -0.54
C ALA D 191 -11.94 23.99 -1.66
N GLU D 192 -10.98 24.83 -1.31
CA GLU D 192 -9.89 25.22 -2.20
C GLU D 192 -8.58 24.79 -1.58
N ARG D 193 -7.51 24.87 -2.37
CA ARG D 193 -6.19 24.45 -1.93
C ARG D 193 -5.40 25.61 -1.37
N HIS D 194 -4.50 25.28 -0.46
CA HIS D 194 -3.36 26.13 -0.15
C HIS D 194 -2.33 25.94 -1.26
N LEU D 195 -1.82 27.04 -1.78
CA LEU D 195 -0.92 26.99 -2.92
C LEU D 195 0.55 26.93 -2.53
N ASN D 196 0.88 26.99 -1.24
CA ASN D 196 2.27 27.05 -0.83
C ASN D 196 3.05 25.85 -1.34
N TYR D 197 2.43 24.66 -1.32
CA TYR D 197 3.13 23.47 -1.77
C TYR D 197 3.55 23.60 -3.23
N TYR D 198 2.67 24.18 -4.05
CA TYR D 198 2.92 24.26 -5.48
C TYR D 198 3.91 25.35 -5.82
N LEU D 199 3.89 26.45 -5.07
CA LEU D 199 4.91 27.46 -5.22
C LEU D 199 6.29 26.91 -4.87
N MET D 200 6.38 26.18 -3.75
CA MET D 200 7.70 25.76 -3.28
C MET D 200 8.24 24.58 -4.08
N ARG D 201 7.43 23.57 -4.33
CA ARG D 201 7.93 22.34 -4.90
C ARG D 201 7.81 22.27 -6.42
N ILE D 202 6.92 23.06 -7.02
CA ILE D 202 6.71 22.98 -8.46
C ILE D 202 7.09 24.28 -9.15
N LEU D 203 6.48 25.39 -8.73
CA LEU D 203 6.67 26.63 -9.46
C LEU D 203 8.11 27.12 -9.40
N ILE D 204 8.66 27.23 -8.19
CA ILE D 204 9.97 27.85 -8.00
C ILE D 204 11.07 27.00 -8.60
N PRO D 205 11.05 25.67 -8.46
CA PRO D 205 12.07 24.87 -9.17
C PRO D 205 12.04 25.05 -10.68
N VAL D 206 10.86 25.05 -11.29
CA VAL D 206 10.77 25.24 -12.74
C VAL D 206 11.27 26.62 -13.12
N LEU D 207 10.87 27.63 -12.37
CA LEU D 207 11.35 28.99 -12.64
C LEU D 207 12.85 29.09 -12.51
N LEU D 208 13.41 28.45 -11.48
CA LEU D 208 14.86 28.50 -11.29
C LEU D 208 15.56 27.82 -12.45
N ILE D 209 15.07 26.68 -12.90
CA ILE D 209 15.70 25.99 -14.02
C ILE D 209 15.66 26.86 -15.27
N ILE D 210 14.49 27.41 -15.58
CA ILE D 210 14.36 28.26 -16.77
C ILE D 210 15.28 29.46 -16.68
N THR D 211 15.28 30.15 -15.53
CA THR D 211 16.07 31.37 -15.41
C THR D 211 17.57 31.08 -15.39
N VAL D 212 17.99 30.02 -14.70
CA VAL D 212 19.39 29.65 -14.68
C VAL D 212 19.87 29.30 -16.09
N SER D 213 18.99 28.66 -16.87
CA SER D 213 19.29 28.46 -18.28
C SER D 213 19.47 29.79 -19.01
N TRP D 214 18.55 30.73 -18.80
CA TRP D 214 18.67 32.01 -19.50
C TRP D 214 19.98 32.70 -19.14
N PHE D 215 20.32 32.72 -17.85
CA PHE D 215 21.57 33.35 -17.44
C PHE D 215 22.76 32.66 -18.09
N THR D 216 22.76 31.33 -18.14
CA THR D 216 23.84 30.62 -18.81
C THR D 216 23.84 30.86 -20.32
N PHE D 217 22.76 31.40 -20.87
CA PHE D 217 22.75 31.74 -22.29
C PHE D 217 23.68 32.89 -22.63
N PHE D 218 24.14 33.66 -21.64
CA PHE D 218 25.05 34.77 -21.90
C PHE D 218 26.50 34.32 -22.10
N LEU D 219 26.76 33.01 -22.11
CA LEU D 219 28.11 32.54 -22.41
C LEU D 219 28.51 32.88 -23.84
N GLN D 220 27.57 32.72 -24.78
CA GLN D 220 27.85 32.83 -26.21
C GLN D 220 28.49 31.58 -26.78
N ASP D 221 28.20 30.42 -26.19
CA ASP D 221 28.68 29.12 -26.69
C ASP D 221 27.47 28.25 -27.06
N TYR D 222 27.10 28.28 -28.34
CA TYR D 222 25.85 27.64 -28.78
C TYR D 222 25.74 26.17 -28.38
N THR D 223 26.86 25.43 -28.43
CA THR D 223 26.80 24.02 -28.04
C THR D 223 26.38 23.88 -26.58
N LYS D 224 26.90 24.75 -25.70
CA LYS D 224 26.48 24.70 -24.31
C LYS D 224 24.98 24.94 -24.19
N ARG D 225 24.44 25.87 -24.98
CA ARG D 225 23.01 26.08 -24.97
C ARG D 225 22.27 24.82 -25.33
N ILE D 226 22.71 24.13 -26.39
CA ILE D 226 21.99 22.93 -26.82
C ILE D 226 22.05 21.85 -25.75
N ASP D 227 23.24 21.61 -25.19
CA ASP D 227 23.37 20.61 -24.14
C ASP D 227 22.45 20.94 -22.97
N LEU D 228 22.54 22.17 -22.47
CA LEU D 228 21.76 22.58 -21.31
C LEU D 228 20.27 22.48 -21.58
N ALA D 229 19.85 22.87 -22.78
CA ALA D 229 18.44 22.82 -23.13
C ALA D 229 17.93 21.38 -23.20
N GLY D 230 18.72 20.48 -23.78
CA GLY D 230 18.34 19.08 -23.77
C GLY D 230 18.15 18.55 -22.35
N GLY D 231 19.11 18.86 -21.48
CA GLY D 231 18.96 18.48 -20.09
C GLY D 231 17.71 19.06 -19.45
N ASN D 232 17.43 20.34 -19.71
CA ASN D 232 16.24 20.98 -19.17
C ASN D 232 14.97 20.30 -19.65
N LEU D 233 14.92 19.92 -20.92
CA LEU D 233 13.76 19.20 -21.44
C LEU D 233 13.58 17.87 -20.73
N LEU D 234 14.68 17.15 -20.51
CA LEU D 234 14.58 15.89 -19.77
C LEU D 234 14.00 16.12 -18.38
N LEU D 235 14.50 17.15 -17.69
CA LEU D 235 14.03 17.43 -16.34
C LEU D 235 12.55 17.83 -16.34
N PHE D 236 12.15 18.63 -17.32
CA PHE D 236 10.74 19.01 -17.41
C PHE D 236 9.85 17.79 -17.66
N ILE D 237 10.34 16.79 -18.39
CA ILE D 237 9.52 15.60 -18.60
C ILE D 237 9.44 14.77 -17.32
N ALA D 238 10.52 14.77 -16.52
CA ALA D 238 10.43 14.16 -15.19
C ALA D 238 9.38 14.87 -14.33
N PHE D 239 9.34 16.19 -14.40
CA PHE D 239 8.30 16.94 -13.69
C PHE D 239 6.91 16.58 -14.20
N ASN D 240 6.77 16.42 -15.52
CA ASN D 240 5.49 15.99 -16.08
C ASN D 240 5.04 14.67 -15.47
N PHE D 241 5.92 13.67 -15.47
CA PHE D 241 5.54 12.37 -14.93
C PHE D 241 5.20 12.45 -13.45
N THR D 242 6.02 13.16 -12.67
CA THR D 242 5.74 13.32 -11.24
C THR D 242 4.39 13.97 -11.01
N ILE D 243 4.14 15.12 -11.64
CA ILE D 243 2.90 15.84 -11.40
C ILE D 243 1.70 15.00 -11.85
N SER D 244 1.80 14.36 -13.01
CA SER D 244 0.67 13.56 -13.49
C SER D 244 0.39 12.38 -12.58
N SER D 245 1.42 11.89 -11.88
CA SER D 245 1.20 10.76 -10.97
C SER D 245 0.13 11.06 -9.93
N ASP D 246 0.02 12.32 -9.48
CA ASP D 246 -0.87 12.69 -8.39
C ASP D 246 -2.33 12.90 -8.80
N LEU D 247 -2.60 12.99 -10.09
CA LEU D 247 -3.94 13.15 -10.65
C LEU D 247 -4.45 11.83 -11.20
N PRO D 248 -5.73 11.76 -11.55
CA PRO D 248 -6.22 10.63 -12.34
C PRO D 248 -5.84 10.79 -13.80
N ARG D 249 -6.10 9.74 -14.58
CA ARG D 249 -5.79 9.76 -16.01
C ARG D 249 -6.93 10.46 -16.74
N LEU D 250 -6.93 11.79 -16.62
CA LEU D 250 -8.02 12.61 -17.09
C LEU D 250 -8.14 12.58 -18.61
N GLY D 251 -9.37 12.71 -19.09
CA GLY D 251 -9.66 12.83 -20.49
C GLY D 251 -9.58 14.23 -21.04
N TYR D 252 -9.21 15.20 -20.22
CA TYR D 252 -9.11 16.60 -20.62
C TYR D 252 -7.80 17.17 -20.10
N ILE D 253 -7.44 18.34 -20.60
CA ILE D 253 -6.17 18.98 -20.28
C ILE D 253 -6.34 19.88 -19.06
N THR D 254 -5.44 19.73 -18.11
CA THR D 254 -5.37 20.61 -16.95
C THR D 254 -4.48 21.80 -17.24
N LEU D 255 -4.69 22.88 -16.48
CA LEU D 255 -3.81 24.03 -16.57
C LEU D 255 -2.35 23.65 -16.37
N MET D 256 -2.08 22.76 -15.42
CA MET D 256 -0.73 22.27 -15.18
C MET D 256 -0.19 21.55 -16.42
N ASP D 257 -1.02 20.75 -17.08
CA ASP D 257 -0.62 20.12 -18.32
C ASP D 257 -0.26 21.16 -19.38
N ALA D 258 -1.05 22.22 -19.49
CA ALA D 258 -0.74 23.27 -20.45
C ALA D 258 0.61 23.92 -20.14
N PHE D 259 0.88 24.20 -18.87
CA PHE D 259 2.14 24.82 -18.51
C PHE D 259 3.32 23.90 -18.82
N LEU D 260 3.18 22.61 -18.54
CA LEU D 260 4.27 21.67 -18.81
C LEU D 260 4.50 21.49 -20.31
N VAL D 261 3.42 21.44 -21.10
CA VAL D 261 3.59 21.37 -22.55
C VAL D 261 4.28 22.62 -23.06
N GLY D 262 3.94 23.78 -22.50
CA GLY D 262 4.66 24.99 -22.84
C GLY D 262 6.14 24.90 -22.56
N THR D 263 6.49 24.35 -21.39
CA THR D 263 7.92 24.21 -21.08
C THR D 263 8.60 23.30 -22.09
N PHE D 264 7.98 22.15 -22.41
CA PHE D 264 8.54 21.28 -23.44
C PHE D 264 8.82 22.05 -24.72
N ILE D 265 7.80 22.74 -25.24
CA ILE D 265 7.90 23.36 -26.56
C ILE D 265 8.92 24.49 -26.55
N ILE D 266 8.92 25.31 -25.51
CA ILE D 266 9.87 26.40 -25.46
C ILE D 266 11.29 25.87 -25.41
N THR D 267 11.53 24.82 -24.63
CA THR D 267 12.86 24.22 -24.61
C THR D 267 13.26 23.70 -25.98
N ALA D 268 12.35 23.02 -26.68
CA ALA D 268 12.68 22.51 -28.00
C ALA D 268 13.00 23.64 -28.97
N LEU D 269 12.20 24.70 -28.95
CA LEU D 269 12.48 25.84 -29.82
C LEU D 269 13.82 26.47 -29.48
N VAL D 270 14.19 26.48 -28.20
CA VAL D 270 15.51 26.98 -27.82
C VAL D 270 16.59 26.16 -28.51
N VAL D 271 16.48 24.84 -28.41
CA VAL D 271 17.46 23.96 -29.04
C VAL D 271 17.53 24.22 -30.53
N LEU D 272 16.37 24.31 -31.18
CA LEU D 272 16.36 24.52 -32.63
C LEU D 272 17.05 25.82 -33.01
N GLY D 273 16.72 26.91 -32.32
CA GLY D 273 17.37 28.17 -32.60
C GLY D 273 18.87 28.09 -32.40
N ASN D 274 19.31 27.35 -31.38
CA ASN D 274 20.74 27.23 -31.15
C ASN D 274 21.43 26.42 -32.24
N VAL D 275 20.77 25.40 -32.77
CA VAL D 275 21.36 24.65 -33.89
C VAL D 275 21.48 25.55 -35.10
N TRP D 276 20.45 26.35 -35.37
CA TRP D 276 20.53 27.29 -36.48
C TRP D 276 21.68 28.28 -36.27
N LEU D 277 21.84 28.80 -35.05
CA LEU D 277 22.95 29.70 -34.79
C LEU D 277 24.29 29.00 -34.97
N ARG D 278 24.39 27.74 -34.54
CA ARG D 278 25.65 27.03 -34.60
C ARG D 278 26.04 26.69 -36.04
N ARG D 279 25.07 26.40 -36.89
CA ARG D 279 25.38 26.22 -38.30
C ARG D 279 25.64 27.56 -39.00
N LEU D 280 25.01 28.64 -38.53
CA LEU D 280 25.34 29.96 -39.06
C LEU D 280 26.79 30.30 -38.78
N GLU D 281 27.25 30.05 -37.56
CA GLU D 281 28.65 30.22 -37.22
C GLU D 281 29.54 29.19 -37.90
N ASN D 282 28.97 28.03 -38.27
CA ASN D 282 29.75 26.98 -38.91
C ASN D 282 30.08 27.34 -40.35
N HIS D 283 29.11 27.83 -41.11
CA HIS D 283 29.29 28.13 -42.53
C HIS D 283 29.72 29.58 -42.78
N GLY D 284 30.40 30.20 -41.82
CA GLY D 284 31.05 31.47 -42.04
C GLY D 284 30.35 32.67 -41.45
N LYS D 285 29.06 32.55 -41.12
CA LYS D 285 28.29 33.70 -40.64
C LYS D 285 28.35 33.77 -39.12
N GLN D 286 29.56 34.10 -38.63
CA GLN D 286 29.74 34.30 -37.20
C GLN D 286 29.16 35.63 -36.73
N ALA D 287 29.36 36.70 -37.51
CA ALA D 287 28.86 38.01 -37.10
C ALA D 287 27.34 38.07 -37.18
N LEU D 288 26.76 37.54 -38.27
CA LEU D 288 25.32 37.39 -38.34
C LEU D 288 24.80 36.51 -37.22
N ALA D 289 25.55 35.45 -36.91
CA ALA D 289 25.16 34.57 -35.82
C ALA D 289 25.06 35.34 -34.51
N ARG D 290 26.06 36.17 -34.21
CA ARG D 290 26.04 36.92 -32.95
C ARG D 290 24.92 37.96 -32.95
N LYS D 291 24.75 38.68 -34.06
CA LYS D 291 23.67 39.66 -34.13
C LYS D 291 22.32 39.01 -33.86
N LEU D 292 22.07 37.82 -34.42
CA LEU D 292 20.80 37.15 -34.17
C LEU D 292 20.76 36.52 -32.79
N ASP D 293 21.91 36.15 -32.23
CA ASP D 293 21.96 35.73 -30.83
C ASP D 293 21.41 36.81 -29.92
N ILE D 294 21.58 38.07 -30.32
CA ILE D 294 20.96 39.14 -29.55
C ILE D 294 19.45 38.90 -29.43
N TYR D 295 18.81 38.56 -30.55
CA TYR D 295 17.36 38.35 -30.51
C TYR D 295 17.01 37.05 -29.79
N ALA D 296 17.85 36.03 -29.93
CA ALA D 296 17.64 34.81 -29.18
C ALA D 296 17.54 35.11 -27.69
N ILE D 297 18.50 35.85 -27.15
CA ILE D 297 18.45 36.24 -25.75
C ILE D 297 17.21 37.08 -25.47
N THR D 298 16.99 38.12 -26.27
CA THR D 298 15.89 39.03 -25.97
C THR D 298 14.52 38.43 -26.25
N SER D 299 14.46 37.17 -26.70
CA SER D 299 13.21 36.48 -26.96
C SER D 299 12.99 35.23 -26.12
N TYR D 300 14.02 34.70 -25.47
CA TYR D 300 13.79 33.57 -24.57
C TYR D 300 12.72 33.86 -23.52
N PRO D 301 12.75 34.98 -22.79
CA PRO D 301 11.73 35.21 -21.75
C PRO D 301 10.43 35.78 -22.26
N LEU D 302 10.43 36.44 -23.42
CA LEU D 302 9.18 36.89 -24.02
C LEU D 302 8.26 35.72 -24.28
N ALA D 303 8.81 34.60 -24.76
CA ALA D 303 7.99 33.42 -24.99
C ALA D 303 7.31 32.96 -23.71
N TYR D 304 8.05 32.91 -22.60
CA TYR D 304 7.46 32.41 -21.36
C TYR D 304 6.40 33.36 -20.82
N LEU D 305 6.67 34.67 -20.82
CA LEU D 305 5.63 35.61 -20.38
C LEU D 305 4.41 35.54 -21.27
N LEU D 306 4.60 35.53 -22.59
CA LEU D 306 3.47 35.52 -23.51
C LEU D 306 2.67 34.24 -23.36
N GLY D 307 3.35 33.09 -23.22
CA GLY D 307 2.64 31.84 -23.05
C GLY D 307 1.89 31.76 -21.74
N ALA D 308 2.46 32.31 -20.67
CA ALA D 308 1.74 32.35 -19.41
C ALA D 308 0.48 33.17 -19.53
N LEU D 309 0.56 34.32 -20.21
CA LEU D 309 -0.65 35.11 -20.43
C LEU D 309 -1.65 34.34 -21.28
N THR D 310 -1.17 33.59 -22.27
CA THR D 310 -2.07 32.79 -23.10
C THR D 310 -2.80 31.72 -22.28
N LEU D 311 -2.07 31.03 -21.40
CA LEU D 311 -2.72 30.05 -20.53
C LEU D 311 -3.76 30.71 -19.65
N TRP D 312 -3.42 31.86 -19.06
CA TRP D 312 -4.41 32.54 -18.23
C TRP D 312 -5.63 32.89 -19.04
N LEU D 313 -5.44 33.42 -20.25
CA LEU D 313 -6.57 33.78 -21.10
C LEU D 313 -7.44 32.56 -21.42
N LEU D 314 -6.81 31.43 -21.72
CA LEU D 314 -7.57 30.24 -22.07
C LEU D 314 -8.39 29.75 -20.89
N PHE D 315 -7.75 29.54 -19.74
CA PHE D 315 -8.45 28.82 -18.68
C PHE D 315 -9.32 29.75 -17.85
N PHE D 316 -8.86 30.98 -17.63
CA PHE D 316 -9.60 31.96 -16.85
C PHE D 316 -10.26 32.99 -17.76
N GLU E 7 -42.99 -27.17 -9.56
CA GLU E 7 -42.55 -26.20 -10.54
C GLU E 7 -41.51 -25.26 -9.96
N PRO E 8 -40.48 -24.94 -10.75
CA PRO E 8 -39.43 -24.04 -10.26
C PRO E 8 -39.99 -22.66 -9.93
N SER E 9 -39.40 -22.03 -8.93
CA SER E 9 -39.79 -20.70 -8.51
C SER E 9 -39.01 -19.64 -9.28
N ASP E 10 -39.67 -18.53 -9.57
CA ASP E 10 -39.07 -17.43 -10.32
C ASP E 10 -38.42 -16.43 -9.37
N VAL E 11 -37.15 -16.13 -9.59
CA VAL E 11 -36.41 -15.16 -8.81
C VAL E 11 -35.99 -14.04 -9.76
N PHE E 12 -36.64 -12.89 -9.64
CA PHE E 12 -36.31 -11.77 -10.51
C PHE E 12 -35.11 -11.01 -9.96
N ILE E 13 -34.14 -10.72 -10.82
CA ILE E 13 -32.84 -10.20 -10.42
C ILE E 13 -32.60 -8.87 -11.11
N GLY E 14 -32.15 -7.89 -10.33
CA GLY E 14 -31.68 -6.64 -10.87
C GLY E 14 -30.37 -6.25 -10.24
N LEU E 15 -29.38 -5.91 -11.05
CA LEU E 15 -28.11 -5.41 -10.55
C LEU E 15 -27.87 -4.02 -11.09
N LYS E 16 -27.59 -3.08 -10.19
CA LYS E 16 -27.38 -1.69 -10.54
C LYS E 16 -25.99 -1.28 -10.10
N ILE E 17 -25.17 -0.80 -11.03
CA ILE E 17 -23.84 -0.31 -10.71
C ILE E 17 -23.92 1.21 -10.57
N ASP E 18 -23.61 1.70 -9.37
CA ASP E 18 -23.67 3.12 -9.09
C ASP E 18 -22.33 3.82 -9.16
N GLN E 19 -21.25 3.14 -8.79
CA GLN E 19 -19.93 3.70 -8.89
C GLN E 19 -18.99 2.69 -9.50
N ILE E 20 -18.00 3.19 -10.24
CA ILE E 20 -16.80 2.44 -10.54
C ILE E 20 -15.70 3.08 -9.71
N THR E 21 -15.43 2.50 -8.56
CA THR E 21 -14.42 3.05 -7.66
C THR E 21 -13.01 2.89 -8.23
N GLY E 22 -12.81 1.94 -9.13
CA GLY E 22 -11.52 1.81 -9.75
C GLY E 22 -11.45 0.67 -10.74
N ILE E 23 -10.60 0.83 -11.74
CA ILE E 23 -10.28 -0.21 -12.70
C ILE E 23 -8.79 -0.46 -12.59
N ASN E 24 -8.43 -1.65 -12.15
CA ASN E 24 -7.04 -2.01 -11.87
C ASN E 24 -6.57 -2.91 -13.01
N GLN E 25 -5.91 -2.32 -14.00
CA GLN E 25 -5.50 -3.11 -15.15
C GLN E 25 -4.28 -3.98 -14.87
N LYS E 26 -3.48 -3.63 -13.86
CA LYS E 26 -2.37 -4.50 -13.48
C LYS E 26 -2.84 -5.79 -12.82
N GLU E 27 -3.75 -5.68 -11.85
CA GLU E 27 -4.37 -6.85 -11.24
C GLU E 27 -5.52 -7.41 -12.07
N GLU E 28 -5.90 -6.74 -13.16
CA GLU E 28 -6.99 -7.19 -14.02
C GLU E 28 -8.28 -7.39 -13.23
N ASN E 29 -8.66 -6.37 -12.49
CA ASN E 29 -9.93 -6.38 -11.76
C ASN E 29 -10.52 -4.98 -11.81
N PHE E 30 -11.75 -4.87 -11.36
CA PHE E 30 -12.40 -3.58 -11.23
C PHE E 30 -13.28 -3.63 -9.99
N SER E 31 -13.46 -2.48 -9.35
CA SER E 31 -14.25 -2.37 -8.14
C SER E 31 -15.43 -1.45 -8.39
N VAL E 32 -16.56 -1.78 -7.78
CA VAL E 32 -17.79 -1.05 -7.99
C VAL E 32 -18.52 -0.89 -6.67
N VAL E 33 -19.35 0.13 -6.61
CA VAL E 33 -20.41 0.26 -5.62
C VAL E 33 -21.70 0.02 -6.40
N GLY E 34 -22.48 -0.96 -5.98
CA GLY E 34 -23.71 -1.28 -6.68
C GLY E 34 -24.75 -1.82 -5.73
N SER E 35 -25.94 -2.10 -6.29
CA SER E 35 -27.05 -2.60 -5.49
C SER E 35 -27.74 -3.73 -6.23
N LEU E 36 -28.13 -4.74 -5.49
CA LEU E 36 -28.81 -5.92 -6.02
C LEU E 36 -30.24 -5.93 -5.51
N ARG E 37 -31.19 -6.13 -6.42
CA ARG E 37 -32.61 -6.23 -6.09
C ARG E 37 -33.14 -7.59 -6.49
N ILE E 38 -33.83 -8.25 -5.58
CA ILE E 38 -34.43 -9.56 -5.83
C ILE E 38 -35.88 -9.51 -5.39
N ASP E 39 -36.78 -9.89 -6.29
CA ASP E 39 -38.19 -10.09 -5.99
C ASP E 39 -38.49 -11.59 -6.12
N TRP E 40 -39.04 -12.18 -5.08
CA TRP E 40 -39.25 -13.63 -5.06
C TRP E 40 -40.52 -13.94 -4.29
N ARG E 41 -41.54 -14.41 -5.00
CA ARG E 41 -42.83 -14.75 -4.39
C ARG E 41 -42.73 -16.15 -3.79
N GLN E 42 -42.78 -16.23 -2.47
CA GLN E 42 -42.87 -17.51 -1.77
C GLN E 42 -44.18 -17.58 -1.02
N PRO E 43 -45.20 -18.27 -1.54
CA PRO E 43 -46.51 -18.26 -0.88
C PRO E 43 -46.50 -18.77 0.55
N LEU E 44 -45.56 -19.66 0.90
CA LEU E 44 -45.47 -20.10 2.29
C LEU E 44 -45.23 -18.95 3.25
N LEU E 45 -44.73 -17.81 2.77
CA LEU E 45 -44.48 -16.66 3.62
C LEU E 45 -45.68 -15.75 3.79
N ALA E 46 -46.80 -16.07 3.17
CA ALA E 46 -48.00 -15.24 3.27
C ALA E 46 -48.46 -15.09 4.71
N PHE E 47 -48.86 -13.88 5.07
CA PHE E 47 -49.37 -13.59 6.39
C PHE E 47 -50.63 -12.74 6.26
N GLU E 48 -51.27 -12.48 7.40
CA GLU E 48 -52.35 -11.51 7.49
C GLU E 48 -52.04 -10.52 8.60
N HIS E 49 -52.10 -9.24 8.29
CA HIS E 49 -51.83 -8.23 9.28
C HIS E 49 -52.93 -8.22 10.33
N ALA E 50 -52.59 -7.76 11.53
CA ALA E 50 -53.58 -7.71 12.59
C ALA E 50 -54.54 -6.57 12.30
N PRO E 51 -55.59 -6.39 13.10
CA PRO E 51 -56.52 -5.28 12.85
C PRO E 51 -55.79 -3.95 12.81
N GLY E 52 -55.88 -3.28 11.67
CA GLY E 52 -55.14 -2.05 11.48
C GLY E 52 -53.66 -2.25 11.73
N GLU E 53 -53.05 -3.20 11.03
CA GLU E 53 -51.66 -3.59 11.22
C GLU E 53 -50.91 -3.61 9.91
N PRO E 54 -49.58 -3.47 9.95
CA PRO E 54 -48.80 -3.23 8.73
C PRO E 54 -48.98 -4.27 7.65
N LYS E 55 -49.27 -3.83 6.43
CA LYS E 55 -49.43 -4.75 5.31
C LYS E 55 -48.10 -5.16 4.68
N HIS E 56 -46.97 -4.61 5.13
CA HIS E 56 -45.66 -5.04 4.69
C HIS E 56 -44.73 -5.14 5.88
N ARG E 57 -43.97 -6.22 5.95
CA ARG E 57 -43.09 -6.48 7.07
C ARG E 57 -41.65 -6.24 6.67
N THR E 58 -40.91 -5.55 7.53
CA THR E 58 -39.53 -5.17 7.28
C THR E 58 -38.61 -6.03 8.13
N TYR E 59 -37.59 -6.60 7.50
CA TYR E 59 -36.66 -7.49 8.17
C TYR E 59 -35.23 -7.11 7.85
N THR E 60 -34.34 -7.38 8.79
CA THR E 60 -32.94 -7.54 8.48
C THR E 60 -32.73 -8.87 7.77
N LEU E 61 -31.64 -8.97 7.00
CA LEU E 61 -31.34 -10.24 6.36
C LEU E 61 -31.25 -11.38 7.38
N ALA E 62 -30.67 -11.10 8.55
CA ALA E 62 -30.47 -12.15 9.55
C ALA E 62 -31.79 -12.67 10.10
N THR E 63 -32.68 -11.76 10.50
CA THR E 63 -33.98 -12.20 11.01
C THR E 63 -34.77 -12.95 9.95
N PHE E 64 -34.71 -12.49 8.71
CA PHE E 64 -35.44 -13.16 7.65
C PHE E 64 -34.92 -14.57 7.42
N LEU E 65 -33.59 -14.76 7.44
CA LEU E 65 -33.05 -16.10 7.23
C LEU E 65 -33.39 -17.01 8.39
N LYS E 66 -33.38 -16.48 9.62
CA LYS E 66 -33.81 -17.30 10.75
C LYS E 66 -35.28 -17.70 10.62
N LEU E 67 -36.13 -16.78 10.17
CA LEU E 67 -37.54 -17.10 9.93
C LEU E 67 -37.69 -18.18 8.85
N LEU E 68 -36.91 -18.07 7.77
CA LEU E 68 -36.95 -19.07 6.71
C LEU E 68 -36.50 -20.44 7.22
N GLU E 69 -35.45 -20.48 8.04
CA GLU E 69 -35.00 -21.74 8.59
C GLU E 69 -36.04 -22.34 9.52
N GLU E 70 -36.68 -21.51 10.33
CA GLU E 70 -37.72 -22.00 11.24
C GLU E 70 -38.89 -22.58 10.45
N LYS E 71 -39.24 -21.98 9.32
CA LYS E 71 -40.33 -22.49 8.49
C LYS E 71 -39.85 -23.53 7.48
N GLN E 72 -38.57 -23.87 7.50
CA GLN E 72 -37.99 -24.85 6.58
C GLN E 72 -38.26 -24.48 5.11
N ILE E 73 -38.00 -23.22 4.78
CA ILE E 73 -38.14 -22.72 3.42
C ILE E 73 -36.75 -22.48 2.85
N ARG E 74 -36.48 -23.06 1.68
CA ARG E 74 -35.20 -22.87 1.00
C ARG E 74 -35.16 -21.51 0.33
N TRP E 75 -34.13 -20.72 0.59
CA TRP E 75 -34.01 -19.45 -0.09
C TRP E 75 -33.21 -19.60 -1.39
N PRO E 76 -33.44 -18.72 -2.35
CA PRO E 76 -32.63 -18.76 -3.57
C PRO E 76 -31.21 -18.29 -3.33
N ALA E 77 -30.35 -19.18 -2.84
CA ALA E 77 -28.99 -18.81 -2.52
C ALA E 77 -28.20 -18.52 -3.79
N PHE E 78 -27.42 -17.44 -3.77
CA PHE E 78 -26.69 -16.99 -4.94
C PHE E 78 -25.28 -16.61 -4.55
N THR E 79 -24.43 -16.45 -5.56
CA THR E 79 -23.04 -16.09 -5.33
C THR E 79 -22.59 -15.22 -6.48
N TYR E 80 -21.85 -14.17 -6.17
CA TYR E 80 -21.17 -13.38 -7.19
C TYR E 80 -19.99 -14.18 -7.69
N HIS E 81 -20.12 -14.78 -8.87
CA HIS E 81 -19.17 -15.80 -9.27
C HIS E 81 -17.76 -15.25 -9.43
N ASN E 82 -17.63 -14.03 -9.95
CA ASN E 82 -16.31 -13.45 -10.19
C ASN E 82 -15.95 -12.37 -9.17
N GLN E 83 -16.60 -12.36 -8.01
CA GLN E 83 -16.16 -11.52 -6.92
C GLN E 83 -14.81 -12.00 -6.39
N GLN E 84 -13.95 -11.07 -6.05
CA GLN E 84 -12.71 -11.43 -5.38
C GLN E 84 -12.50 -10.50 -4.19
N GLY E 85 -12.15 -11.10 -3.05
CA GLY E 85 -11.96 -10.36 -1.82
C GLY E 85 -13.22 -10.20 -1.01
N ARG E 86 -13.28 -9.15 -0.19
CA ARG E 86 -14.37 -8.95 0.74
C ARG E 86 -15.42 -8.02 0.13
N MET E 87 -16.68 -8.47 0.12
CA MET E 87 -17.79 -7.62 -0.26
C MET E 87 -18.25 -6.86 0.98
N ASP E 88 -18.08 -5.54 0.95
CA ASP E 88 -18.49 -4.67 2.06
C ASP E 88 -19.96 -4.30 1.87
N PHE E 89 -20.84 -4.87 2.69
CA PHE E 89 -22.27 -4.64 2.58
C PHE E 89 -22.68 -3.37 3.31
N GLN E 90 -23.56 -2.59 2.69
CA GLN E 90 -24.14 -1.41 3.33
C GLN E 90 -25.53 -1.70 3.90
N ASN E 91 -26.46 -2.12 3.05
CA ASN E 91 -27.79 -2.51 3.48
C ASN E 91 -28.10 -3.90 2.95
N ARG E 92 -28.68 -4.73 3.81
CA ARG E 92 -29.23 -6.02 3.42
C ARG E 92 -30.64 -6.07 4.02
N LEU E 93 -31.60 -5.60 3.26
CA LEU E 93 -32.95 -5.36 3.75
C LEU E 93 -33.96 -6.26 3.06
N ILE E 94 -35.02 -6.58 3.79
CA ILE E 94 -36.09 -7.43 3.30
C ILE E 94 -37.42 -6.72 3.51
N SER E 95 -38.27 -6.74 2.49
CA SER E 95 -39.67 -6.33 2.60
C SER E 95 -40.55 -7.49 2.18
N LEU E 96 -41.45 -7.91 3.05
CA LEU E 96 -42.30 -9.07 2.82
C LEU E 96 -43.76 -8.61 2.76
N SER E 97 -44.39 -8.79 1.62
CA SER E 97 -45.78 -8.37 1.47
C SER E 97 -46.73 -9.48 1.87
N GLU E 98 -48.02 -9.12 1.90
CA GLU E 98 -49.03 -9.98 2.50
C GLU E 98 -49.23 -11.28 1.72
N ASP E 99 -49.01 -11.28 0.41
CA ASP E 99 -49.14 -12.48 -0.39
C ASP E 99 -47.85 -13.28 -0.47
N GLY E 100 -46.81 -12.87 0.23
CA GLY E 100 -45.58 -13.62 0.28
C GLY E 100 -44.49 -13.18 -0.68
N THR E 101 -44.57 -11.99 -1.25
CA THR E 101 -43.53 -11.50 -2.14
C THR E 101 -42.39 -10.91 -1.32
N VAL E 102 -41.20 -11.48 -1.46
CA VAL E 102 -40.01 -10.98 -0.77
C VAL E 102 -39.31 -10.02 -1.70
N MET E 103 -39.14 -8.78 -1.24
CA MET E 103 -38.26 -7.82 -1.90
C MET E 103 -36.97 -7.74 -1.09
N TYR E 104 -35.85 -7.94 -1.76
CA TYR E 104 -34.55 -7.92 -1.12
C TYR E 104 -33.71 -6.81 -1.72
N LEU E 105 -33.07 -6.03 -0.87
CA LEU E 105 -32.13 -4.99 -1.28
C LEU E 105 -30.77 -5.28 -0.67
N GLU E 106 -29.75 -5.38 -1.51
CA GLU E 106 -28.39 -5.63 -1.09
C GLU E 106 -27.54 -4.52 -1.72
N ARG E 107 -27.01 -3.64 -0.90
CA ARG E 107 -26.10 -2.61 -1.37
C ARG E 107 -24.69 -2.94 -0.90
N PHE E 108 -23.72 -2.86 -1.81
CA PHE E 108 -22.41 -3.40 -1.53
C PHE E 108 -21.32 -2.60 -2.21
N THR E 109 -20.10 -2.83 -1.76
CA THR E 109 -18.89 -2.49 -2.49
C THR E 109 -18.07 -3.76 -2.61
N SER E 110 -17.55 -4.03 -3.80
CA SER E 110 -16.76 -5.24 -3.99
C SER E 110 -15.89 -5.09 -5.23
N THR E 111 -14.79 -5.84 -5.23
CA THR E 111 -13.93 -5.99 -6.40
C THR E 111 -14.35 -7.23 -7.17
N PHE E 112 -14.18 -7.18 -8.49
CA PHE E 112 -14.57 -8.25 -9.39
C PHE E 112 -13.45 -8.52 -10.38
N GLN E 113 -13.26 -9.80 -10.70
CA GLN E 113 -12.28 -10.20 -11.69
C GLN E 113 -12.67 -9.68 -13.07
N ALA E 114 -11.66 -9.35 -13.87
CA ALA E 114 -11.84 -8.90 -15.24
C ALA E 114 -10.99 -9.78 -16.13
N PRO E 115 -11.38 -11.05 -16.32
CA PRO E 115 -10.51 -11.98 -17.05
C PRO E 115 -10.55 -11.81 -18.56
N ALA E 116 -11.39 -10.91 -19.08
CA ALA E 116 -11.42 -10.64 -20.50
C ALA E 116 -10.48 -9.51 -20.93
N PHE E 117 -9.72 -8.92 -20.01
CA PHE E 117 -8.72 -7.93 -20.39
C PHE E 117 -7.81 -8.47 -21.48
N ASP E 118 -7.76 -7.75 -22.60
CA ASP E 118 -6.85 -8.04 -23.69
C ASP E 118 -6.15 -6.72 -24.03
N PHE E 119 -4.85 -6.63 -23.73
CA PHE E 119 -4.10 -5.39 -23.88
C PHE E 119 -3.38 -5.28 -25.20
N ARG E 120 -3.68 -6.14 -26.17
CA ARG E 120 -2.92 -6.18 -27.41
C ARG E 120 -2.93 -4.84 -28.12
N LEU E 121 -4.05 -4.13 -28.11
CA LEU E 121 -4.16 -2.84 -28.76
C LEU E 121 -3.97 -1.67 -27.82
N PHE E 122 -3.61 -1.94 -26.58
CA PHE E 122 -3.44 -0.89 -25.59
C PHE E 122 -2.54 0.21 -26.12
N PRO E 123 -2.94 1.48 -26.00
CA PRO E 123 -4.10 2.03 -25.30
C PRO E 123 -5.36 2.23 -26.13
N PHE E 124 -5.50 1.64 -27.31
CA PHE E 124 -6.70 1.77 -28.13
C PHE E 124 -7.64 0.59 -27.96
N ASP E 125 -7.66 -0.01 -26.78
CA ASP E 125 -8.42 -1.21 -26.52
C ASP E 125 -9.79 -0.89 -25.92
N ASN E 126 -10.77 -1.70 -26.30
CA ASN E 126 -12.11 -1.69 -25.70
C ASN E 126 -12.27 -2.97 -24.90
N GLN E 127 -12.49 -2.85 -23.60
CA GLN E 127 -12.51 -4.01 -22.72
C GLN E 127 -13.94 -4.39 -22.33
N LEU E 128 -14.10 -5.65 -21.96
CA LEU E 128 -15.37 -6.20 -21.50
C LEU E 128 -15.31 -6.40 -20.00
N PHE E 129 -16.29 -5.83 -19.29
CA PHE E 129 -16.43 -5.99 -17.84
C PHE E 129 -17.79 -6.61 -17.56
N PHE E 130 -17.83 -7.58 -16.66
CA PHE E 130 -19.09 -8.22 -16.32
C PHE E 130 -19.13 -8.56 -14.85
N ILE E 131 -20.34 -8.73 -14.34
CA ILE E 131 -20.61 -9.30 -13.04
C ILE E 131 -21.53 -10.50 -13.26
N HIS E 132 -21.12 -11.66 -12.77
CA HIS E 132 -21.94 -12.86 -12.81
C HIS E 132 -22.61 -13.05 -11.46
N VAL E 133 -23.92 -13.27 -11.45
CA VAL E 133 -24.65 -13.64 -10.26
C VAL E 133 -25.20 -15.04 -10.49
N ASP E 134 -24.72 -16.00 -9.70
CA ASP E 134 -24.99 -17.42 -9.92
C ASP E 134 -25.99 -17.93 -8.89
N SER E 135 -26.98 -18.65 -9.37
CA SER E 135 -27.85 -19.43 -8.50
C SER E 135 -27.11 -20.69 -8.06
N ILE E 136 -27.00 -20.89 -6.76
CA ILE E 136 -26.35 -22.10 -6.27
C ILE E 136 -27.23 -23.33 -6.54
N PHE E 137 -28.52 -23.23 -6.29
CA PHE E 137 -29.44 -24.35 -6.50
C PHE E 137 -29.84 -24.49 -7.97
N PRO E 138 -30.16 -25.71 -8.39
CA PRO E 138 -30.43 -25.96 -9.82
C PRO E 138 -31.75 -25.36 -10.27
N GLN E 139 -31.91 -25.32 -11.60
CA GLN E 139 -33.03 -24.61 -12.21
C GLN E 139 -34.38 -25.31 -12.06
N HIS E 140 -34.43 -26.54 -11.58
CA HIS E 140 -35.74 -27.11 -11.26
C HIS E 140 -36.25 -26.66 -9.90
N LEU E 141 -35.43 -25.95 -9.12
CA LEU E 141 -35.85 -25.31 -7.89
C LEU E 141 -36.10 -23.81 -8.08
N PHE E 142 -35.13 -23.09 -8.63
CA PHE E 142 -35.23 -21.66 -8.85
C PHE E 142 -34.78 -21.32 -10.26
N ARG E 143 -35.50 -20.43 -10.92
CA ARG E 143 -35.17 -19.94 -12.24
C ARG E 143 -35.05 -18.42 -12.18
N PHE E 144 -33.84 -17.92 -12.36
CA PHE E 144 -33.63 -16.48 -12.36
C PHE E 144 -34.35 -15.85 -13.55
N GLN E 145 -35.00 -14.73 -13.30
CA GLN E 145 -35.56 -13.86 -14.32
C GLN E 145 -34.86 -12.51 -14.25
N GLU E 146 -35.23 -11.61 -15.16
CA GLU E 146 -34.68 -10.26 -15.19
C GLU E 146 -35.69 -9.30 -14.58
N MET E 147 -35.28 -8.62 -13.51
CA MET E 147 -36.06 -7.52 -12.99
C MET E 147 -36.06 -6.37 -13.99
N GLN E 148 -37.23 -5.83 -14.27
CA GLN E 148 -37.36 -4.81 -15.30
C GLN E 148 -37.23 -3.42 -14.72
N GLY E 149 -36.54 -2.55 -15.46
CA GLY E 149 -36.37 -1.17 -15.07
C GLY E 149 -35.44 -0.92 -13.91
N PHE E 150 -34.52 -1.83 -13.63
CA PHE E 150 -33.58 -1.58 -12.54
C PHE E 150 -32.12 -1.72 -12.97
N SER E 151 -31.80 -2.74 -13.75
CA SER E 151 -30.40 -3.07 -13.98
C SER E 151 -29.73 -2.07 -14.91
N GLY E 152 -28.43 -1.95 -14.75
CA GLY E 152 -27.65 -1.12 -15.63
C GLY E 152 -26.54 -0.39 -14.91
N LEU E 153 -26.15 0.75 -15.46
CA LEU E 153 -25.11 1.59 -14.90
C LEU E 153 -25.69 2.95 -14.58
N GLY E 154 -25.08 3.64 -13.63
CA GLY E 154 -25.62 4.86 -13.09
C GLY E 154 -25.18 6.09 -13.86
N ASP E 155 -25.57 7.25 -13.33
CA ASP E 155 -25.26 8.52 -13.95
C ASP E 155 -23.94 9.12 -13.48
N GLN E 156 -23.49 8.81 -12.27
CA GLN E 156 -22.21 9.29 -11.75
C GLN E 156 -21.35 8.09 -11.39
N LEU E 157 -20.66 7.53 -12.40
CA LEU E 157 -19.83 6.37 -12.12
C LEU E 157 -18.50 6.75 -11.51
N GLY E 158 -18.09 8.01 -11.64
CA GLY E 158 -16.88 8.49 -11.02
C GLY E 158 -15.60 8.00 -11.65
N GLU E 159 -15.65 7.45 -12.86
CA GLU E 159 -14.48 6.93 -13.55
C GLU E 159 -14.04 7.93 -14.60
N GLU E 160 -12.78 8.34 -14.54
CA GLU E 160 -12.26 9.42 -15.38
C GLU E 160 -11.52 8.91 -16.61
N GLU E 161 -10.77 7.81 -16.51
CA GLU E 161 -10.03 7.34 -17.67
C GLU E 161 -10.90 6.56 -18.65
N TRP E 162 -11.90 5.85 -18.16
CA TRP E 162 -12.71 4.97 -18.99
C TRP E 162 -14.06 5.58 -19.31
N ILE E 163 -14.57 5.24 -20.49
CA ILE E 163 -15.88 5.67 -20.95
C ILE E 163 -16.67 4.42 -21.32
N VAL E 164 -17.85 4.27 -20.70
CA VAL E 164 -18.72 3.14 -20.99
C VAL E 164 -19.38 3.33 -22.34
N THR E 165 -19.29 2.31 -23.18
CA THR E 165 -19.80 2.35 -24.55
C THR E 165 -21.04 1.50 -24.78
N GLU E 166 -21.24 0.44 -24.01
CA GLU E 166 -22.39 -0.43 -24.18
C GLU E 166 -22.65 -1.14 -22.86
N VAL E 167 -23.92 -1.24 -22.49
CA VAL E 167 -24.34 -1.93 -21.28
C VAL E 167 -25.40 -2.95 -21.64
N ASN E 168 -25.30 -4.13 -21.05
CA ASN E 168 -26.14 -5.24 -21.46
C ASN E 168 -26.41 -6.15 -20.27
N THR E 169 -27.57 -6.81 -20.31
CA THR E 169 -27.94 -7.82 -19.33
C THR E 169 -28.52 -9.02 -20.07
N HIS E 170 -28.36 -10.20 -19.48
CA HIS E 170 -29.00 -11.40 -20.02
C HIS E 170 -28.88 -12.52 -19.01
N LEU E 171 -29.48 -13.65 -19.33
CA LEU E 171 -29.54 -14.82 -18.47
C LEU E 171 -28.93 -16.01 -19.17
N THR E 172 -28.10 -16.77 -18.45
CA THR E 172 -27.49 -17.97 -19.00
C THR E 172 -27.48 -19.03 -17.90
N THR E 173 -26.71 -20.08 -18.10
CA THR E 173 -26.65 -21.19 -17.17
C THR E 173 -25.21 -21.46 -16.74
N HIS E 174 -25.09 -22.22 -15.67
CA HIS E 174 -23.82 -22.70 -15.17
C HIS E 174 -24.05 -24.05 -14.53
N ASN E 175 -22.98 -24.79 -14.33
CA ASN E 175 -23.03 -26.09 -13.66
C ASN E 175 -21.97 -26.19 -12.57
N GLU E 176 -21.78 -25.12 -11.80
CA GLU E 176 -20.68 -25.10 -10.85
C GLU E 176 -20.83 -26.20 -9.81
N PHE E 177 -21.99 -26.29 -9.16
CA PHE E 177 -22.15 -27.19 -8.03
C PHE E 177 -23.19 -28.29 -8.22
N THR E 178 -23.93 -28.30 -9.32
CA THR E 178 -24.97 -29.28 -9.53
C THR E 178 -24.83 -29.91 -10.92
N LYS E 179 -25.26 -31.17 -11.04
CA LYS E 179 -25.31 -31.79 -12.35
C LYS E 179 -26.27 -31.04 -13.26
N GLY E 180 -27.44 -30.66 -12.75
CA GLY E 180 -28.39 -29.90 -13.54
C GLY E 180 -27.95 -28.45 -13.72
N ASP E 181 -28.54 -27.82 -14.72
CA ASP E 181 -28.23 -26.41 -14.99
C ASP E 181 -28.77 -25.52 -13.89
N ALA E 182 -28.00 -24.47 -13.57
CA ALA E 182 -28.42 -23.45 -12.63
C ALA E 182 -28.36 -22.09 -13.31
N SER E 183 -29.25 -21.20 -12.91
CA SER E 183 -29.36 -19.89 -13.53
C SER E 183 -28.11 -19.05 -13.28
N ARG E 184 -27.79 -18.21 -14.26
CA ARG E 184 -26.75 -17.21 -14.13
C ARG E 184 -27.25 -15.90 -14.70
N PHE E 185 -27.25 -14.85 -13.90
CA PHE E 185 -27.53 -13.49 -14.35
C PHE E 185 -26.22 -12.79 -14.68
N VAL E 186 -26.16 -12.14 -15.84
CA VAL E 186 -24.97 -11.42 -16.27
C VAL E 186 -25.33 -9.96 -16.51
N LEU E 187 -24.55 -9.06 -15.91
CA LEU E 187 -24.55 -7.64 -16.25
C LEU E 187 -23.18 -7.33 -16.82
N GLU E 188 -23.13 -6.97 -18.09
CA GLU E 188 -21.85 -6.66 -18.73
C GLU E 188 -21.90 -5.29 -19.37
N PHE E 189 -20.72 -4.67 -19.47
CA PHE E 189 -20.56 -3.41 -20.15
C PHE E 189 -19.20 -3.37 -20.80
N HIS E 190 -19.10 -2.58 -21.86
CA HIS E 190 -17.86 -2.37 -22.58
C HIS E 190 -17.37 -0.96 -22.31
N ALA E 191 -16.05 -0.80 -22.15
CA ALA E 191 -15.45 0.50 -21.91
C ALA E 191 -14.21 0.68 -22.77
N GLU E 192 -14.00 1.90 -23.23
CA GLU E 192 -12.77 2.31 -23.88
C GLU E 192 -12.11 3.41 -23.07
N ARG E 193 -10.87 3.74 -23.42
CA ARG E 193 -10.10 4.72 -22.70
C ARG E 193 -10.23 6.10 -23.34
N HIS E 194 -10.09 7.12 -22.52
CA HIS E 194 -9.73 8.45 -22.98
C HIS E 194 -8.23 8.44 -23.26
N LEU E 195 -7.85 8.97 -24.42
CA LEU E 195 -6.46 8.91 -24.83
C LEU E 195 -5.66 10.13 -24.44
N ASN E 196 -6.28 11.14 -23.83
CA ASN E 196 -5.56 12.38 -23.52
C ASN E 196 -4.34 12.11 -22.66
N TYR E 197 -4.46 11.21 -21.69
CA TYR E 197 -3.33 10.95 -20.82
C TYR E 197 -2.13 10.44 -21.60
N TYR E 198 -2.38 9.59 -22.60
CA TYR E 198 -1.30 8.97 -23.35
C TYR E 198 -0.70 9.92 -24.35
N LEU E 199 -1.52 10.79 -24.93
CA LEU E 199 -0.98 11.84 -25.78
C LEU E 199 -0.07 12.78 -24.97
N MET E 200 -0.52 13.19 -23.79
CA MET E 200 0.22 14.21 -23.06
C MET E 200 1.46 13.64 -22.38
N ARG E 201 1.33 12.50 -21.71
CA ARG E 201 2.41 12.01 -20.88
C ARG E 201 3.32 11.01 -21.58
N ILE E 202 2.86 10.38 -22.65
CA ILE E 202 3.66 9.35 -23.32
C ILE E 202 4.00 9.76 -24.74
N LEU E 203 3.00 10.04 -25.55
CA LEU E 203 3.23 10.27 -26.97
C LEU E 203 4.08 11.51 -27.21
N ILE E 204 3.66 12.64 -26.66
CA ILE E 204 4.28 13.92 -26.95
C ILE E 204 5.70 13.99 -26.40
N PRO E 205 5.97 13.51 -25.19
CA PRO E 205 7.38 13.47 -24.74
C PRO E 205 8.28 12.66 -25.65
N VAL E 206 7.84 11.47 -26.07
CA VAL E 206 8.66 10.65 -26.96
C VAL E 206 8.87 11.34 -28.29
N LEU E 207 7.81 11.93 -28.83
CA LEU E 207 7.93 12.66 -30.09
C LEU E 207 8.89 13.83 -29.94
N LEU E 208 8.80 14.57 -28.84
CA LEU E 208 9.69 15.70 -28.64
C LEU E 208 11.13 15.24 -28.55
N ILE E 209 11.40 14.16 -27.83
CA ILE E 209 12.76 13.67 -27.73
C ILE E 209 13.30 13.28 -29.10
N ILE E 210 12.51 12.50 -29.85
CA ILE E 210 12.94 12.07 -31.18
C ILE E 210 13.19 13.28 -32.09
N THR E 211 12.26 14.23 -32.12
CA THR E 211 12.39 15.36 -33.03
C THR E 211 13.52 16.29 -32.61
N VAL E 212 13.67 16.53 -31.30
CA VAL E 212 14.76 17.38 -30.83
C VAL E 212 16.09 16.76 -31.17
N SER E 213 16.17 15.43 -31.11
CA SER E 213 17.36 14.74 -31.59
C SER E 213 17.57 14.98 -33.08
N TRP E 214 16.52 14.85 -33.89
CA TRP E 214 16.70 15.06 -35.32
C TRP E 214 17.20 16.47 -35.60
N PHE E 215 16.59 17.46 -34.96
CA PHE E 215 17.03 18.85 -35.16
C PHE E 215 18.49 19.02 -34.76
N THR E 216 18.89 18.43 -33.63
CA THR E 216 20.29 18.50 -33.24
C THR E 216 21.21 17.73 -34.19
N PHE E 217 20.65 16.87 -35.05
CA PHE E 217 21.46 16.18 -36.04
C PHE E 217 22.02 17.11 -37.11
N PHE E 218 21.47 18.32 -37.23
CA PHE E 218 21.97 19.28 -38.22
C PHE E 218 23.24 19.99 -37.79
N LEU E 219 23.82 19.63 -36.64
CA LEU E 219 25.10 20.20 -36.24
C LEU E 219 26.21 19.78 -37.18
N GLN E 220 26.20 18.52 -37.62
CA GLN E 220 27.29 17.93 -38.40
C GLN E 220 28.47 17.53 -37.52
N ASP E 221 28.22 17.18 -36.26
CA ASP E 221 29.24 16.69 -35.34
C ASP E 221 28.89 15.27 -34.89
N TYR E 222 29.43 14.27 -35.58
CA TYR E 222 29.02 12.88 -35.39
C TYR E 222 29.10 12.43 -33.93
N THR E 223 30.13 12.86 -33.20
CA THR E 223 30.25 12.47 -31.80
C THR E 223 29.05 12.97 -31.00
N LYS E 224 28.59 14.18 -31.26
CA LYS E 224 27.41 14.69 -30.58
C LYS E 224 26.21 13.81 -30.87
N ARG E 225 26.07 13.36 -32.12
CA ARG E 225 24.99 12.45 -32.45
C ARG E 225 25.06 11.19 -31.61
N ILE E 226 26.26 10.62 -31.50
CA ILE E 226 26.38 9.36 -30.75
C ILE E 226 26.03 9.57 -29.29
N ASP E 227 26.58 10.63 -28.68
CA ASP E 227 26.27 10.91 -27.29
C ASP E 227 24.76 11.09 -27.08
N LEU E 228 24.15 11.95 -27.90
CA LEU E 228 22.74 12.25 -27.75
C LEU E 228 21.89 11.01 -27.96
N ALA E 229 22.26 10.17 -28.93
CA ALA E 229 21.49 8.96 -29.20
C ALA E 229 21.59 7.97 -28.05
N GLY E 230 22.79 7.81 -27.48
CA GLY E 230 22.90 6.96 -26.29
C GLY E 230 22.01 7.44 -25.17
N GLY E 231 22.03 8.75 -24.90
CA GLY E 231 21.13 9.29 -23.90
C GLY E 231 19.68 9.03 -24.22
N ASN E 232 19.28 9.21 -25.48
CA ASN E 232 17.91 8.97 -25.88
C ASN E 232 17.51 7.51 -25.67
N LEU E 233 18.41 6.59 -25.98
CA LEU E 233 18.13 5.18 -25.73
C LEU E 233 17.92 4.91 -24.25
N LEU E 234 18.76 5.50 -23.40
CA LEU E 234 18.56 5.34 -21.96
C LEU E 234 17.19 5.84 -21.55
N LEU E 235 16.81 7.01 -22.04
CA LEU E 235 15.52 7.58 -21.66
C LEU E 235 14.37 6.71 -22.15
N PHE E 236 14.48 6.19 -23.37
CA PHE E 236 13.44 5.32 -23.89
C PHE E 236 13.31 4.05 -23.05
N ILE E 237 14.42 3.55 -22.50
CA ILE E 237 14.32 2.36 -21.66
C ILE E 237 13.68 2.70 -20.32
N ALA E 238 13.92 3.91 -19.81
CA ALA E 238 13.17 4.37 -18.65
C ALA E 238 11.67 4.43 -18.93
N PHE E 239 11.29 4.92 -20.11
CA PHE E 239 9.89 4.91 -20.51
C PHE E 239 9.35 3.49 -20.60
N ASN E 240 10.15 2.56 -21.13
CA ASN E 240 9.73 1.17 -21.17
C ASN E 240 9.39 0.65 -19.78
N PHE E 241 10.29 0.86 -18.82
CA PHE E 241 10.05 0.35 -17.48
C PHE E 241 8.82 1.01 -16.85
N THR E 242 8.69 2.34 -16.99
CA THR E 242 7.54 3.04 -16.45
C THR E 242 6.24 2.49 -17.03
N ILE E 243 6.15 2.44 -18.36
CA ILE E 243 4.91 2.01 -19.00
C ILE E 243 4.58 0.57 -18.63
N SER E 244 5.59 -0.32 -18.63
CA SER E 244 5.34 -1.71 -18.30
C SER E 244 4.89 -1.87 -16.85
N SER E 245 5.30 -0.95 -15.98
CA SER E 245 4.87 -1.04 -14.58
C SER E 245 3.36 -1.06 -14.42
N ASP E 246 2.64 -0.36 -15.30
CA ASP E 246 1.19 -0.18 -15.19
C ASP E 246 0.37 -1.36 -15.72
N LEU E 247 0.99 -2.27 -16.46
CA LEU E 247 0.36 -3.46 -17.02
C LEU E 247 0.73 -4.68 -16.21
N PRO E 248 0.07 -5.80 -16.45
CA PRO E 248 0.55 -7.09 -15.91
C PRO E 248 1.73 -7.60 -16.73
N ARG E 249 2.35 -8.67 -16.24
CA ARG E 249 3.49 -9.28 -16.93
C ARG E 249 2.94 -10.21 -18.01
N LEU E 250 2.49 -9.58 -19.10
CA LEU E 250 1.78 -10.28 -20.15
C LEU E 250 2.70 -11.26 -20.89
N GLY E 251 2.10 -12.34 -21.37
CA GLY E 251 2.77 -13.31 -22.19
C GLY E 251 2.78 -12.99 -23.67
N TYR E 252 2.24 -11.85 -24.07
CA TYR E 252 2.18 -11.43 -25.46
C TYR E 252 2.60 -9.97 -25.56
N ILE E 253 2.84 -9.53 -26.79
CA ILE E 253 3.35 -8.19 -27.05
C ILE E 253 2.18 -7.23 -27.23
N THR E 254 2.25 -6.10 -26.53
CA THR E 254 1.30 -5.02 -26.71
C THR E 254 1.78 -4.06 -27.80
N LEU E 255 0.83 -3.32 -28.37
CA LEU E 255 1.18 -2.28 -29.33
C LEU E 255 2.19 -1.30 -28.75
N MET E 256 2.00 -0.93 -27.48
CA MET E 256 2.96 -0.05 -26.79
C MET E 256 4.35 -0.68 -26.73
N ASP E 257 4.41 -1.98 -26.45
CA ASP E 257 5.68 -2.70 -26.48
C ASP E 257 6.32 -2.62 -27.86
N ALA E 258 5.52 -2.80 -28.92
CA ALA E 258 6.08 -2.71 -30.26
C ALA E 258 6.64 -1.31 -30.53
N PHE E 259 5.92 -0.27 -30.11
CA PHE E 259 6.41 1.09 -30.33
C PHE E 259 7.71 1.35 -29.58
N LEU E 260 7.80 0.87 -28.34
CA LEU E 260 9.01 1.10 -27.56
C LEU E 260 10.19 0.30 -28.11
N VAL E 261 9.96 -0.92 -28.57
CA VAL E 261 11.04 -1.68 -29.21
C VAL E 261 11.50 -0.99 -30.48
N GLY E 262 10.56 -0.41 -31.23
CA GLY E 262 10.95 0.40 -32.37
C GLY E 262 11.83 1.57 -31.99
N THR E 263 11.49 2.27 -30.90
CA THR E 263 12.34 3.39 -30.49
C THR E 263 13.74 2.89 -30.13
N PHE E 264 13.83 1.79 -29.36
CA PHE E 264 15.14 1.22 -29.04
C PHE E 264 15.95 0.99 -30.32
N ILE E 265 15.36 0.27 -31.28
CA ILE E 265 16.10 -0.16 -32.45
C ILE E 265 16.51 1.01 -33.32
N ILE E 266 15.60 1.97 -33.52
CA ILE E 266 15.93 3.12 -34.34
C ILE E 266 17.06 3.91 -33.71
N THR E 267 17.01 4.10 -32.39
CA THR E 267 18.11 4.79 -31.72
C THR E 267 19.44 4.06 -31.91
N ALA E 268 19.43 2.73 -31.76
CA ALA E 268 20.67 1.99 -31.93
C ALA E 268 21.20 2.12 -33.36
N LEU E 269 20.32 2.00 -34.35
CA LEU E 269 20.75 2.18 -35.73
C LEU E 269 21.31 3.57 -35.97
N VAL E 270 20.74 4.58 -35.31
CA VAL E 270 21.28 5.93 -35.42
C VAL E 270 22.72 5.94 -34.94
N VAL E 271 22.96 5.37 -33.75
CA VAL E 271 24.30 5.34 -33.21
C VAL E 271 25.26 4.61 -34.16
N LEU E 272 24.82 3.47 -34.68
CA LEU E 272 25.69 2.69 -35.57
C LEU E 272 26.06 3.51 -36.81
N GLY E 273 25.07 4.13 -37.45
CA GLY E 273 25.35 4.95 -38.62
C GLY E 273 26.30 6.08 -38.29
N ASN E 274 26.16 6.66 -37.10
CA ASN E 274 27.06 7.76 -36.72
C ASN E 274 28.48 7.26 -36.51
N VAL E 275 28.64 6.08 -35.94
CA VAL E 275 30.00 5.53 -35.78
C VAL E 275 30.61 5.28 -37.15
N TRP E 276 29.83 4.74 -38.08
CA TRP E 276 30.35 4.55 -39.44
C TRP E 276 30.74 5.87 -40.07
N LEU E 277 29.91 6.90 -39.90
CA LEU E 277 30.27 8.22 -40.44
C LEU E 277 31.53 8.76 -39.77
N ARG E 278 31.68 8.55 -38.47
CA ARG E 278 32.82 9.10 -37.75
C ARG E 278 34.12 8.40 -38.14
N ARG E 279 34.07 7.10 -38.40
CA ARG E 279 35.26 6.43 -38.91
C ARG E 279 35.51 6.76 -40.38
N LEU E 280 34.45 7.04 -41.15
CA LEU E 280 34.65 7.51 -42.51
C LEU E 280 35.40 8.84 -42.53
N GLU E 281 35.00 9.76 -41.65
CA GLU E 281 35.73 11.01 -41.49
C GLU E 281 37.09 10.80 -40.84
N ASN E 282 37.25 9.72 -40.08
CA ASN E 282 38.52 9.46 -39.41
C ASN E 282 39.59 8.99 -40.40
N HIS E 283 39.25 8.07 -41.30
CA HIS E 283 40.22 7.50 -42.24
C HIS E 283 40.26 8.25 -43.56
N GLY E 284 39.96 9.55 -43.56
CA GLY E 284 40.19 10.41 -44.70
C GLY E 284 38.96 10.76 -45.52
N LYS E 285 37.88 10.00 -45.39
CA LYS E 285 36.70 10.22 -46.22
C LYS E 285 35.74 11.18 -45.53
N GLN E 286 36.18 12.44 -45.44
CA GLN E 286 35.32 13.48 -44.88
C GLN E 286 34.24 13.90 -45.86
N ALA E 287 34.57 14.02 -47.15
CA ALA E 287 33.58 14.47 -48.14
C ALA E 287 32.54 13.37 -48.38
N LEU E 288 32.99 12.13 -48.52
CA LEU E 288 32.05 11.02 -48.59
C LEU E 288 31.21 10.94 -47.32
N ALA E 289 31.84 11.19 -46.17
CA ALA E 289 31.12 11.19 -44.91
C ALA E 289 29.98 12.21 -44.94
N ARG E 290 30.25 13.43 -45.40
CA ARG E 290 29.20 14.45 -45.44
C ARG E 290 28.11 14.10 -46.45
N LYS E 291 28.52 13.64 -47.63
CA LYS E 291 27.52 13.25 -48.64
C LYS E 291 26.57 12.19 -48.08
N LEU E 292 27.10 11.20 -47.36
CA LEU E 292 26.24 10.17 -46.78
C LEU E 292 25.48 10.69 -45.56
N ASP E 293 26.04 11.67 -44.85
CA ASP E 293 25.30 12.33 -43.78
C ASP E 293 24.01 12.92 -44.32
N ILE E 294 24.03 13.34 -45.59
CA ILE E 294 22.78 13.80 -46.20
C ILE E 294 21.71 12.71 -46.09
N TYR E 295 22.06 11.47 -46.42
CA TYR E 295 21.09 10.39 -46.38
C TYR E 295 20.74 10.03 -44.94
N ALA E 296 21.72 10.11 -44.03
CA ALA E 296 21.42 9.89 -42.62
C ALA E 296 20.30 10.80 -42.15
N ILE E 297 20.44 12.10 -42.43
CA ILE E 297 19.38 13.04 -42.09
C ILE E 297 18.08 12.69 -42.80
N THR E 298 18.14 12.50 -44.11
CA THR E 298 16.92 12.28 -44.87
C THR E 298 16.31 10.91 -44.63
N SER E 299 16.91 10.09 -43.77
CA SER E 299 16.39 8.78 -43.43
C SER E 299 16.04 8.59 -41.96
N TYR E 300 16.50 9.47 -41.07
CA TYR E 300 16.08 9.35 -39.68
C TYR E 300 14.56 9.33 -39.52
N PRO E 301 13.79 10.25 -40.14
CA PRO E 301 12.33 10.23 -39.91
C PRO E 301 11.58 9.25 -40.80
N LEU E 302 12.15 8.87 -41.93
CA LEU E 302 11.51 7.84 -42.76
C LEU E 302 11.37 6.55 -41.97
N ALA E 303 12.39 6.19 -41.18
CA ALA E 303 12.30 5.00 -40.36
C ALA E 303 11.12 5.07 -39.40
N TYR E 304 10.93 6.21 -38.74
CA TYR E 304 9.85 6.31 -37.76
C TYR E 304 8.49 6.27 -38.42
N LEU E 305 8.29 7.01 -39.52
CA LEU E 305 7.02 6.93 -40.21
C LEU E 305 6.75 5.52 -40.72
N LEU E 306 7.75 4.90 -41.35
CA LEU E 306 7.55 3.57 -41.91
C LEU E 306 7.24 2.55 -40.82
N GLY E 307 7.96 2.63 -39.69
CA GLY E 307 7.71 1.72 -38.60
C GLY E 307 6.35 1.92 -37.96
N ALA E 308 5.92 3.18 -37.83
CA ALA E 308 4.57 3.42 -37.32
C ALA E 308 3.51 2.81 -38.24
N LEU E 309 3.69 2.95 -39.55
CA LEU E 309 2.76 2.30 -40.47
C LEU E 309 2.82 0.78 -40.33
N THR E 310 4.01 0.23 -40.11
CA THR E 310 4.13 -1.21 -39.93
C THR E 310 3.40 -1.69 -38.68
N LEU E 311 3.53 -0.95 -37.57
CA LEU E 311 2.79 -1.31 -36.37
C LEU E 311 1.30 -1.26 -36.60
N TRP E 312 0.83 -0.20 -37.26
CA TRP E 312 -0.60 -0.12 -37.55
C TRP E 312 -1.04 -1.30 -38.39
N LEU E 313 -0.27 -1.66 -39.42
CA LEU E 313 -0.62 -2.80 -40.27
C LEU E 313 -0.69 -4.08 -39.47
N LEU E 314 0.28 -4.28 -38.57
CA LEU E 314 0.31 -5.51 -37.79
C LEU E 314 -0.90 -5.61 -36.87
N PHE E 315 -1.12 -4.59 -36.05
CA PHE E 315 -2.10 -4.76 -34.99
C PHE E 315 -3.52 -4.49 -35.47
N PHE E 316 -3.68 -3.53 -36.38
CA PHE E 316 -5.00 -3.20 -36.91
C PHE E 316 -5.17 -3.75 -38.31
C1B LMT F . -13.86 -9.55 16.82
C2B LMT F . -12.92 -9.08 15.77
C3B LMT F . -12.40 -7.80 16.15
C4B LMT F . -13.45 -6.77 16.42
C5B LMT F . -14.71 -7.27 17.20
C6B LMT F . -15.83 -6.40 16.86
O1B LMT F . -13.22 -9.40 18.05
O2B LMT F . -11.82 -10.07 15.64
O3B LMT F . -11.54 -7.31 15.04
O4' LMT F . -12.85 -5.72 17.16
O5B LMT F . -15.06 -8.70 16.81
O6B LMT F . -15.51 -5.07 17.19
C1' LMT F . -13.97 -12.98 20.25
C2' LMT F . -15.07 -11.93 20.14
C3' LMT F . -14.84 -11.04 18.97
C4' LMT F . -13.54 -10.34 19.14
C5' LMT F . -12.40 -11.34 19.28
C6' LMT F . -11.14 -10.64 19.64
O1' LMT F . -14.26 -13.81 21.35
O2' LMT F . -16.34 -12.59 19.93
O3' LMT F . -15.96 -10.11 18.86
O5' LMT F . -12.65 -12.38 20.37
O6' LMT F . -10.50 -11.44 20.60
C1 LMT F . -13.90 -13.28 22.65
C2 LMT F . -12.56 -13.90 23.07
C3 LMT F . -12.61 -14.71 24.42
C4 LMT F . -12.23 -16.19 24.32
C5 LMT F . -12.12 -16.94 25.70
C6 LMT F . -10.73 -17.58 25.93
C7 LMT F . -10.66 -19.11 26.30
C8 LMT F . -11.94 -19.76 26.95
C9 LMT F . -11.59 -20.99 27.78
C10 LMT F . -10.68 -22.02 27.10
C11 LMT F . -9.74 -22.54 28.13
C12 LMT F . -9.10 -23.95 27.81
H1B LMT F . -14.12 -10.59 16.58
H2B LMT F . -13.48 -8.99 14.81
H3B LMT F . -11.79 -7.89 17.07
H4B LMT F . -13.78 -6.36 15.51
H5B LMT F . -14.52 -7.25 18.31
H6'2 LMT F . -16.65 -6.67 17.40
H6'1 LMT F . -16.05 -6.49 15.83
H2O1 LMT F . -11.81 -10.67 16.41
H3O1 LMT F . -11.19 -6.45 15.26
H4O1 LMT F . -12.35 -5.20 16.60
H6B LMT F . -14.57 -5.01 17.41
H1' LMT F . -14.00 -13.61 19.32
H2' LMT F . -15.10 -11.35 21.03
H3' LMT F . -14.80 -11.72 18.06
H4' LMT F . -13.60 -9.78 20.02
H5' LMT F . -12.27 -11.83 18.34
H6D LMT F . -10.49 -10.50 18.79
H6E LMT F . -11.39 -9.64 20.06
H2O2 LMT F . -16.17 -13.52 19.67
H3O2 LMT F . -16.66 -10.50 18.48
H6' LMT F . -11.13 -12.07 20.93
H12 LMT F . -14.69 -13.54 23.38
H11 LMT F . -13.82 -12.18 22.57
H22 LMT F . -11.82 -13.05 23.20
H21 LMT F . -12.22 -14.52 22.29
H32 LMT F . -11.95 -14.27 25.11
H31 LMT F . -13.59 -14.64 24.82
H42 LMT F . -13.00 -16.70 23.70
H41 LMT F . -11.26 -16.25 23.79
H52 LMT F . -12.33 -16.19 26.50
H51 LMT F . -12.89 -17.72 25.76
H62 LMT F . -10.24 -17.03 26.74
H61 LMT F . -10.15 -17.45 25.01
H72 LMT F . -10.40 -19.68 25.43
H71 LMT F . -9.88 -19.25 26.99
H82 LMT F . -12.67 -20.03 26.19
H81 LMT F . -12.37 -19.04 27.59
H92 LMT F . -12.49 -21.48 28.08
H91 LMT F . -11.05 -20.65 28.69
H102 LMT F . -11.27 -22.81 26.70
H101 LMT F . -10.12 -21.57 26.32
H112 LMT F . -8.99 -21.83 28.21
H111 LMT F . -10.25 -22.60 29.03
H123 LMT F . -8.27 -24.13 28.51
H122 LMT F . -9.81 -24.69 27.93
H121 LMT F . -8.71 -23.96 26.78
C1B LMT G . -14.73 -14.54 11.73
C2B LMT G . -13.84 -13.72 10.89
C3B LMT G . -12.54 -13.65 11.48
C4B LMT G . -12.54 -13.16 12.89
C5B LMT G . -13.69 -13.68 13.80
C6B LMT G . -13.92 -12.72 14.86
O1B LMT G . -14.04 -15.73 12.01
O2B LMT G . -13.78 -14.32 9.53
O3B LMT G . -11.70 -12.74 10.66
O4' LMT G . -11.30 -13.54 13.48
O5B LMT G . -14.99 -13.85 12.99
O6B LMT G . -12.72 -12.53 15.57
C1' LMT G . -16.85 -18.91 11.50
C2' LMT G . -16.91 -18.06 12.77
C3' LMT G . -16.24 -16.75 12.55
C4' LMT G . -14.82 -16.97 12.22
C5' LMT G . -14.69 -17.84 10.96
C6' LMT G . -13.27 -18.21 10.73
O1' LMT G . -17.52 -20.13 11.75
O2' LMT G . -18.28 -17.80 13.11
O3' LMT G . -16.39 -15.94 13.78
O5' LMT G . -15.48 -19.13 11.06
O6' LMT G . -13.28 -19.56 10.32
C1 LMT G . -16.77 -21.12 12.46
C2 LMT G . -16.20 -22.12 11.45
C3 LMT G . -16.66 -23.62 11.68
C4 LMT G . -17.44 -24.25 10.52
C5 LMT G . -17.74 -25.79 10.70
C6 LMT G . -17.19 -26.65 9.54
C7 LMT G . -18.18 -27.62 8.78
C8 LMT G . -19.46 -28.08 9.56
C9 LMT G . -19.98 -29.42 9.03
C10 LMT G . -20.13 -29.52 7.51
C11 LMT G . -19.71 -30.88 7.11
C12 LMT G . -20.29 -31.39 5.71
H1B LMT G . -15.66 -14.70 11.18
H2B LMT G . -14.28 -12.69 10.82
H3B LMT G . -12.08 -14.66 11.47
H4B LMT G . -12.58 -12.11 12.89
H5B LMT G . -13.43 -14.69 14.23
H6'2 LMT G . -14.62 -13.06 15.49
H6'1 LMT G . -14.23 -11.80 14.44
H2O1 LMT G . -14.10 -15.24 9.56
H3O1 LMT G . -10.85 -12.67 11.04
H4O1 LMT G . -10.64 -12.98 13.17
H6B LMT G . -11.99 -12.96 15.12
H1' LMT G . -17.40 -18.36 10.70
H2' LMT G . -16.42 -18.58 13.57
H3' LMT G . -16.78 -16.26 11.69
H4' LMT G . -14.36 -17.49 13.02
H5' LMT G . -15.04 -17.27 10.13
H6D LMT G . -12.80 -17.61 9.97
H6E LMT G . -12.72 -18.09 11.67
H2O2 LMT G . -18.85 -18.01 12.33
H3O2 LMT G . -17.20 -15.58 13.81
H6' LMT G . -14.13 -19.93 10.54
H12 LMT G . -17.43 -21.63 13.19
H11 LMT G . -15.94 -20.62 13.01
H22 LMT G . -15.07 -22.09 11.53
H21 LMT G . -16.47 -21.81 10.48
H32 LMT G . -15.82 -24.21 11.85
H31 LMT G . -17.26 -23.66 12.55
H42 LMT G . -18.41 -23.71 10.42
H41 LMT G . -16.86 -24.10 9.60
H52 LMT G . -17.28 -26.10 11.67
H51 LMT G . -18.83 -25.95 10.78
H62 LMT G . -16.38 -27.25 9.94
H61 LMT G . -16.78 -25.96 8.79
H72 LMT G . -18.47 -27.18 7.85
H71 LMT G . -17.64 -28.50 8.55
H82 LMT G . -20.24 -27.34 9.50
H81 LMT G . -19.19 -28.23 10.58
H92 LMT G . -20.93 -29.63 9.49
H91 LMT G . -19.28 -30.21 9.33
H102 LMT G . -21.14 -29.34 7.24
H101 LMT G . -19.51 -28.82 7.01
H112 LMT G . -18.68 -30.88 7.07
H111 LMT G . -20.03 -31.55 7.84
H123 LMT G . -19.76 -32.32 5.41
H122 LMT G . -21.31 -31.59 5.80
H121 LMT G . -20.14 -30.60 4.94
C1B LMT H . -19.37 -11.99 6.87
C2B LMT H . -18.25 -11.16 6.36
C3B LMT H . -17.22 -12.02 5.85
C4B LMT H . -16.74 -13.03 6.83
C5B LMT H . -17.82 -13.70 7.72
C6B LMT H . -17.20 -14.16 8.95
O1B LMT H . -19.68 -12.92 5.88
O2B LMT H . -18.78 -10.27 5.29
O3B LMT H . -16.08 -11.17 5.43
O4' LMT H . -16.06 -14.05 6.10
O5B LMT H . -18.93 -12.71 8.07
O6B LMT H . -16.14 -15.04 8.65
C1' LMT H . -23.95 -13.00 5.60
C2' LMT H . -23.26 -13.73 6.76
C3' LMT H . -21.90 -13.18 6.98
C4' LMT H . -21.09 -13.39 5.76
C5' LMT H . -21.72 -12.71 4.56
C6' LMT H . -21.00 -13.07 3.31
O1' LMT H . -25.24 -13.54 5.45
O2' LMT H . -24.02 -13.51 7.96
O3' LMT H . -21.31 -13.86 8.15
O5' LMT H . -23.18 -13.10 4.37
O6' LMT H . -22.00 -13.27 2.33
C1 LMT H . -25.33 -14.78 4.73
C2 LMT H . -25.73 -14.48 3.29
C3 LMT H . -27.09 -15.17 2.83
C4 LMT H . -28.20 -14.21 2.39
C5 LMT H . -29.47 -14.92 1.78
C6 LMT H . -29.80 -14.44 0.35
C7 LMT H . -31.25 -13.92 0.05
C8 LMT H . -32.41 -14.41 0.99
C9 LMT H . -33.77 -14.36 0.29
C10 LMT H . -34.11 -13.05 -0.42
C11 LMT H . -34.80 -13.38 -1.68
C12 LMT H . -35.71 -12.22 -2.29
H1B LMT H . -20.20 -11.31 7.11
H2B LMT H . -17.85 -10.56 7.21
H3B LMT H . -17.61 -12.57 4.97
H4B LMT H . -16.02 -12.59 7.47
H5B LMT H . -18.28 -14.58 7.19
H6'2 LMT H . -17.87 -14.65 9.53
H6'1 LMT H . -16.82 -13.32 9.49
H2O1 LMT H . -19.63 -10.58 5.00
H3O1 LMT H . -15.39 -11.71 5.10
H4O1 LMT H . -15.23 -13.74 5.85
H6B LMT H . -15.97 -15.03 7.70
H1' LMT H . -24.04 -11.92 5.88
H2' LMT H . -23.20 -14.77 6.54
H3' LMT H . -22.02 -12.09 7.18
H4' LMT H . -21.04 -14.42 5.56
H5' LMT H . -21.66 -11.66 4.70
H6D LMT H . -20.33 -12.29 2.98
H6E LMT H . -20.43 -13.99 3.48
H2O2 LMT H . -24.64 -12.77 7.82
H3O2 LMT H . -21.63 -13.51 8.90
H6' LMT H . -22.84 -13.36 2.76
H12 LMT H . -26.08 -15.44 5.22
H11 LMT H . -24.34 -15.29 4.76
H22 LMT H . -24.91 -14.85 2.61
H21 LMT H . -25.82 -13.43 3.17
H32 LMT H . -26.89 -15.81 2.02
H31 LMT H . -27.44 -15.77 3.63
H42 LMT H . -28.52 -13.62 3.28
H41 LMT H . -27.78 -13.53 1.64
H52 LMT H . -29.26 -16.02 1.79
H51 LMT H . -30.34 -14.75 2.43
H62 LMT H . -29.61 -15.27 -0.33
H61 LMT H . -29.12 -13.62 0.11
H72 LMT H . -31.25 -12.85 0.03
H71 LMT H . -31.52 -14.22 -0.92
H82 LMT H . -32.45 -13.83 1.90
H81 LMT H . -32.21 -15.42 1.24
H92 LMT H . -34.54 -14.56 1.02
H91 LMT H . -33.79 -15.15 -0.47
H102 LMT H . -34.72 -12.45 0.21
H101 LMT H . -33.22 -12.50 -0.66
H112 LMT H . -34.07 -13.64 -2.37
H111 LMT H . -35.41 -14.21 -1.50
H123 LMT H . -36.01 -12.50 -3.31
H122 LMT H . -36.56 -12.10 -1.71
H121 LMT H . -35.13 -11.28 -2.31
C1B LMT I . -17.97 -3.90 15.10
C2B LMT I . -16.76 -3.65 14.29
C3B LMT I . -17.00 -2.53 13.41
C4B LMT I . -18.21 -2.69 12.56
C5B LMT I . -19.46 -3.32 13.25
C6B LMT I . -20.28 -3.93 12.21
O1B LMT I . -18.35 -2.67 15.66
O2B LMT I . -15.61 -3.37 15.18
O3B LMT I . -15.81 -2.36 12.54
O4' LMT I . -18.57 -1.39 12.08
O5B LMT I . -19.04 -4.39 14.26
O6B LMT I . -20.63 -2.96 11.25
C1' LMT I . -19.28 -3.41 19.76
C2' LMT I . -20.29 -3.81 18.68
C3' LMT I . -19.62 -3.96 17.36
C4' LMT I . -19.01 -2.66 16.97
C5' LMT I . -18.01 -2.20 18.02
C6' LMT I . -17.55 -0.80 17.72
O1' LMT I . -19.96 -3.32 20.99
O2' LMT I . -20.86 -5.08 19.02
O3' LMT I . -20.61 -4.41 16.38
O5' LMT I . -18.60 -2.17 19.42
O6' LMT I . -17.49 -0.13 18.96
C1 LMT I . -20.70 -2.10 21.21
C2 LMT I . -19.85 -1.17 22.08
C3 LMT I . -20.53 -0.76 23.45
C4 LMT I . -19.77 -1.17 24.71
C5 LMT I . -20.37 -0.60 26.05
C6 LMT I . -19.36 0.24 26.87
C7 LMT I . -19.10 -0.15 28.38
C8 LMT I . -20.24 -0.93 29.13
C9 LMT I . -20.18 -0.71 30.64
C10 LMT I . -18.81 -0.91 31.29
C11 LMT I . -18.66 0.14 32.33
C12 LMT I . -17.59 -0.18 33.47
H1B LMT I . -17.69 -4.65 15.86
H2B LMT I . -16.54 -4.56 13.68
H3B LMT I . -17.13 -1.62 14.02
H4B LMT I . -17.96 -3.26 11.72
H5B LMT I . -20.06 -2.53 13.79
H6'2 LMT I . -21.14 -4.30 12.63
H6'1 LMT I . -19.75 -4.72 11.75
H2O1 LMT I . -15.93 -3.17 16.08
H3O1 LMT I . -15.94 -1.65 11.94
H4O1 LMT I . -18.00 -1.15 11.40
H6B LMT I . -20.15 -2.16 11.40
H1' LMT I . -18.52 -4.23 19.84
H2' LMT I . -21.05 -3.07 18.62
H3' LMT I . -18.82 -4.73 17.50
H4' LMT I . -19.78 -1.95 16.92
H5' LMT I . -17.18 -2.85 17.99
H6D LMT I . -16.58 -0.79 17.26
H6E LMT I . -18.29 -0.33 17.06
H2O2 LMT I . -20.31 -5.52 19.71
H3O2 LMT I . -20.75 -5.29 16.46
H6' LMT I . -17.97 -0.64 19.61
H12 LMT I . -21.65 -2.33 21.70
H11 LMT I . -20.91 -1.62 20.22
H22 LMT I . -19.65 -0.23 21.49
H21 LMT I . -18.91 -1.65 22.27
H32 LMT I . -20.62 0.28 23.48
H31 LMT I . -21.50 -1.18 23.48
H42 LMT I . -19.77 -2.28 24.77
H41 LMT I . -18.72 -0.83 24.61
H52 LMT I . -21.25 0.02 25.78
H51 LMT I . -20.73 -1.43 26.69
H62 LMT I . -19.68 1.27 26.84
H61 LMT I . -18.38 0.15 26.36
H72 LMT I . -18.19 -0.70 28.47
H71 LMT I . -18.96 0.75 28.92
H82 LMT I . -20.19 -1.99 28.92
H81 LMT I . -21.17 -0.56 28.79
H92 LMT I . -20.88 -1.37 31.12
H91 LMT I . -20.48 0.33 30.84
H102 LMT I . -18.74 -1.87 31.71
H101 LMT I . -18.03 -0.78 30.58
H112 LMT I . -18.37 1.01 31.84
H111 LMT I . -19.58 0.28 32.78
H123 LMT I . -17.40 0.72 34.06
H122 LMT I . -17.96 -0.94 34.09
H121 LMT I . -16.65 -0.53 33.00
C1B LMT J . -21.37 -5.41 8.96
C2B LMT J . -20.05 -4.95 8.47
C3B LMT J . -19.97 -5.15 7.04
C4B LMT J . -20.24 -6.56 6.63
C5B LMT J . -21.39 -7.30 7.38
C6B LMT J . -21.12 -8.72 7.32
O1B LMT J . -22.34 -4.85 8.14
O2B LMT J . -19.90 -3.50 8.79
O3B LMT J . -18.62 -4.76 6.59
O4' LMT J . -20.55 -6.55 5.24
O5B LMT J . -21.44 -6.86 8.85
O6B LMT J . -21.03 -9.13 5.97
C1' LMT J . -25.44 -3.43 10.71
C2' LMT J . -25.35 -4.93 10.41
C3' LMT J . -23.98 -5.27 9.96
C4' LMT J . -23.67 -4.54 8.70
C5' LMT J . -23.77 -3.03 8.92
C6' LMT J . -23.64 -2.32 7.62
O1' LMT J . -26.75 -3.15 11.16
O2' LMT J . -25.61 -5.66 11.62
O3' LMT J . -23.92 -6.73 9.76
O5' LMT J . -25.10 -2.62 9.53
O6' LMT J . -24.60 -1.27 7.67
C1 LMT J . -27.76 -3.03 10.14
C2 LMT J . -27.98 -1.53 9.86
C3 LMT J . -29.47 -1.05 10.11
C4 LMT J . -29.63 0.05 11.17
C5 LMT J . -31.10 0.65 11.28
C6 LMT J . -31.14 2.17 11.06
C7 LMT J . -31.83 3.07 12.16
C8 LMT J . -32.90 2.38 13.09
C9 LMT J . -33.89 3.39 13.65
C10 LMT J . -33.29 4.65 14.28
C11 LMT J . -34.15 5.80 13.92
C12 LMT J . -34.04 7.06 14.87
H1B LMT J . -21.45 -5.09 10.01
H2B LMT J . -19.25 -5.53 8.97
H3B LMT J . -20.73 -4.50 6.54
H4B LMT J . -19.35 -7.11 6.74
H5B LMT J . -22.38 -7.06 6.91
H6'2 LMT J . -21.89 -9.24 7.75
H6'1 LMT J . -20.23 -8.95 7.82
H2O1 LMT J . -20.76 -3.11 9.02
H3O1 LMT J . -18.54 -4.90 5.66
H4O1 LMT J . -19.78 -6.43 4.76
H6B LMT J . -21.01 -8.36 5.40
H1' LMT J . -24.73 -3.19 11.52
H2' LMT J . -26.06 -5.19 9.65
H3' LMT J . -23.28 -4.97 10.77
H4' LMT J . -24.39 -4.81 7.98
H5' LMT J . -22.98 -2.74 9.56
H6D LMT J . -22.66 -1.90 7.48
H6E LMT J . -23.87 -3.02 6.81
H2O2 LMT J . -25.54 -5.05 12.38
H3O2 LMT J . -23.82 -7.15 10.53
H6' LMT J . -25.22 -1.44 8.37
H12 LMT J . -28.69 -3.50 10.48
H11 LMT J . -27.41 -3.54 9.22
H22 LMT J . -27.73 -1.33 8.77
H21 LMT J . -27.32 -0.97 10.46
H32 LMT J . -29.86 -0.67 9.21
H31 LMT J . -30.06 -1.88 10.38
H42 LMT J . -29.36 -0.39 12.15
H41 LMT J . -28.93 0.86 10.93
H52 LMT J . -31.72 0.13 10.50
H51 LMT J . -31.52 0.40 12.27
H62 LMT J . -31.64 2.36 10.12
H61 LMT J . -30.10 2.53 10.98
H72 LMT J . -31.09 3.53 12.78
H71 LMT J . -32.34 3.85 11.67
H82 LMT J . -32.42 1.85 13.91
H81 LMT J . -33.43 1.68 12.50
H92 LMT J . -34.50 2.91 14.38
H91 LMT J . -34.53 3.73 12.82
H102 LMT J . -33.24 4.53 15.33
H101 LMT J . -32.31 4.83 13.91
H112 LMT J . -33.88 6.07 12.95
H111 LMT J . -35.14 5.47 13.91
H123 LMT J . -34.55 7.91 14.40
H122 LMT J . -34.49 6.86 15.78
H121 LMT J . -32.98 7.31 15.03
#